data_1GDK
# 
_entry.id   1GDK 
# 
_audit_conform.dict_name       mmcif_pdbx.dic 
_audit_conform.dict_version    5.385 
_audit_conform.dict_location   http://mmcif.pdb.org/dictionaries/ascii/mmcif_pdbx.dic 
# 
loop_
_database_2.database_id 
_database_2.database_code 
_database_2.pdbx_database_accession 
_database_2.pdbx_DOI 
PDB   1GDK         pdb_00001gdk 10.2210/pdb1gdk/pdb 
WWPDB D_1000173533 ?            ?                   
# 
loop_
_pdbx_audit_revision_history.ordinal 
_pdbx_audit_revision_history.data_content_type 
_pdbx_audit_revision_history.major_revision 
_pdbx_audit_revision_history.minor_revision 
_pdbx_audit_revision_history.revision_date 
1 'Structure model' 1 0 1995-02-27 
2 'Structure model' 1 1 2008-03-24 
3 'Structure model' 1 2 2011-07-13 
4 'Structure model' 1 3 2017-11-29 
5 'Structure model' 1 4 2024-02-07 
# 
_pdbx_audit_revision_details.ordinal             1 
_pdbx_audit_revision_details.revision_ordinal    1 
_pdbx_audit_revision_details.data_content_type   'Structure model' 
_pdbx_audit_revision_details.provider            repository 
_pdbx_audit_revision_details.type                'Initial release' 
_pdbx_audit_revision_details.description         ? 
_pdbx_audit_revision_details.details             ? 
# 
loop_
_pdbx_audit_revision_group.ordinal 
_pdbx_audit_revision_group.revision_ordinal 
_pdbx_audit_revision_group.data_content_type 
_pdbx_audit_revision_group.group 
1 2 'Structure model' 'Version format compliance' 
2 3 'Structure model' 'Version format compliance' 
3 4 'Structure model' 'Derived calculations'      
4 4 'Structure model' Other                       
5 5 'Structure model' 'Data collection'           
6 5 'Structure model' 'Database references'       
7 5 'Structure model' 'Derived calculations'      
# 
loop_
_pdbx_audit_revision_category.ordinal 
_pdbx_audit_revision_category.revision_ordinal 
_pdbx_audit_revision_category.data_content_type 
_pdbx_audit_revision_category.category 
1 4 'Structure model' pdbx_database_status 
2 4 'Structure model' struct_conf          
3 4 'Structure model' struct_conf_type     
4 5 'Structure model' chem_comp_atom       
5 5 'Structure model' chem_comp_bond       
6 5 'Structure model' database_2           
7 5 'Structure model' struct_ref_seq_dif   
8 5 'Structure model' struct_site          
# 
loop_
_pdbx_audit_revision_item.ordinal 
_pdbx_audit_revision_item.revision_ordinal 
_pdbx_audit_revision_item.data_content_type 
_pdbx_audit_revision_item.item 
1 4 'Structure model' '_pdbx_database_status.process_site'  
2 5 'Structure model' '_database_2.pdbx_DOI'                
3 5 'Structure model' '_database_2.pdbx_database_accession' 
4 5 'Structure model' '_struct_ref_seq_dif.details'         
5 5 'Structure model' '_struct_site.pdbx_auth_asym_id'      
6 5 'Structure model' '_struct_site.pdbx_auth_comp_id'      
7 5 'Structure model' '_struct_site.pdbx_auth_seq_id'       
# 
_pdbx_database_status.status_code                     REL 
_pdbx_database_status.entry_id                        1GDK 
_pdbx_database_status.recvd_initial_deposition_date   1994-09-14 
_pdbx_database_status.deposit_site                    ? 
_pdbx_database_status.process_site                    BNL 
_pdbx_database_status.SG_entry                        . 
_pdbx_database_status.pdb_format_compatible           Y 
_pdbx_database_status.status_code_mr                  ? 
_pdbx_database_status.status_code_sf                  ? 
_pdbx_database_status.status_code_cs                  ? 
_pdbx_database_status.methods_development_category    ? 
_pdbx_database_status.status_code_nmr_data            ? 
# 
loop_
_audit_author.name 
_audit_author.pdbx_ordinal 
'Harutyunyan, E.' 1 
'Safonova, T.'    2 
'Kuranova, I.'    3 
# 
loop_
_citation.id 
_citation.title 
_citation.journal_abbrev 
_citation.journal_volume 
_citation.page_first 
_citation.page_last 
_citation.year 
_citation.journal_id_ASTM 
_citation.country 
_citation.journal_id_ISSN 
_citation.journal_id_CSD 
_citation.book_publisher 
_citation.pdbx_database_id_PubMed 
_citation.pdbx_database_id_DOI 
primary 
'Crystal Structure of Ferric Complexes of the Yellow Lupin Leghemoglobin with Isoquinoline at 1.8 Angstroms Resolution (Russian)' 
Bioorg.Khim.                          17  1605 ? 1991 BIKHD7 UR 0132-3423 0364 ? -1 ? 
1       
'X-Ray Structure of Ferrous Complexes of the Yellow Lupin Leghemoglobin with Co and No at 1.8 Angstroms Resolution (Russian)' 
Bioorg.Khim.                          14  1509 ? 1988 BIKHD7 UR 0132-3423 0364 ? ?  ? 
2       
;X-Ray Structural Investigation of Leghemoglobin. Vi. Structure of Acetate-Ferrileghemoglobin at a Resolution of 2.0 Angstroms (Russian)
;
Kristallografiya                      25  80   ? 1980 KRISAJ UR 0023-4761 0041 ? ?  ? 
3       
'X-Ray Structural Investigation of Leghemoglobin. Vi. Structure of Acetate-Ferrileghemoglobin at a Resolution of 2.0 Angstroms' 
'Sov.Phys.Crystallogr.(Engl.Transl.)' 25  43   ? 1980 SPHCA6 US 0038-5638 0902 ? ?  ? 
4       'X-Ray Diffraction Study of Leghemoglobin. Iv. Determination of the Structure with 2.8 Angstroms Resolution (Russian)' 
Kristallografiya                      23  517  ? 1978 KRISAJ UR 0023-4761 0041 ? ?  ? 
5       'X-Ray Structural Investigation of Leghemoglobin. Iv. Structure Determination at a Resolution of 2.8 Angstroms' 
'Sov.Phys.Crystallogr.(Engl.Transl.)' 23  287  ? 1978 SPHCA6 US 0038-5638 0902 ? ?  ? 
6       'Spatial Structure of Lupine Leghemoglobin with the 2.8 Angstroms Resolution (Russian)' 'Dokl.Akad.Nauk Sssr' 233 238  ? 
1977 DANKAS UR 0002-3264 0093 ? ?  ? 
7       'Three-Dimensional Structure of Lupine Leghemoglobin with a Resolution of 2.8 Angstroms' 'Dokl.Biochem.(Engl.Transl.)' 233 
67   ? 1977 DBIOAM US 0012-4958 0903 ? ?  ? 
8       'X-Ray Structural Study of Leghemoglobin. III. Crystallographic Data on the Structure of the First Component (Russian)' 
Kristallografiya                      22  634  ? 1977 KRISAJ UR 0023-4761 0041 ? ?  ? 
9       'X-Ray Structural Study of Leghemoglobin. III. Crystallographic Data Regarding the Structure of the First Component' 
'Sov.Phys.Crystallogr.(Engl.Transl.)' 22  362  ? 1977 SPHCA6 US 0038-5638 0902 ? ?  ? 
10      'The Haem-Accessibility in Leghaemoglobin of Lupinus Luteus as Observed by Proton Magnetic Relaxation' 
'Int.J.Pept.Protein Res.'             8   427  ? 1976 IJPPC3 DK 0367-8377 0215 ? ?  ? 
11      'X-Ray Study of Leghemoglobin. II. Determination of the Structure with Resolution of 5 Angstroms' 
'Sov.Phys.Crystallogr.(Engl.Transl.)' 19  602  ? 1975 SPHCA6 US 0038-5638 0902 ? ?  ? 
12      'X-Ray Study of Leghemoglobin. I.Purification, Crystallization, and Preparation of Derivatives Containing Heavy Atoms' 
'Sov.Phys.Crystallogr.(Engl.Transl.)' 19  598  ? 1975 SPHCA6 US 0038-5638 0902 ? ?  ? 
13      'Structure of Leghaemoglobin from Lupin Root Nodules at 5 Angstroms Resolution' Nature                                254 
163  ? 1975 NATUAS UK 0028-0836 0006 ? ?  ? 
14      'The X-Ray Structural Study of Leghemoglobin. II. Determination of the Structure at 5 Angstroms Resolution (Russian)' 
Kristallografiya                      19  971  ? 1974 KRISAJ UR 0023-4761 0041 ? ?  ? 
15      
;The X-Ray Structural Study of Leghemoglobin. I. Purification, Crystallization, and Production of Derivatives Containing Heavy Atoms (Russian)
;
Kristallografiya                      19  964  ? 1974 KRISAJ UR 0023-4761 0041 ? ?  ? 
16      
'X-Ray Determination of Three-Dimensional Structure of Leghemoglobin from Lupinus Luteus L. At 5 Angstroms Resolution (Russian)' 
'Dokl.Akad.Nauk Sssr'                 216 690  ? 1974 DANKAS UR 0002-3264 0093 ? ?  ? 
17      
;X-Ray Diffraction Determination of the Three-Dimensional Structure of Leghemoglobin of Lupinus Luteus L. With 5 Angstroms Resolution
;
'Dokl.Biochem.(Engl.Transl.)'         216 226  ? 1974 DBIOAM US 0012-4958 0903 ? ?  ? 
18      'Cell Parameters of Crystalline Plant (Lupinus Luteus (Lupine)) Hemoglobin (Russian)' Kristallografiya 16  237  ? 1971 
KRISAJ UR 0023-4761 0041 ? ?  ? 
19      'Unit-Cell Parameters of Crystalline Plant Hemoglobin' 'Sov.Phys.Crystallogr.(Engl.Transl.)' 16  193  ? 1971 SPHCA6 US 
0038-5638 0902 ? ?  ? 
# 
loop_
_citation_author.citation_id 
_citation_author.name 
_citation_author.ordinal 
_citation_author.identifier_ORCID 
primary 'Safonova, T.N.'      1   ? 
primary 'Teplyakov, A.V.'     2   ? 
primary 'Obmolova, G.V.'      3   ? 
primary 'Popov, A.N.'         4   ? 
primary 'Kuranova, I.P.'      5   ? 
primary 'Harutyunyan, E.G.'   6   ? 
1       'Obmolova, G.V.'      7   ? 
1       'Safonova, T.N.'      8   ? 
1       'Teplyakov, A.V.'     9   ? 
1       'Popov, A.N.'         10  ? 
1       'Kuranova, I.P.'      11  ? 
1       'Harutyunyan, E.G.'   12  ? 
1       'Vainshtein, B.K.'    13  ? 
2       'Arutyunyan, E.G.'    14  ? 
2       'Kuranova, I.P.'      15  ? 
2       'Vainshtein, B.K.'    16  ? 
2       'Steigemann, W.'      17  ? 
3       'Arutyunyan, E.G.'    18  ? 
3       'Kuranova, I.P.'      19  ? 
3       'Vainshtein, B.K.'    20  ? 
3       'Steigemann, W.'      21  ? 
4       'Vainshtein, B.K.'    22  ? 
4       'Arutyunyan, E.G.'    23  ? 
4       'Kuranova, I.P.'      24  ? 
4       'Borisov, V.V.'       25  ? 
4       'Sosfenov, N.I.'      26  ? 
4       'Pavlovskii, A.G.'    27  ? 
4       'Grebenko, A.I.'      28  ? 
4       'Nekrasov, Yu.V.'     29  ? 
5       'Vainshtein, B.K.'    30  ? 
5       'Arutyunyan, E.G.'    31  ? 
5       'Kuranova, I.P.'      32  ? 
5       'Borisov, V.V.'       33  ? 
5       'Sosfenov, N.I.'      34  ? 
5       'Pavlovskii, A.G.'    35  ? 
5       'Grebenko, A.I.'      36  ? 
5       'Nekrasov, Yu.V.'     37  ? 
6       'Vainshtein, B.K.'    38  ? 
6       'Arutiunian, E.G.'    39  ? 
6       'Kuranova, I.P.'      40  ? 
6       'Borisov, V.V.'       41  ? 
6       'Sosfenov, N.I.'      42  ? 
6       'Pavlovskii, A.G.'    43  ? 
6       'Grebenko, A.I.'      44  ? 
6       'Konareva, N.V.'      45  ? 
6       'Nekrasov, Iu.V.'     46  ? 
7       'Vainshtein, B.K.'    47  ? 
7       'Arutyunyan, E.G.'    48  ? 
7       'Kuranova, I.P.'      49  ? 
7       'Borisov, V.V.'       50  ? 
7       'Sosfenov, N.I.'      51  ? 
7       'Pavlovskii, A.G.'    52  ? 
7       'Grebenko, A.I.'      53  ? 
7       'Konareva, N.V.'      54  ? 
7       'Nekrasov, Yu.V.'     55  ? 
8       'Arutyunyan, E.G.'    56  ? 
8       'Kuranova, I.P.'      57  ? 
8       'Grebenko, A.I.'      58  ? 
8       'Voronova, A.A.'      59  ? 
9       'Arutyunyan, E.G.'    60  ? 
9       'Kuranova, I.P.'      61  ? 
9       'Grebenko, A.I.'      62  ? 
9       'Voronova, A.A.'      63  ? 
10      'Vuk-Pavlovic, S.'    64  ? 
10      'Benko, B.'           65  ? 
10      'Maricic, S.'         66  ? 
10      'Lahajnar, G.'        67  ? 
10      'Kuranova, I.P.'      68  ? 
10      'Vainshtein, B.K.'    69  ? 
11      'Vainshtein, B.K.'    70  ? 
11      'Arutyunyan, E.G.'    71  ? 
11      'Kuranova, I.P.'      72  ? 
11      'Borisov, V.V.'       73  ? 
11      'Sosfenov, N.I.'      74  ? 
11      'Pavlovskii, A.G.'    75  ? 
11      'Grebenko, A.I.'      76  ? 
11      'Konareva, N.V.'      77  ? 
12      'Vainshtein, B.K.'    78  ? 
12      'Arutyunyan, E.G.'    79  ? 
12      'Kuranova, I.P.'      80  ? 
12      'Borisov, V.V.'       81  ? 
12      'Sosfenov, N.I.'      82  ? 
12      'Pavlovskii, A.G.'    83  ? 
12      'Grebenko, A.I.'      84  ? 
12      'Konareva, N.V.'      85  ? 
13      'Vainshtein, B.K.'    86  ? 
13      'Harutyunyan, E.H.'   87  ? 
13      'Kuranova, I.P.'      88  ? 
13      'Borisov, V.V.'       89  ? 
13      'Sosfenov, N.I.'      90  ? 
13      'Pavlovsky, A.G.'     91  ? 
13      'Grebenko, A.I.'      92  ? 
13      'Konareva, N.V.'      93  ? 
14      'Vainshtein, B.K.'    94  ? 
14      'Arutyunyan, E.G.'    95  ? 
14      'Kuranova, I.P.'      96  ? 
14      'Borisov, V.V.'       97  ? 
14      'Sosfenov, N.I.'      98  ? 
14      'Pavlovskii, A.G.'    99  ? 
14      'Grebenko, A.I.'      100 ? 
14      'Konareva, N.V.'      101 ? 
15      'Vainshtein, B.K.'    102 ? 
15      'Arutyunyan, E.G.'    103 ? 
15      'Kuranova, I.P.'      104 ? 
15      'Borisov, V.V.'       105 ? 
15      'Sosfenov, N.I.'      106 ? 
15      'Pavlovskii, A.G.'    107 ? 
15      'Grebenko, A.I.'      108 ? 
15      'Konareva, N.V.'      109 ? 
16      'Vainshtein, B.K.'    110 ? 
16      'Arutiunian, E.G.'    111 ? 
16      'Kuranova, I.P.'      112 ? 
16      'Borisov, V.V.'       113 ? 
16      'Sosfenov, N.I.'      114 ? 
16      'Pavlovskii, A.G.'    115 ? 
16      'Grebenko, A.I.'      116 ? 
16      'Konareva, N.V.'      117 ? 
17      'Vainshtein, B.K.'    118 ? 
17      'Arutyunyan, E.G.'    119 ? 
17      'Kuranova, I.P.'      120 ? 
17      'Borisov, V.V.'       121 ? 
17      'Sosfenov, N.I.'      122 ? 
17      'Pavlovskii, A.G.'    123 ? 
17      'Grebenko, A.I.'      124 ? 
17      'Konareva, N.V.'      125 ? 
18      'Arutyunyan, E.G.'    126 ? 
18      'Zaitsev, V.N.'       127 ? 
18      'Zhiznevskaya, G.Ya.' 128 ? 
18      'Borodenko, L.I.'     129 ? 
19      'Arutyunyan, E.G.'    130 ? 
19      'Zaitsev, V.N.'       131 ? 
19      'Zhiznevskaya, G.Ya.' 132 ? 
19      'Borodenko, L.I.'     133 ? 
# 
loop_
_entity.id 
_entity.type 
_entity.src_method 
_entity.pdbx_description 
_entity.formula_weight 
_entity.pdbx_number_of_molecules 
_entity.pdbx_ec 
_entity.pdbx_mutation 
_entity.pdbx_fragment 
_entity.details 
1 polymer     man 'LEGHEMOGLOBIN (ISOQUINOLINE MET)' 16674.070 1   ? ? ? ? 
2 non-polymer syn 'PROTOPORPHYRIN IX CONTAINING FE'  616.487   1   ? ? ? ? 
3 non-polymer syn ISOQUINOLINE                       129.159   1   ? ? ? ? 
4 water       nat water                              18.015    164 ? ? ? ? 
# 
_entity_poly.entity_id                      1 
_entity_poly.type                           'polypeptide(L)' 
_entity_poly.nstd_linkage                   no 
_entity_poly.nstd_monomer                   no 
_entity_poly.pdbx_seq_one_letter_code       
;GALTESQAALVKSSWEEFNANIPKHTHRFFILVLEIAPAAKDLFSFLKGTSEVPQNNPELQAHAGKVFKLVYEAAIQLEV
TGVVVTDATLKNLGSVHVSKGVADAHFPVVKEAILKTIKEVVGAKWSEELNSAWTIAYDELAIVIKKEMDDAA
;
_entity_poly.pdbx_seq_one_letter_code_can   
;GALTESQAALVKSSWEEFNANIPKHTHRFFILVLEIAPAAKDLFSFLKGTSEVPQNNPELQAHAGKVFKLVYEAAIQLEV
TGVVVTDATLKNLGSVHVSKGVADAHFPVVKEAILKTIKEVVGAKWSEELNSAWTIAYDELAIVIKKEMDDAA
;
_entity_poly.pdbx_strand_id                 A 
_entity_poly.pdbx_target_identifier         ? 
# 
loop_
_pdbx_entity_nonpoly.entity_id 
_pdbx_entity_nonpoly.name 
_pdbx_entity_nonpoly.comp_id 
2 'PROTOPORPHYRIN IX CONTAINING FE' HEM 
3 ISOQUINOLINE                      ISQ 
4 water                             HOH 
# 
loop_
_entity_poly_seq.entity_id 
_entity_poly_seq.num 
_entity_poly_seq.mon_id 
_entity_poly_seq.hetero 
1 1   GLY n 
1 2   ALA n 
1 3   LEU n 
1 4   THR n 
1 5   GLU n 
1 6   SER n 
1 7   GLN n 
1 8   ALA n 
1 9   ALA n 
1 10  LEU n 
1 11  VAL n 
1 12  LYS n 
1 13  SER n 
1 14  SER n 
1 15  TRP n 
1 16  GLU n 
1 17  GLU n 
1 18  PHE n 
1 19  ASN n 
1 20  ALA n 
1 21  ASN n 
1 22  ILE n 
1 23  PRO n 
1 24  LYS n 
1 25  HIS n 
1 26  THR n 
1 27  HIS n 
1 28  ARG n 
1 29  PHE n 
1 30  PHE n 
1 31  ILE n 
1 32  LEU n 
1 33  VAL n 
1 34  LEU n 
1 35  GLU n 
1 36  ILE n 
1 37  ALA n 
1 38  PRO n 
1 39  ALA n 
1 40  ALA n 
1 41  LYS n 
1 42  ASP n 
1 43  LEU n 
1 44  PHE n 
1 45  SER n 
1 46  PHE n 
1 47  LEU n 
1 48  LYS n 
1 49  GLY n 
1 50  THR n 
1 51  SER n 
1 52  GLU n 
1 53  VAL n 
1 54  PRO n 
1 55  GLN n 
1 56  ASN n 
1 57  ASN n 
1 58  PRO n 
1 59  GLU n 
1 60  LEU n 
1 61  GLN n 
1 62  ALA n 
1 63  HIS n 
1 64  ALA n 
1 65  GLY n 
1 66  LYS n 
1 67  VAL n 
1 68  PHE n 
1 69  LYS n 
1 70  LEU n 
1 71  VAL n 
1 72  TYR n 
1 73  GLU n 
1 74  ALA n 
1 75  ALA n 
1 76  ILE n 
1 77  GLN n 
1 78  LEU n 
1 79  GLU n 
1 80  VAL n 
1 81  THR n 
1 82  GLY n 
1 83  VAL n 
1 84  VAL n 
1 85  VAL n 
1 86  THR n 
1 87  ASP n 
1 88  ALA n 
1 89  THR n 
1 90  LEU n 
1 91  LYS n 
1 92  ASN n 
1 93  LEU n 
1 94  GLY n 
1 95  SER n 
1 96  VAL n 
1 97  HIS n 
1 98  VAL n 
1 99  SER n 
1 100 LYS n 
1 101 GLY n 
1 102 VAL n 
1 103 ALA n 
1 104 ASP n 
1 105 ALA n 
1 106 HIS n 
1 107 PHE n 
1 108 PRO n 
1 109 VAL n 
1 110 VAL n 
1 111 LYS n 
1 112 GLU n 
1 113 ALA n 
1 114 ILE n 
1 115 LEU n 
1 116 LYS n 
1 117 THR n 
1 118 ILE n 
1 119 LYS n 
1 120 GLU n 
1 121 VAL n 
1 122 VAL n 
1 123 GLY n 
1 124 ALA n 
1 125 LYS n 
1 126 TRP n 
1 127 SER n 
1 128 GLU n 
1 129 GLU n 
1 130 LEU n 
1 131 ASN n 
1 132 SER n 
1 133 ALA n 
1 134 TRP n 
1 135 THR n 
1 136 ILE n 
1 137 ALA n 
1 138 TYR n 
1 139 ASP n 
1 140 GLU n 
1 141 LEU n 
1 142 ALA n 
1 143 ILE n 
1 144 VAL n 
1 145 ILE n 
1 146 LYS n 
1 147 LYS n 
1 148 GLU n 
1 149 MET n 
1 150 ASP n 
1 151 ASP n 
1 152 ALA n 
1 153 ALA n 
# 
_entity_src_gen.entity_id                          1 
_entity_src_gen.pdbx_src_id                        1 
_entity_src_gen.pdbx_alt_source_flag               sample 
_entity_src_gen.pdbx_seq_type                      ? 
_entity_src_gen.pdbx_beg_seq_num                   ? 
_entity_src_gen.pdbx_end_seq_num                   ? 
_entity_src_gen.gene_src_common_name               'yellow lupine' 
_entity_src_gen.gene_src_genus                     Lupinus 
_entity_src_gen.pdbx_gene_src_gene                 ? 
_entity_src_gen.gene_src_species                   ? 
_entity_src_gen.gene_src_strain                    ? 
_entity_src_gen.gene_src_tissue                    ? 
_entity_src_gen.gene_src_tissue_fraction           ? 
_entity_src_gen.gene_src_details                   ? 
_entity_src_gen.pdbx_gene_src_fragment             ? 
_entity_src_gen.pdbx_gene_src_scientific_name      'Lupinus luteus' 
_entity_src_gen.pdbx_gene_src_ncbi_taxonomy_id     3873 
_entity_src_gen.pdbx_gene_src_variant              ? 
_entity_src_gen.pdbx_gene_src_cell_line            ? 
_entity_src_gen.pdbx_gene_src_atcc                 ? 
_entity_src_gen.pdbx_gene_src_organ                ? 
_entity_src_gen.pdbx_gene_src_organelle            ? 
_entity_src_gen.pdbx_gene_src_cell                 ? 
_entity_src_gen.pdbx_gene_src_cellular_location    ? 
_entity_src_gen.host_org_common_name               ? 
_entity_src_gen.pdbx_host_org_scientific_name      ? 
_entity_src_gen.pdbx_host_org_ncbi_taxonomy_id     ? 
_entity_src_gen.host_org_genus                     ? 
_entity_src_gen.pdbx_host_org_gene                 ? 
_entity_src_gen.pdbx_host_org_organ                ? 
_entity_src_gen.host_org_species                   ? 
_entity_src_gen.pdbx_host_org_tissue               ? 
_entity_src_gen.pdbx_host_org_tissue_fraction      ? 
_entity_src_gen.pdbx_host_org_strain               ? 
_entity_src_gen.pdbx_host_org_variant              ? 
_entity_src_gen.pdbx_host_org_cell_line            ? 
_entity_src_gen.pdbx_host_org_atcc                 ? 
_entity_src_gen.pdbx_host_org_culture_collection   ? 
_entity_src_gen.pdbx_host_org_cell                 ? 
_entity_src_gen.pdbx_host_org_organelle            ? 
_entity_src_gen.pdbx_host_org_cellular_location    ? 
_entity_src_gen.pdbx_host_org_vector_type          ? 
_entity_src_gen.pdbx_host_org_vector               ? 
_entity_src_gen.host_org_details                   ? 
_entity_src_gen.expression_system_id               ? 
_entity_src_gen.plasmid_name                       ? 
_entity_src_gen.plasmid_details                    ? 
_entity_src_gen.pdbx_description                   ? 
# 
loop_
_chem_comp.id 
_chem_comp.type 
_chem_comp.mon_nstd_flag 
_chem_comp.name 
_chem_comp.pdbx_synonyms 
_chem_comp.formula 
_chem_comp.formula_weight 
ALA 'L-peptide linking' y ALANINE                           ?    'C3 H7 N O2'       89.093  
ARG 'L-peptide linking' y ARGININE                          ?    'C6 H15 N4 O2 1'   175.209 
ASN 'L-peptide linking' y ASPARAGINE                        ?    'C4 H8 N2 O3'      132.118 
ASP 'L-peptide linking' y 'ASPARTIC ACID'                   ?    'C4 H7 N O4'       133.103 
GLN 'L-peptide linking' y GLUTAMINE                         ?    'C5 H10 N2 O3'     146.144 
GLU 'L-peptide linking' y 'GLUTAMIC ACID'                   ?    'C5 H9 N O4'       147.129 
GLY 'peptide linking'   y GLYCINE                           ?    'C2 H5 N O2'       75.067  
HEM non-polymer         . 'PROTOPORPHYRIN IX CONTAINING FE' HEME 'C34 H32 Fe N4 O4' 616.487 
HIS 'L-peptide linking' y HISTIDINE                         ?    'C6 H10 N3 O2 1'   156.162 
HOH non-polymer         . WATER                             ?    'H2 O'             18.015  
ILE 'L-peptide linking' y ISOLEUCINE                        ?    'C6 H13 N O2'      131.173 
ISQ non-polymer         . ISOQUINOLINE                      ?    'C9 H7 N'          129.159 
LEU 'L-peptide linking' y LEUCINE                           ?    'C6 H13 N O2'      131.173 
LYS 'L-peptide linking' y LYSINE                            ?    'C6 H15 N2 O2 1'   147.195 
MET 'L-peptide linking' y METHIONINE                        ?    'C5 H11 N O2 S'    149.211 
PHE 'L-peptide linking' y PHENYLALANINE                     ?    'C9 H11 N O2'      165.189 
PRO 'L-peptide linking' y PROLINE                           ?    'C5 H9 N O2'       115.130 
SER 'L-peptide linking' y SERINE                            ?    'C3 H7 N O3'       105.093 
THR 'L-peptide linking' y THREONINE                         ?    'C4 H9 N O3'       119.119 
TRP 'L-peptide linking' y TRYPTOPHAN                        ?    'C11 H12 N2 O2'    204.225 
TYR 'L-peptide linking' y TYROSINE                          ?    'C9 H11 N O3'      181.189 
VAL 'L-peptide linking' y VALINE                            ?    'C5 H11 N O2'      117.146 
# 
loop_
_pdbx_poly_seq_scheme.asym_id 
_pdbx_poly_seq_scheme.entity_id 
_pdbx_poly_seq_scheme.seq_id 
_pdbx_poly_seq_scheme.mon_id 
_pdbx_poly_seq_scheme.ndb_seq_num 
_pdbx_poly_seq_scheme.pdb_seq_num 
_pdbx_poly_seq_scheme.auth_seq_num 
_pdbx_poly_seq_scheme.pdb_mon_id 
_pdbx_poly_seq_scheme.auth_mon_id 
_pdbx_poly_seq_scheme.pdb_strand_id 
_pdbx_poly_seq_scheme.pdb_ins_code 
_pdbx_poly_seq_scheme.hetero 
A 1 1   GLY 1   1   1   GLY GLY A . n 
A 1 2   ALA 2   2   2   ALA ALA A . n 
A 1 3   LEU 3   3   3   LEU LEU A . n 
A 1 4   THR 4   4   4   THR THR A . n 
A 1 5   GLU 5   5   5   GLU GLU A . n 
A 1 6   SER 6   6   6   SER SER A . n 
A 1 7   GLN 7   7   7   GLN GLN A . n 
A 1 8   ALA 8   8   8   ALA ALA A . n 
A 1 9   ALA 9   9   9   ALA ALA A . n 
A 1 10  LEU 10  10  10  LEU LEU A . n 
A 1 11  VAL 11  11  11  VAL VAL A . n 
A 1 12  LYS 12  12  12  LYS LYS A . n 
A 1 13  SER 13  13  13  SER SER A . n 
A 1 14  SER 14  14  14  SER SER A . n 
A 1 15  TRP 15  15  15  TRP TRP A . n 
A 1 16  GLU 16  16  16  GLU GLU A . n 
A 1 17  GLU 17  17  17  GLU GLU A . n 
A 1 18  PHE 18  18  18  PHE PHE A . n 
A 1 19  ASN 19  19  19  ASN ASN A . n 
A 1 20  ALA 20  20  20  ALA ALA A . n 
A 1 21  ASN 21  21  21  ASN ASN A . n 
A 1 22  ILE 22  22  22  ILE ILE A . n 
A 1 23  PRO 23  23  23  PRO PRO A . n 
A 1 24  LYS 24  24  24  LYS LYS A . n 
A 1 25  HIS 25  25  25  HIS HIS A . n 
A 1 26  THR 26  26  26  THR THR A . n 
A 1 27  HIS 27  27  27  HIS HIS A . n 
A 1 28  ARG 28  28  28  ARG ARG A . n 
A 1 29  PHE 29  29  29  PHE PHE A . n 
A 1 30  PHE 30  30  30  PHE PHE A . n 
A 1 31  ILE 31  31  31  ILE ILE A . n 
A 1 32  LEU 32  32  32  LEU LEU A . n 
A 1 33  VAL 33  33  33  VAL VAL A . n 
A 1 34  LEU 34  34  34  LEU LEU A . n 
A 1 35  GLU 35  35  35  GLU GLU A . n 
A 1 36  ILE 36  36  36  ILE ILE A . n 
A 1 37  ALA 37  37  37  ALA ALA A . n 
A 1 38  PRO 38  38  38  PRO PRO A . n 
A 1 39  ALA 39  39  39  ALA ALA A . n 
A 1 40  ALA 40  40  40  ALA ALA A . n 
A 1 41  LYS 41  41  41  LYS LYS A . n 
A 1 42  ASP 42  42  42  ASP ASP A . n 
A 1 43  LEU 43  43  43  LEU LEU A . n 
A 1 44  PHE 44  44  44  PHE PHE A . n 
A 1 45  SER 45  45  45  SER SER A . n 
A 1 46  PHE 46  46  46  PHE PHE A . n 
A 1 47  LEU 47  47  47  LEU LEU A . n 
A 1 48  LYS 48  48  48  LYS LYS A . n 
A 1 49  GLY 49  49  49  GLY GLY A . n 
A 1 50  THR 50  50  50  THR THR A . n 
A 1 51  SER 51  51  51  SER SER A . n 
A 1 52  GLU 52  52  52  GLU GLU A . n 
A 1 53  VAL 53  53  53  VAL VAL A . n 
A 1 54  PRO 54  54  54  PRO PRO A . n 
A 1 55  GLN 55  55  55  GLN GLN A . n 
A 1 56  ASN 56  56  56  ASN ASN A . n 
A 1 57  ASN 57  57  57  ASN ASN A . n 
A 1 58  PRO 58  58  58  PRO PRO A . n 
A 1 59  GLU 59  59  59  GLU GLU A . n 
A 1 60  LEU 60  60  60  LEU LEU A . n 
A 1 61  GLN 61  61  61  GLN GLN A . n 
A 1 62  ALA 62  62  62  ALA ALA A . n 
A 1 63  HIS 63  63  63  HIS HIS A . n 
A 1 64  ALA 64  64  64  ALA ALA A . n 
A 1 65  GLY 65  65  65  GLY GLY A . n 
A 1 66  LYS 66  66  66  LYS LYS A . n 
A 1 67  VAL 67  67  67  VAL VAL A . n 
A 1 68  PHE 68  68  68  PHE PHE A . n 
A 1 69  LYS 69  69  69  LYS LYS A . n 
A 1 70  LEU 70  70  70  LEU LEU A . n 
A 1 71  VAL 71  71  71  VAL VAL A . n 
A 1 72  TYR 72  72  72  TYR TYR A . n 
A 1 73  GLU 73  73  73  GLU GLU A . n 
A 1 74  ALA 74  74  74  ALA ALA A . n 
A 1 75  ALA 75  75  75  ALA ALA A . n 
A 1 76  ILE 76  76  76  ILE ILE A . n 
A 1 77  GLN 77  77  77  GLN GLN A . n 
A 1 78  LEU 78  78  78  LEU LEU A . n 
A 1 79  GLU 79  79  79  GLU GLU A . n 
A 1 80  VAL 80  80  80  VAL VAL A . n 
A 1 81  THR 81  81  81  THR THR A . n 
A 1 82  GLY 82  82  82  GLY GLY A . n 
A 1 83  VAL 83  83  83  VAL VAL A . n 
A 1 84  VAL 84  84  84  VAL VAL A . n 
A 1 85  VAL 85  85  85  VAL VAL A . n 
A 1 86  THR 86  86  86  THR THR A . n 
A 1 87  ASP 87  87  87  ASP ASP A . n 
A 1 88  ALA 88  88  88  ALA ALA A . n 
A 1 89  THR 89  89  89  THR THR A . n 
A 1 90  LEU 90  90  90  LEU LEU A . n 
A 1 91  LYS 91  91  91  LYS LYS A . n 
A 1 92  ASN 92  92  92  ASN ASN A . n 
A 1 93  LEU 93  93  93  LEU LEU A . n 
A 1 94  GLY 94  94  94  GLY GLY A . n 
A 1 95  SER 95  95  95  SER SER A . n 
A 1 96  VAL 96  96  96  VAL VAL A . n 
A 1 97  HIS 97  97  97  HIS HIS A . n 
A 1 98  VAL 98  98  98  VAL VAL A . n 
A 1 99  SER 99  99  99  SER SER A . n 
A 1 100 LYS 100 100 100 LYS LYS A . n 
A 1 101 GLY 101 101 101 GLY GLY A . n 
A 1 102 VAL 102 102 102 VAL VAL A . n 
A 1 103 ALA 103 103 103 ALA ALA A . n 
A 1 104 ASP 104 104 104 ASP ASP A . n 
A 1 105 ALA 105 105 105 ALA ALA A . n 
A 1 106 HIS 106 106 106 HIS HIS A . n 
A 1 107 PHE 107 107 107 PHE PHE A . n 
A 1 108 PRO 108 108 108 PRO PRO A . n 
A 1 109 VAL 109 109 109 VAL VAL A . n 
A 1 110 VAL 110 110 110 VAL VAL A . n 
A 1 111 LYS 111 111 111 LYS LYS A . n 
A 1 112 GLU 112 112 112 GLU GLU A . n 
A 1 113 ALA 113 113 113 ALA ALA A . n 
A 1 114 ILE 114 114 114 ILE ILE A . n 
A 1 115 LEU 115 115 115 LEU LEU A . n 
A 1 116 LYS 116 116 116 LYS LYS A . n 
A 1 117 THR 117 117 117 THR THR A . n 
A 1 118 ILE 118 118 118 ILE ILE A . n 
A 1 119 LYS 119 119 119 LYS LYS A . n 
A 1 120 GLU 120 120 120 GLU GLU A . n 
A 1 121 VAL 121 121 121 VAL VAL A . n 
A 1 122 VAL 122 122 122 VAL VAL A . n 
A 1 123 GLY 123 123 123 GLY GLY A . n 
A 1 124 ALA 124 124 124 ALA ALA A . n 
A 1 125 LYS 125 125 125 LYS LYS A . n 
A 1 126 TRP 126 126 126 TRP TRP A . n 
A 1 127 SER 127 127 127 SER SER A . n 
A 1 128 GLU 128 128 128 GLU GLU A . n 
A 1 129 GLU 129 129 129 GLU GLU A . n 
A 1 130 LEU 130 130 130 LEU LEU A . n 
A 1 131 ASN 131 131 131 ASN ASN A . n 
A 1 132 SER 132 132 132 SER SER A . n 
A 1 133 ALA 133 133 133 ALA ALA A . n 
A 1 134 TRP 134 134 134 TRP TRP A . n 
A 1 135 THR 135 135 135 THR THR A . n 
A 1 136 ILE 136 136 136 ILE ILE A . n 
A 1 137 ALA 137 137 137 ALA ALA A . n 
A 1 138 TYR 138 138 138 TYR TYR A . n 
A 1 139 ASP 139 139 139 ASP ASP A . n 
A 1 140 GLU 140 140 140 GLU GLU A . n 
A 1 141 LEU 141 141 141 LEU LEU A . n 
A 1 142 ALA 142 142 142 ALA ALA A . n 
A 1 143 ILE 143 143 143 ILE ILE A . n 
A 1 144 VAL 144 144 144 VAL VAL A . n 
A 1 145 ILE 145 145 145 ILE ILE A . n 
A 1 146 LYS 146 146 146 LYS LYS A . n 
A 1 147 LYS 147 147 147 LYS LYS A . n 
A 1 148 GLU 148 148 148 GLU GLU A . n 
A 1 149 MET 149 149 149 MET MET A . n 
A 1 150 ASP 150 150 150 ASP ASP A . n 
A 1 151 ASP 151 151 151 ASP ASP A . n 
A 1 152 ALA 152 152 152 ALA ALA A . n 
A 1 153 ALA 153 153 153 ALA ALA A . n 
# 
loop_
_pdbx_nonpoly_scheme.asym_id 
_pdbx_nonpoly_scheme.entity_id 
_pdbx_nonpoly_scheme.mon_id 
_pdbx_nonpoly_scheme.ndb_seq_num 
_pdbx_nonpoly_scheme.pdb_seq_num 
_pdbx_nonpoly_scheme.auth_seq_num 
_pdbx_nonpoly_scheme.pdb_mon_id 
_pdbx_nonpoly_scheme.auth_mon_id 
_pdbx_nonpoly_scheme.pdb_strand_id 
_pdbx_nonpoly_scheme.pdb_ins_code 
B 2 HEM 1   154 154 HEM HEM A . 
C 3 ISQ 1   500 500 ISQ ISQ A . 
D 4 HOH 1   155 155 HOH HOH A . 
D 4 HOH 2   156 156 HOH HOH A . 
D 4 HOH 3   157 157 HOH HOH A . 
D 4 HOH 4   158 158 HOH HOH A . 
D 4 HOH 5   159 159 HOH HOH A . 
D 4 HOH 6   160 160 HOH HOH A . 
D 4 HOH 7   161 161 HOH HOH A . 
D 4 HOH 8   162 162 HOH HOH A . 
D 4 HOH 9   163 163 HOH HOH A . 
D 4 HOH 10  164 164 HOH HOH A . 
D 4 HOH 11  165 165 HOH HOH A . 
D 4 HOH 12  166 166 HOH HOH A . 
D 4 HOH 13  167 167 HOH HOH A . 
D 4 HOH 14  169 169 HOH HOH A . 
D 4 HOH 15  170 170 HOH HOH A . 
D 4 HOH 16  172 172 HOH HOH A . 
D 4 HOH 17  173 173 HOH HOH A . 
D 4 HOH 18  174 174 HOH HOH A . 
D 4 HOH 19  175 175 HOH HOH A . 
D 4 HOH 20  176 176 HOH HOH A . 
D 4 HOH 21  177 177 HOH HOH A . 
D 4 HOH 22  178 178 HOH HOH A . 
D 4 HOH 23  179 179 HOH HOH A . 
D 4 HOH 24  180 180 HOH HOH A . 
D 4 HOH 25  181 181 HOH HOH A . 
D 4 HOH 26  182 182 HOH HOH A . 
D 4 HOH 27  184 184 HOH HOH A . 
D 4 HOH 28  185 185 HOH HOH A . 
D 4 HOH 29  187 187 HOH HOH A . 
D 4 HOH 30  188 188 HOH HOH A . 
D 4 HOH 31  189 189 HOH HOH A . 
D 4 HOH 32  190 190 HOH HOH A . 
D 4 HOH 33  191 191 HOH HOH A . 
D 4 HOH 34  192 192 HOH HOH A . 
D 4 HOH 35  193 193 HOH HOH A . 
D 4 HOH 36  194 194 HOH HOH A . 
D 4 HOH 37  195 195 HOH HOH A . 
D 4 HOH 38  197 197 HOH HOH A . 
D 4 HOH 39  198 198 HOH HOH A . 
D 4 HOH 40  199 199 HOH HOH A . 
D 4 HOH 41  200 200 HOH HOH A . 
D 4 HOH 42  202 202 HOH HOH A . 
D 4 HOH 43  204 204 HOH HOH A . 
D 4 HOH 44  205 205 HOH HOH A . 
D 4 HOH 45  206 206 HOH HOH A . 
D 4 HOH 46  207 207 HOH HOH A . 
D 4 HOH 47  208 208 HOH HOH A . 
D 4 HOH 48  209 209 HOH HOH A . 
D 4 HOH 49  210 210 HOH HOH A . 
D 4 HOH 50  211 211 HOH HOH A . 
D 4 HOH 51  215 215 HOH HOH A . 
D 4 HOH 52  216 216 HOH HOH A . 
D 4 HOH 53  217 217 HOH HOH A . 
D 4 HOH 54  218 218 HOH HOH A . 
D 4 HOH 55  222 222 HOH HOH A . 
D 4 HOH 56  225 225 HOH HOH A . 
D 4 HOH 57  226 226 HOH HOH A . 
D 4 HOH 58  228 228 HOH HOH A . 
D 4 HOH 59  229 229 HOH HOH A . 
D 4 HOH 60  230 230 HOH HOH A . 
D 4 HOH 61  232 232 HOH HOH A . 
D 4 HOH 62  234 234 HOH HOH A . 
D 4 HOH 63  235 235 HOH HOH A . 
D 4 HOH 64  236 236 HOH HOH A . 
D 4 HOH 65  237 237 HOH HOH A . 
D 4 HOH 66  238 238 HOH HOH A . 
D 4 HOH 67  239 239 HOH HOH A . 
D 4 HOH 68  240 240 HOH HOH A . 
D 4 HOH 69  241 241 HOH HOH A . 
D 4 HOH 70  242 242 HOH HOH A . 
D 4 HOH 71  245 245 HOH HOH A . 
D 4 HOH 72  246 246 HOH HOH A . 
D 4 HOH 73  247 247 HOH HOH A . 
D 4 HOH 74  248 248 HOH HOH A . 
D 4 HOH 75  249 249 HOH HOH A . 
D 4 HOH 76  250 250 HOH HOH A . 
D 4 HOH 77  251 251 HOH HOH A . 
D 4 HOH 78  252 252 HOH HOH A . 
D 4 HOH 79  255 255 HOH HOH A . 
D 4 HOH 80  257 257 HOH HOH A . 
D 4 HOH 81  258 258 HOH HOH A . 
D 4 HOH 82  259 259 HOH HOH A . 
D 4 HOH 83  264 264 HOH HOH A . 
D 4 HOH 84  265 265 HOH HOH A . 
D 4 HOH 85  269 269 HOH HOH A . 
D 4 HOH 86  270 270 HOH HOH A . 
D 4 HOH 87  271 271 HOH HOH A . 
D 4 HOH 88  274 274 HOH HOH A . 
D 4 HOH 89  276 276 HOH HOH A . 
D 4 HOH 90  278 278 HOH HOH A . 
D 4 HOH 91  279 279 HOH HOH A . 
D 4 HOH 92  281 281 HOH HOH A . 
D 4 HOH 93  284 284 HOH HOH A . 
D 4 HOH 94  285 285 HOH HOH A . 
D 4 HOH 95  286 286 HOH HOH A . 
D 4 HOH 96  287 287 HOH HOH A . 
D 4 HOH 97  292 292 HOH HOH A . 
D 4 HOH 98  295 295 HOH HOH A . 
D 4 HOH 99  296 296 HOH HOH A . 
D 4 HOH 100 297 297 HOH HOH A . 
D 4 HOH 101 298 298 HOH HOH A . 
D 4 HOH 102 299 299 HOH HOH A . 
D 4 HOH 103 300 300 HOH HOH A . 
D 4 HOH 104 301 301 HOH HOH A . 
D 4 HOH 105 303 303 HOH HOH A . 
D 4 HOH 106 305 305 HOH HOH A . 
D 4 HOH 107 306 306 HOH HOH A . 
D 4 HOH 108 307 307 HOH HOH A . 
D 4 HOH 109 308 308 HOH HOH A . 
D 4 HOH 110 309 309 HOH HOH A . 
D 4 HOH 111 310 310 HOH HOH A . 
D 4 HOH 112 311 311 HOH HOH A . 
D 4 HOH 113 312 312 HOH HOH A . 
D 4 HOH 114 313 313 HOH HOH A . 
D 4 HOH 115 314 314 HOH HOH A . 
D 4 HOH 116 315 315 HOH HOH A . 
D 4 HOH 117 317 317 HOH HOH A . 
D 4 HOH 118 320 320 HOH HOH A . 
D 4 HOH 119 330 330 HOH HOH A . 
D 4 HOH 120 331 331 HOH HOH A . 
D 4 HOH 121 332 332 HOH HOH A . 
D 4 HOH 122 334 334 HOH HOH A . 
D 4 HOH 123 335 335 HOH HOH A . 
D 4 HOH 124 340 340 HOH HOH A . 
D 4 HOH 125 346 346 HOH HOH A . 
D 4 HOH 126 347 347 HOH HOH A . 
D 4 HOH 127 348 348 HOH HOH A . 
D 4 HOH 128 349 349 HOH HOH A . 
D 4 HOH 129 350 350 HOH HOH A . 
D 4 HOH 130 351 351 HOH HOH A . 
D 4 HOH 131 352 352 HOH HOH A . 
D 4 HOH 132 353 353 HOH HOH A . 
D 4 HOH 133 354 354 HOH HOH A . 
D 4 HOH 134 356 356 HOH HOH A . 
D 4 HOH 135 358 358 HOH HOH A . 
D 4 HOH 136 360 360 HOH HOH A . 
D 4 HOH 137 361 361 HOH HOH A . 
D 4 HOH 138 362 362 HOH HOH A . 
D 4 HOH 139 366 366 HOH HOH A . 
D 4 HOH 140 369 369 HOH HOH A . 
D 4 HOH 141 371 371 HOH HOH A . 
D 4 HOH 142 373 373 HOH HOH A . 
D 4 HOH 143 374 374 HOH HOH A . 
D 4 HOH 144 375 375 HOH HOH A . 
D 4 HOH 145 378 378 HOH HOH A . 
D 4 HOH 146 389 389 HOH HOH A . 
D 4 HOH 147 390 390 HOH HOH A . 
D 4 HOH 148 392 392 HOH HOH A . 
D 4 HOH 149 393 393 HOH HOH A . 
D 4 HOH 150 394 394 HOH HOH A . 
D 4 HOH 151 395 395 HOH HOH A . 
D 4 HOH 152 396 396 HOH HOH A . 
D 4 HOH 153 397 397 HOH HOH A . 
D 4 HOH 154 400 400 HOH HOH A . 
D 4 HOH 155 401 401 HOH HOH A . 
D 4 HOH 156 404 404 HOH HOH A . 
D 4 HOH 157 407 407 HOH HOH A . 
D 4 HOH 158 408 408 HOH HOH A . 
D 4 HOH 159 413 413 HOH HOH A . 
D 4 HOH 160 415 415 HOH HOH A . 
D 4 HOH 161 416 416 HOH HOH A . 
D 4 HOH 162 423 423 HOH HOH A . 
D 4 HOH 163 432 432 HOH HOH A . 
D 4 HOH 164 433 433 HOH HOH A . 
# 
_software.name             PROLSQ 
_software.classification   refinement 
_software.version          . 
_software.citation_id      ? 
_software.pdbx_ordinal     1 
# 
_cell.entry_id           1GDK 
_cell.length_a           92.900 
_cell.length_b           51.930 
_cell.length_c           38.240 
_cell.angle_alpha        90.00 
_cell.angle_beta         98.80 
_cell.angle_gamma        90.00 
_cell.Z_PDB              4 
_cell.pdbx_unique_axis   ? 
# 
_symmetry.entry_id                         1GDK 
_symmetry.space_group_name_H-M             'C 1 2 1' 
_symmetry.pdbx_full_space_group_name_H-M   ? 
_symmetry.cell_setting                     ? 
_symmetry.Int_Tables_number                5 
# 
_exptl.entry_id          1GDK 
_exptl.method            'X-RAY DIFFRACTION' 
_exptl.crystals_number   ? 
# 
_exptl_crystal.id                    1 
_exptl_crystal.density_meas          ? 
_exptl_crystal.density_Matthews      2.73 
_exptl_crystal.density_percent_sol   54.99 
_exptl_crystal.description           ? 
# 
_diffrn.id                     1 
_diffrn.ambient_temp           ? 
_diffrn.ambient_temp_details   ? 
_diffrn.crystal_id             1 
# 
_diffrn_radiation.diffrn_id                        1 
_diffrn_radiation.wavelength_id                    1 
_diffrn_radiation.pdbx_monochromatic_or_laue_m_l   ? 
_diffrn_radiation.monochromator                    ? 
_diffrn_radiation.pdbx_diffrn_protocol             ? 
_diffrn_radiation.pdbx_scattering_type             x-ray 
# 
_diffrn_radiation_wavelength.id           1 
_diffrn_radiation_wavelength.wavelength   . 
_diffrn_radiation_wavelength.wt           1.0 
# 
_refine.entry_id                                 1GDK 
_refine.ls_number_reflns_obs                     10732 
_refine.ls_number_reflns_all                     ? 
_refine.pdbx_ls_sigma_I                          ? 
_refine.pdbx_ls_sigma_F                          1.0 
_refine.pdbx_data_cutoff_high_absF               ? 
_refine.pdbx_data_cutoff_low_absF                ? 
_refine.pdbx_data_cutoff_high_rms_absF           ? 
_refine.ls_d_res_low                             8.0 
_refine.ls_d_res_high                            1.8 
_refine.ls_percent_reflns_obs                    ? 
_refine.ls_R_factor_obs                          0.1870000 
_refine.ls_R_factor_all                          ? 
_refine.ls_R_factor_R_work                       ? 
_refine.ls_R_factor_R_free                       ? 
_refine.ls_R_factor_R_free_error                 ? 
_refine.ls_R_factor_R_free_error_details         ? 
_refine.ls_percent_reflns_R_free                 ? 
_refine.ls_number_reflns_R_free                  ? 
_refine.ls_number_parameters                     ? 
_refine.ls_number_restraints                     ? 
_refine.occupancy_min                            ? 
_refine.occupancy_max                            ? 
_refine.B_iso_mean                               ? 
_refine.aniso_B[1][1]                            ? 
_refine.aniso_B[2][2]                            ? 
_refine.aniso_B[3][3]                            ? 
_refine.aniso_B[1][2]                            ? 
_refine.aniso_B[1][3]                            ? 
_refine.aniso_B[2][3]                            ? 
_refine.solvent_model_details                    ? 
_refine.solvent_model_param_ksol                 ? 
_refine.solvent_model_param_bsol                 ? 
_refine.pdbx_ls_cross_valid_method               ? 
_refine.details                                  
;THE FIRST AND LAST RESIDUES OF THE PROTEIN CHAIN ARE
POORLY REVEALED IN THE ELECTRON DENSITY SYNTHESIS.
;
_refine.pdbx_starting_model                      ? 
_refine.pdbx_method_to_determine_struct          ? 
_refine.pdbx_isotropic_thermal_model             ? 
_refine.pdbx_stereochemistry_target_values       ? 
_refine.pdbx_stereochem_target_val_spec_case     ? 
_refine.pdbx_R_Free_selection_details            ? 
_refine.pdbx_overall_ESU_R                       ? 
_refine.pdbx_overall_ESU_R_Free                  ? 
_refine.overall_SU_ML                            ? 
_refine.overall_SU_B                             ? 
_refine.pdbx_refine_id                           'X-RAY DIFFRACTION' 
_refine.pdbx_diffrn_id                           1 
_refine.pdbx_TLS_residual_ADP_flag               ? 
_refine.correlation_coeff_Fo_to_Fc               ? 
_refine.correlation_coeff_Fo_to_Fc_free          ? 
_refine.pdbx_solvent_vdw_probe_radii             ? 
_refine.pdbx_solvent_ion_probe_radii             ? 
_refine.pdbx_solvent_shrinkage_radii             ? 
_refine.pdbx_overall_phase_error                 ? 
_refine.overall_SU_R_Cruickshank_DPI             ? 
_refine.pdbx_overall_SU_R_free_Cruickshank_DPI   ? 
_refine.pdbx_overall_SU_R_Blow_DPI               ? 
_refine.pdbx_overall_SU_R_free_Blow_DPI          ? 
# 
_refine_hist.pdbx_refine_id                   'X-RAY DIFFRACTION' 
_refine_hist.cycle_id                         LAST 
_refine_hist.pdbx_number_atoms_protein        1190 
_refine_hist.pdbx_number_atoms_nucleic_acid   0 
_refine_hist.pdbx_number_atoms_ligand         53 
_refine_hist.number_atoms_solvent             164 
_refine_hist.number_atoms_total               1407 
_refine_hist.d_res_high                       1.8 
_refine_hist.d_res_low                        8.0 
# 
_struct.entry_id                  1GDK 
_struct.title                     
'CRYSTAL STRUCTURE OF FERRIC COMPLEXES OF THE YELLOW LUPIN LEGHEMOGLOBIN WITH ISOQUINOLINE AT 1.8 ANGSTROMS RESOLUTION (RUSSIAN)' 
_struct.pdbx_model_details        ? 
_struct.pdbx_CASP_flag            ? 
_struct.pdbx_model_type_details   ? 
# 
_struct_keywords.entry_id        1GDK 
_struct_keywords.pdbx_keywords   'OXYGEN TRANSPORT' 
_struct_keywords.text            'OXYGEN TRANSPORT' 
# 
loop_
_struct_asym.id 
_struct_asym.pdbx_blank_PDB_chainid_flag 
_struct_asym.pdbx_modified 
_struct_asym.entity_id 
_struct_asym.details 
A N N 1 ? 
B N N 2 ? 
C N N 3 ? 
D N N 4 ? 
# 
_struct_ref.id                         1 
_struct_ref.db_name                    UNP 
_struct_ref.db_code                    LGB2_LUPLU 
_struct_ref.entity_id                  1 
_struct_ref.pdbx_db_accession          P02240 
_struct_ref.pdbx_align_begin           1 
_struct_ref.pdbx_seq_one_letter_code   
;GALTESQAALVKSSWEEFNANIPKHTHRFFILVLEIAPAAKDLFSFLKGTSEVPQNNPELQAHAGKVFKLVYEAAIQLQV
TGVVVTDATLKNLGSVHVSKGVADAHFPVVKEAILKTIKEVVGAKWSEELNSAWTIAYDELAIVIKKEMNDAA
;
_struct_ref.pdbx_db_isoform            ? 
# 
_struct_ref_seq.align_id                      1 
_struct_ref_seq.ref_id                        1 
_struct_ref_seq.pdbx_PDB_id_code              1GDK 
_struct_ref_seq.pdbx_strand_id                A 
_struct_ref_seq.seq_align_beg                 1 
_struct_ref_seq.pdbx_seq_align_beg_ins_code   ? 
_struct_ref_seq.seq_align_end                 153 
_struct_ref_seq.pdbx_seq_align_end_ins_code   ? 
_struct_ref_seq.pdbx_db_accession             P02240 
_struct_ref_seq.db_align_beg                  1 
_struct_ref_seq.pdbx_db_align_beg_ins_code    ? 
_struct_ref_seq.db_align_end                  153 
_struct_ref_seq.pdbx_db_align_end_ins_code    ? 
_struct_ref_seq.pdbx_auth_seq_align_beg       1 
_struct_ref_seq.pdbx_auth_seq_align_end       153 
# 
loop_
_struct_ref_seq_dif.align_id 
_struct_ref_seq_dif.pdbx_pdb_id_code 
_struct_ref_seq_dif.mon_id 
_struct_ref_seq_dif.pdbx_pdb_strand_id 
_struct_ref_seq_dif.seq_num 
_struct_ref_seq_dif.pdbx_pdb_ins_code 
_struct_ref_seq_dif.pdbx_seq_db_name 
_struct_ref_seq_dif.pdbx_seq_db_accession_code 
_struct_ref_seq_dif.db_mon_id 
_struct_ref_seq_dif.pdbx_seq_db_seq_num 
_struct_ref_seq_dif.details 
_struct_ref_seq_dif.pdbx_auth_seq_num 
_struct_ref_seq_dif.pdbx_ordinal 
1 1GDK GLU A 79  ? UNP P02240 GLN 79  conflict 79  1 
1 1GDK ASP A 150 ? UNP P02240 ASN 150 conflict 150 2 
# 
_pdbx_struct_assembly.id                   1 
_pdbx_struct_assembly.details              author_defined_assembly 
_pdbx_struct_assembly.method_details       ? 
_pdbx_struct_assembly.oligomeric_details   monomeric 
_pdbx_struct_assembly.oligomeric_count     1 
# 
_pdbx_struct_assembly_gen.assembly_id       1 
_pdbx_struct_assembly_gen.oper_expression   1 
_pdbx_struct_assembly_gen.asym_id_list      A,B,C,D 
# 
_pdbx_struct_oper_list.id                   1 
_pdbx_struct_oper_list.type                 'identity operation' 
_pdbx_struct_oper_list.name                 1_555 
_pdbx_struct_oper_list.symmetry_operation   x,y,z 
_pdbx_struct_oper_list.matrix[1][1]         1.0000000000 
_pdbx_struct_oper_list.matrix[1][2]         0.0000000000 
_pdbx_struct_oper_list.matrix[1][3]         0.0000000000 
_pdbx_struct_oper_list.vector[1]            0.0000000000 
_pdbx_struct_oper_list.matrix[2][1]         0.0000000000 
_pdbx_struct_oper_list.matrix[2][2]         1.0000000000 
_pdbx_struct_oper_list.matrix[2][3]         0.0000000000 
_pdbx_struct_oper_list.vector[2]            0.0000000000 
_pdbx_struct_oper_list.matrix[3][1]         0.0000000000 
_pdbx_struct_oper_list.matrix[3][2]         0.0000000000 
_pdbx_struct_oper_list.matrix[3][3]         1.0000000000 
_pdbx_struct_oper_list.vector[3]            0.0000000000 
# 
_struct_biol.id   1 
# 
loop_
_struct_conf.conf_type_id 
_struct_conf.id 
_struct_conf.pdbx_PDB_helix_id 
_struct_conf.beg_label_comp_id 
_struct_conf.beg_label_asym_id 
_struct_conf.beg_label_seq_id 
_struct_conf.pdbx_beg_PDB_ins_code 
_struct_conf.end_label_comp_id 
_struct_conf.end_label_asym_id 
_struct_conf.end_label_seq_id 
_struct_conf.pdbx_end_PDB_ins_code 
_struct_conf.beg_auth_comp_id 
_struct_conf.beg_auth_asym_id 
_struct_conf.beg_auth_seq_id 
_struct_conf.end_auth_comp_id 
_struct_conf.end_auth_asym_id 
_struct_conf.end_auth_seq_id 
_struct_conf.pdbx_PDB_helix_class 
_struct_conf.details 
_struct_conf.pdbx_PDB_helix_length 
HELX_P HELX_P1 A THR A 4   ? ALA A 20  ? THR A 4   ALA A 20  1 ? 17 
HELX_P HELX_P2 B ASN A 21  ? ILE A 36  ? ASN A 21  ILE A 36  1 ? 16 
HELX_P HELX_P3 C ALA A 37  ? LEU A 43  ? ALA A 37  LEU A 43  1 ? 7  
HELX_P HELX_P4 D PHE A 44  ? LYS A 48  ? PHE A 44  LYS A 48  1 ? 5  
HELX_P HELX_P5 E ASN A 57  ? GLY A 82  ? ASN A 57  GLY A 82  1 ? 26 
HELX_P HELX_P6 F ALA A 88  ? GLY A 101 ? ALA A 88  GLY A 101 1 ? 14 
HELX_P HELX_P7 G ASP A 104 ? GLY A 123 ? ASP A 104 GLY A 123 1 ? 20 
HELX_P HELX_P8 H SER A 127 ? ALA A 152 ? SER A 127 ALA A 152 1 ? 26 
# 
_struct_conf_type.id          HELX_P 
_struct_conf_type.criteria    ? 
_struct_conf_type.reference   ? 
# 
_struct_conn.id                            metalc1 
_struct_conn.conn_type_id                  metalc 
_struct_conn.pdbx_leaving_atom_flag        ? 
_struct_conn.pdbx_PDB_id                   ? 
_struct_conn.ptnr1_label_asym_id           A 
_struct_conn.ptnr1_label_comp_id           HIS 
_struct_conn.ptnr1_label_seq_id            97 
_struct_conn.ptnr1_label_atom_id           NE2 
_struct_conn.pdbx_ptnr1_label_alt_id       ? 
_struct_conn.pdbx_ptnr1_PDB_ins_code       ? 
_struct_conn.pdbx_ptnr1_standard_comp_id   ? 
_struct_conn.ptnr1_symmetry                1_555 
_struct_conn.ptnr2_label_asym_id           B 
_struct_conn.ptnr2_label_comp_id           HEM 
_struct_conn.ptnr2_label_seq_id            . 
_struct_conn.ptnr2_label_atom_id           FE 
_struct_conn.pdbx_ptnr2_label_alt_id       ? 
_struct_conn.pdbx_ptnr2_PDB_ins_code       ? 
_struct_conn.ptnr1_auth_asym_id            A 
_struct_conn.ptnr1_auth_comp_id            HIS 
_struct_conn.ptnr1_auth_seq_id             97 
_struct_conn.ptnr2_auth_asym_id            A 
_struct_conn.ptnr2_auth_comp_id            HEM 
_struct_conn.ptnr2_auth_seq_id             154 
_struct_conn.ptnr2_symmetry                1_555 
_struct_conn.pdbx_ptnr3_label_atom_id      ? 
_struct_conn.pdbx_ptnr3_label_seq_id       ? 
_struct_conn.pdbx_ptnr3_label_comp_id      ? 
_struct_conn.pdbx_ptnr3_label_asym_id      ? 
_struct_conn.pdbx_ptnr3_label_alt_id       ? 
_struct_conn.pdbx_ptnr3_PDB_ins_code       ? 
_struct_conn.details                       ? 
_struct_conn.pdbx_dist_value               1.952 
_struct_conn.pdbx_value_order              ? 
_struct_conn.pdbx_role                     ? 
# 
_struct_conn_type.id          metalc 
_struct_conn_type.criteria    ? 
_struct_conn_type.reference   ? 
# 
loop_
_pdbx_struct_conn_angle.id 
_pdbx_struct_conn_angle.ptnr1_label_atom_id 
_pdbx_struct_conn_angle.ptnr1_label_alt_id 
_pdbx_struct_conn_angle.ptnr1_label_asym_id 
_pdbx_struct_conn_angle.ptnr1_label_comp_id 
_pdbx_struct_conn_angle.ptnr1_label_seq_id 
_pdbx_struct_conn_angle.ptnr1_auth_atom_id 
_pdbx_struct_conn_angle.ptnr1_auth_asym_id 
_pdbx_struct_conn_angle.ptnr1_auth_comp_id 
_pdbx_struct_conn_angle.ptnr1_auth_seq_id 
_pdbx_struct_conn_angle.ptnr1_PDB_ins_code 
_pdbx_struct_conn_angle.ptnr1_symmetry 
_pdbx_struct_conn_angle.ptnr2_label_atom_id 
_pdbx_struct_conn_angle.ptnr2_label_alt_id 
_pdbx_struct_conn_angle.ptnr2_label_asym_id 
_pdbx_struct_conn_angle.ptnr2_label_comp_id 
_pdbx_struct_conn_angle.ptnr2_label_seq_id 
_pdbx_struct_conn_angle.ptnr2_auth_atom_id 
_pdbx_struct_conn_angle.ptnr2_auth_asym_id 
_pdbx_struct_conn_angle.ptnr2_auth_comp_id 
_pdbx_struct_conn_angle.ptnr2_auth_seq_id 
_pdbx_struct_conn_angle.ptnr2_PDB_ins_code 
_pdbx_struct_conn_angle.ptnr2_symmetry 
_pdbx_struct_conn_angle.ptnr3_label_atom_id 
_pdbx_struct_conn_angle.ptnr3_label_alt_id 
_pdbx_struct_conn_angle.ptnr3_label_asym_id 
_pdbx_struct_conn_angle.ptnr3_label_comp_id 
_pdbx_struct_conn_angle.ptnr3_label_seq_id 
_pdbx_struct_conn_angle.ptnr3_auth_atom_id 
_pdbx_struct_conn_angle.ptnr3_auth_asym_id 
_pdbx_struct_conn_angle.ptnr3_auth_comp_id 
_pdbx_struct_conn_angle.ptnr3_auth_seq_id 
_pdbx_struct_conn_angle.ptnr3_PDB_ins_code 
_pdbx_struct_conn_angle.ptnr3_symmetry 
_pdbx_struct_conn_angle.value 
_pdbx_struct_conn_angle.value_esd 
1  NE2 ? A HIS 97 ? A HIS 97  ? 1_555 FE ? B HEM . ? A HEM 154 ? 1_555 NA ? B HEM . ? A HEM 154 ? 1_555 94.4  ? 
2  NE2 ? A HIS 97 ? A HIS 97  ? 1_555 FE ? B HEM . ? A HEM 154 ? 1_555 NB ? B HEM . ? A HEM 154 ? 1_555 90.2  ? 
3  NA  ? B HEM .  ? A HEM 154 ? 1_555 FE ? B HEM . ? A HEM 154 ? 1_555 NB ? B HEM . ? A HEM 154 ? 1_555 94.6  ? 
4  NE2 ? A HIS 97 ? A HIS 97  ? 1_555 FE ? B HEM . ? A HEM 154 ? 1_555 NC ? B HEM . ? A HEM 154 ? 1_555 81.1  ? 
5  NA  ? B HEM .  ? A HEM 154 ? 1_555 FE ? B HEM . ? A HEM 154 ? 1_555 NC ? B HEM . ? A HEM 154 ? 1_555 175.2 ? 
6  NB  ? B HEM .  ? A HEM 154 ? 1_555 FE ? B HEM . ? A HEM 154 ? 1_555 NC ? B HEM . ? A HEM 154 ? 1_555 83.7  ? 
7  NE2 ? A HIS 97 ? A HIS 97  ? 1_555 FE ? B HEM . ? A HEM 154 ? 1_555 ND ? B HEM . ? A HEM 154 ? 1_555 82.6  ? 
8  NA  ? B HEM .  ? A HEM 154 ? 1_555 FE ? B HEM . ? A HEM 154 ? 1_555 ND ? B HEM . ? A HEM 154 ? 1_555 94.0  ? 
9  NB  ? B HEM .  ? A HEM 154 ? 1_555 FE ? B HEM . ? A HEM 154 ? 1_555 ND ? B HEM . ? A HEM 154 ? 1_555 169.2 ? 
10 NC  ? B HEM .  ? A HEM 154 ? 1_555 FE ? B HEM . ? A HEM 154 ? 1_555 ND ? B HEM . ? A HEM 154 ? 1_555 87.2  ? 
# 
loop_
_struct_site.id 
_struct_site.pdbx_evidence_code 
_struct_site.pdbx_auth_asym_id 
_struct_site.pdbx_auth_comp_id 
_struct_site.pdbx_auth_seq_id 
_struct_site.pdbx_auth_ins_code 
_struct_site.pdbx_num_residues 
_struct_site.details 
AC1 Software A HEM 154 ? 14 'BINDING SITE FOR RESIDUE HEM A 154' 
AC2 Software A ISQ 500 ? 7  'BINDING SITE FOR RESIDUE ISQ A 500' 
# 
loop_
_struct_site_gen.id 
_struct_site_gen.site_id 
_struct_site_gen.pdbx_num_res 
_struct_site_gen.label_comp_id 
_struct_site_gen.label_asym_id 
_struct_site_gen.label_seq_id 
_struct_site_gen.pdbx_auth_ins_code 
_struct_site_gen.auth_comp_id 
_struct_site_gen.auth_asym_id 
_struct_site_gen.auth_seq_id 
_struct_site_gen.label_atom_id 
_struct_site_gen.label_alt_id 
_struct_site_gen.symmetry 
_struct_site_gen.details 
1  AC1 14 LEU A 43  ? LEU A 43  . ? 1_555 ? 
2  AC1 14 PHE A 44  ? PHE A 44  . ? 1_555 ? 
3  AC1 14 SER A 45  ? SER A 45  . ? 1_555 ? 
4  AC1 14 HIS A 97  ? HIS A 97  . ? 1_555 ? 
5  AC1 14 LYS A 100 ? LYS A 100 . ? 1_555 ? 
6  AC1 14 HIS A 106 ? HIS A 106 . ? 1_555 ? 
7  AC1 14 PHE A 107 ? PHE A 107 . ? 1_555 ? 
8  AC1 14 VAL A 110 ? VAL A 110 . ? 1_555 ? 
9  AC1 14 TYR A 138 ? TYR A 138 . ? 1_555 ? 
10 AC1 14 HOH D .   ? HOH A 170 . ? 1_555 ? 
11 AC1 14 HOH D .   ? HOH A 356 . ? 1_555 ? 
12 AC1 14 HOH D .   ? HOH A 378 . ? 1_555 ? 
13 AC1 14 HOH D .   ? HOH A 404 . ? 1_555 ? 
14 AC1 14 ISQ C .   ? ISQ A 500 . ? 1_555 ? 
15 AC2 7  PHE A 29  ? PHE A 29  . ? 1_555 ? 
16 AC2 7  PHE A 30  ? PHE A 30  . ? 1_555 ? 
17 AC2 7  HIS A 63  ? HIS A 63  . ? 1_555 ? 
18 AC2 7  VAL A 67  ? VAL A 67  . ? 1_555 ? 
19 AC2 7  VAL A 110 ? VAL A 110 . ? 1_555 ? 
20 AC2 7  HEM B .   ? HEM A 154 . ? 1_555 ? 
21 AC2 7  HOH D .   ? HOH A 170 . ? 1_555 ? 
# 
loop_
_pdbx_validate_symm_contact.id 
_pdbx_validate_symm_contact.PDB_model_num 
_pdbx_validate_symm_contact.auth_atom_id_1 
_pdbx_validate_symm_contact.auth_asym_id_1 
_pdbx_validate_symm_contact.auth_comp_id_1 
_pdbx_validate_symm_contact.auth_seq_id_1 
_pdbx_validate_symm_contact.PDB_ins_code_1 
_pdbx_validate_symm_contact.label_alt_id_1 
_pdbx_validate_symm_contact.site_symmetry_1 
_pdbx_validate_symm_contact.auth_atom_id_2 
_pdbx_validate_symm_contact.auth_asym_id_2 
_pdbx_validate_symm_contact.auth_comp_id_2 
_pdbx_validate_symm_contact.auth_seq_id_2 
_pdbx_validate_symm_contact.PDB_ins_code_2 
_pdbx_validate_symm_contact.label_alt_id_2 
_pdbx_validate_symm_contact.site_symmetry_2 
_pdbx_validate_symm_contact.dist 
1 1 O   A HOH 178 ? ? 1_555 O A HOH 178 ? ? 2_657 1.68 
2 1 O   A HOH 320 ? ? 1_555 O A HOH 320 ? ? 2_557 1.84 
3 1 OE2 A GLU 140 ? ? 1_555 O A HOH 347 ? ? 1_556 2.07 
4 1 O   A HOH 187 ? ? 1_555 O A HOH 395 ? ? 1_556 2.15 
5 1 O   A HOH 330 ? ? 1_555 O A HOH 331 ? ? 2_657 2.16 
# 
loop_
_pdbx_validate_rmsd_angle.id 
_pdbx_validate_rmsd_angle.PDB_model_num 
_pdbx_validate_rmsd_angle.auth_atom_id_1 
_pdbx_validate_rmsd_angle.auth_asym_id_1 
_pdbx_validate_rmsd_angle.auth_comp_id_1 
_pdbx_validate_rmsd_angle.auth_seq_id_1 
_pdbx_validate_rmsd_angle.PDB_ins_code_1 
_pdbx_validate_rmsd_angle.label_alt_id_1 
_pdbx_validate_rmsd_angle.auth_atom_id_2 
_pdbx_validate_rmsd_angle.auth_asym_id_2 
_pdbx_validate_rmsd_angle.auth_comp_id_2 
_pdbx_validate_rmsd_angle.auth_seq_id_2 
_pdbx_validate_rmsd_angle.PDB_ins_code_2 
_pdbx_validate_rmsd_angle.label_alt_id_2 
_pdbx_validate_rmsd_angle.auth_atom_id_3 
_pdbx_validate_rmsd_angle.auth_asym_id_3 
_pdbx_validate_rmsd_angle.auth_comp_id_3 
_pdbx_validate_rmsd_angle.auth_seq_id_3 
_pdbx_validate_rmsd_angle.PDB_ins_code_3 
_pdbx_validate_rmsd_angle.label_alt_id_3 
_pdbx_validate_rmsd_angle.angle_value 
_pdbx_validate_rmsd_angle.angle_target_value 
_pdbx_validate_rmsd_angle.angle_deviation 
_pdbx_validate_rmsd_angle.angle_standard_deviation 
_pdbx_validate_rmsd_angle.linker_flag 
1 1 CA A LEU 3   ? ? C  A LEU 3   ? ? O   A LEU 3   ? ? 137.67 120.10 17.57 2.10 N 
2 1 CA A GLU 17  ? ? CB A GLU 17  ? ? CG  A GLU 17  ? ? 127.30 113.40 13.90 2.20 N 
3 1 CB A PHE 30  ? ? CG A PHE 30  ? ? CD1 A PHE 30  ? ? 116.41 120.80 -4.39 0.70 N 
4 1 CB A PHE 44  ? ? CG A PHE 44  ? ? CD1 A PHE 44  ? ? 116.27 120.80 -4.53 0.70 N 
5 1 CA A LYS 66  ? ? CB A LYS 66  ? ? CG  A LYS 66  ? A 131.82 113.40 18.42 2.20 N 
6 1 CA A GLU 79  ? ? CB A GLU 79  ? ? CG  A GLU 79  ? ? 128.00 113.40 14.60 2.20 N 
7 1 C  A GLU 79  ? ? N  A VAL 80  ? ? CA  A VAL 80  ? ? 138.46 121.70 16.76 2.50 Y 
8 1 CB A ASP 139 ? ? CG A ASP 139 ? ? OD1 A ASP 139 ? ? 124.10 118.30 5.80  0.90 N 
9 1 CB A ASP 150 ? ? CG A ASP 150 ? ? OD1 A ASP 150 ? ? 124.50 118.30 6.20  0.90 N 
# 
loop_
_pdbx_validate_torsion.id 
_pdbx_validate_torsion.PDB_model_num 
_pdbx_validate_torsion.auth_comp_id 
_pdbx_validate_torsion.auth_asym_id 
_pdbx_validate_torsion.auth_seq_id 
_pdbx_validate_torsion.PDB_ins_code 
_pdbx_validate_torsion.label_alt_id 
_pdbx_validate_torsion.phi 
_pdbx_validate_torsion.psi 
1 1 LEU A 3  ? ? 41.70   106.87 
2 1 LEU A 47 ? ? -108.56 -61.03 
3 1 LYS A 48 ? ? -48.57  152.45 
4 1 SER A 51 ? ? -74.11  -85.01 
# 
loop_
_pdbx_validate_main_chain_plane.id 
_pdbx_validate_main_chain_plane.PDB_model_num 
_pdbx_validate_main_chain_plane.auth_comp_id 
_pdbx_validate_main_chain_plane.auth_asym_id 
_pdbx_validate_main_chain_plane.auth_seq_id 
_pdbx_validate_main_chain_plane.PDB_ins_code 
_pdbx_validate_main_chain_plane.label_alt_id 
_pdbx_validate_main_chain_plane.improper_torsion_angle 
1 1 THR A 81  ? ? 12.90  
2 1 VAL A 84  ? ? -11.15 
3 1 PRO A 108 ? ? 14.10  
4 1 LYS A 125 ? ? -12.72 
# 
loop_
_chem_comp_atom.comp_id 
_chem_comp_atom.atom_id 
_chem_comp_atom.type_symbol 
_chem_comp_atom.pdbx_aromatic_flag 
_chem_comp_atom.pdbx_stereo_config 
_chem_comp_atom.pdbx_ordinal 
ALA N    N  N N 1   
ALA CA   C  N S 2   
ALA C    C  N N 3   
ALA O    O  N N 4   
ALA CB   C  N N 5   
ALA OXT  O  N N 6   
ALA H    H  N N 7   
ALA H2   H  N N 8   
ALA HA   H  N N 9   
ALA HB1  H  N N 10  
ALA HB2  H  N N 11  
ALA HB3  H  N N 12  
ALA HXT  H  N N 13  
ARG N    N  N N 14  
ARG CA   C  N S 15  
ARG C    C  N N 16  
ARG O    O  N N 17  
ARG CB   C  N N 18  
ARG CG   C  N N 19  
ARG CD   C  N N 20  
ARG NE   N  N N 21  
ARG CZ   C  N N 22  
ARG NH1  N  N N 23  
ARG NH2  N  N N 24  
ARG OXT  O  N N 25  
ARG H    H  N N 26  
ARG H2   H  N N 27  
ARG HA   H  N N 28  
ARG HB2  H  N N 29  
ARG HB3  H  N N 30  
ARG HG2  H  N N 31  
ARG HG3  H  N N 32  
ARG HD2  H  N N 33  
ARG HD3  H  N N 34  
ARG HE   H  N N 35  
ARG HH11 H  N N 36  
ARG HH12 H  N N 37  
ARG HH21 H  N N 38  
ARG HH22 H  N N 39  
ARG HXT  H  N N 40  
ASN N    N  N N 41  
ASN CA   C  N S 42  
ASN C    C  N N 43  
ASN O    O  N N 44  
ASN CB   C  N N 45  
ASN CG   C  N N 46  
ASN OD1  O  N N 47  
ASN ND2  N  N N 48  
ASN OXT  O  N N 49  
ASN H    H  N N 50  
ASN H2   H  N N 51  
ASN HA   H  N N 52  
ASN HB2  H  N N 53  
ASN HB3  H  N N 54  
ASN HD21 H  N N 55  
ASN HD22 H  N N 56  
ASN HXT  H  N N 57  
ASP N    N  N N 58  
ASP CA   C  N S 59  
ASP C    C  N N 60  
ASP O    O  N N 61  
ASP CB   C  N N 62  
ASP CG   C  N N 63  
ASP OD1  O  N N 64  
ASP OD2  O  N N 65  
ASP OXT  O  N N 66  
ASP H    H  N N 67  
ASP H2   H  N N 68  
ASP HA   H  N N 69  
ASP HB2  H  N N 70  
ASP HB3  H  N N 71  
ASP HD2  H  N N 72  
ASP HXT  H  N N 73  
GLN N    N  N N 74  
GLN CA   C  N S 75  
GLN C    C  N N 76  
GLN O    O  N N 77  
GLN CB   C  N N 78  
GLN CG   C  N N 79  
GLN CD   C  N N 80  
GLN OE1  O  N N 81  
GLN NE2  N  N N 82  
GLN OXT  O  N N 83  
GLN H    H  N N 84  
GLN H2   H  N N 85  
GLN HA   H  N N 86  
GLN HB2  H  N N 87  
GLN HB3  H  N N 88  
GLN HG2  H  N N 89  
GLN HG3  H  N N 90  
GLN HE21 H  N N 91  
GLN HE22 H  N N 92  
GLN HXT  H  N N 93  
GLU N    N  N N 94  
GLU CA   C  N S 95  
GLU C    C  N N 96  
GLU O    O  N N 97  
GLU CB   C  N N 98  
GLU CG   C  N N 99  
GLU CD   C  N N 100 
GLU OE1  O  N N 101 
GLU OE2  O  N N 102 
GLU OXT  O  N N 103 
GLU H    H  N N 104 
GLU H2   H  N N 105 
GLU HA   H  N N 106 
GLU HB2  H  N N 107 
GLU HB3  H  N N 108 
GLU HG2  H  N N 109 
GLU HG3  H  N N 110 
GLU HE2  H  N N 111 
GLU HXT  H  N N 112 
GLY N    N  N N 113 
GLY CA   C  N N 114 
GLY C    C  N N 115 
GLY O    O  N N 116 
GLY OXT  O  N N 117 
GLY H    H  N N 118 
GLY H2   H  N N 119 
GLY HA2  H  N N 120 
GLY HA3  H  N N 121 
GLY HXT  H  N N 122 
HEM CHA  C  N N 123 
HEM CHB  C  N N 124 
HEM CHC  C  N N 125 
HEM CHD  C  N N 126 
HEM C1A  C  Y N 127 
HEM C2A  C  Y N 128 
HEM C3A  C  Y N 129 
HEM C4A  C  Y N 130 
HEM CMA  C  N N 131 
HEM CAA  C  N N 132 
HEM CBA  C  N N 133 
HEM CGA  C  N N 134 
HEM O1A  O  N N 135 
HEM O2A  O  N N 136 
HEM C1B  C  N N 137 
HEM C2B  C  N N 138 
HEM C3B  C  N N 139 
HEM C4B  C  N N 140 
HEM CMB  C  N N 141 
HEM CAB  C  N N 142 
HEM CBB  C  N N 143 
HEM C1C  C  Y N 144 
HEM C2C  C  Y N 145 
HEM C3C  C  Y N 146 
HEM C4C  C  Y N 147 
HEM CMC  C  N N 148 
HEM CAC  C  N N 149 
HEM CBC  C  N N 150 
HEM C1D  C  N N 151 
HEM C2D  C  N N 152 
HEM C3D  C  N N 153 
HEM C4D  C  N N 154 
HEM CMD  C  N N 155 
HEM CAD  C  N N 156 
HEM CBD  C  N N 157 
HEM CGD  C  N N 158 
HEM O1D  O  N N 159 
HEM O2D  O  N N 160 
HEM NA   N  Y N 161 
HEM NB   N  N N 162 
HEM NC   N  Y N 163 
HEM ND   N  N N 164 
HEM FE   FE N N 165 
HEM HHB  H  N N 166 
HEM HHC  H  N N 167 
HEM HHD  H  N N 168 
HEM HMA  H  N N 169 
HEM HMAA H  N N 170 
HEM HMAB H  N N 171 
HEM HAA  H  N N 172 
HEM HAAA H  N N 173 
HEM HBA  H  N N 174 
HEM HBAA H  N N 175 
HEM HMB  H  N N 176 
HEM HMBA H  N N 177 
HEM HMBB H  N N 178 
HEM HAB  H  N N 179 
HEM HBB  H  N N 180 
HEM HBBA H  N N 181 
HEM HMC  H  N N 182 
HEM HMCA H  N N 183 
HEM HMCB H  N N 184 
HEM HAC  H  N N 185 
HEM HBC  H  N N 186 
HEM HBCA H  N N 187 
HEM HMD  H  N N 188 
HEM HMDA H  N N 189 
HEM HMDB H  N N 190 
HEM HAD  H  N N 191 
HEM HADA H  N N 192 
HEM HBD  H  N N 193 
HEM HBDA H  N N 194 
HEM H2A  H  N N 195 
HEM H2D  H  N N 196 
HEM HHA  H  N N 197 
HIS N    N  N N 198 
HIS CA   C  N S 199 
HIS C    C  N N 200 
HIS O    O  N N 201 
HIS CB   C  N N 202 
HIS CG   C  Y N 203 
HIS ND1  N  Y N 204 
HIS CD2  C  Y N 205 
HIS CE1  C  Y N 206 
HIS NE2  N  Y N 207 
HIS OXT  O  N N 208 
HIS H    H  N N 209 
HIS H2   H  N N 210 
HIS HA   H  N N 211 
HIS HB2  H  N N 212 
HIS HB3  H  N N 213 
HIS HD1  H  N N 214 
HIS HD2  H  N N 215 
HIS HE1  H  N N 216 
HIS HE2  H  N N 217 
HIS HXT  H  N N 218 
HOH O    O  N N 219 
HOH H1   H  N N 220 
HOH H2   H  N N 221 
ILE N    N  N N 222 
ILE CA   C  N S 223 
ILE C    C  N N 224 
ILE O    O  N N 225 
ILE CB   C  N S 226 
ILE CG1  C  N N 227 
ILE CG2  C  N N 228 
ILE CD1  C  N N 229 
ILE OXT  O  N N 230 
ILE H    H  N N 231 
ILE H2   H  N N 232 
ILE HA   H  N N 233 
ILE HB   H  N N 234 
ILE HG12 H  N N 235 
ILE HG13 H  N N 236 
ILE HG21 H  N N 237 
ILE HG22 H  N N 238 
ILE HG23 H  N N 239 
ILE HD11 H  N N 240 
ILE HD12 H  N N 241 
ILE HD13 H  N N 242 
ILE HXT  H  N N 243 
ISQ C1   C  Y N 244 
ISQ N2   N  Y N 245 
ISQ C3   C  Y N 246 
ISQ C4   C  Y N 247 
ISQ C4A  C  Y N 248 
ISQ C5   C  Y N 249 
ISQ C6   C  Y N 250 
ISQ C7   C  Y N 251 
ISQ C8   C  Y N 252 
ISQ C8A  C  Y N 253 
ISQ H1   H  N N 254 
ISQ H3   H  N N 255 
ISQ H4   H  N N 256 
ISQ H5   H  N N 257 
ISQ H6   H  N N 258 
ISQ H7   H  N N 259 
ISQ H8   H  N N 260 
LEU N    N  N N 261 
LEU CA   C  N S 262 
LEU C    C  N N 263 
LEU O    O  N N 264 
LEU CB   C  N N 265 
LEU CG   C  N N 266 
LEU CD1  C  N N 267 
LEU CD2  C  N N 268 
LEU OXT  O  N N 269 
LEU H    H  N N 270 
LEU H2   H  N N 271 
LEU HA   H  N N 272 
LEU HB2  H  N N 273 
LEU HB3  H  N N 274 
LEU HG   H  N N 275 
LEU HD11 H  N N 276 
LEU HD12 H  N N 277 
LEU HD13 H  N N 278 
LEU HD21 H  N N 279 
LEU HD22 H  N N 280 
LEU HD23 H  N N 281 
LEU HXT  H  N N 282 
LYS N    N  N N 283 
LYS CA   C  N S 284 
LYS C    C  N N 285 
LYS O    O  N N 286 
LYS CB   C  N N 287 
LYS CG   C  N N 288 
LYS CD   C  N N 289 
LYS CE   C  N N 290 
LYS NZ   N  N N 291 
LYS OXT  O  N N 292 
LYS H    H  N N 293 
LYS H2   H  N N 294 
LYS HA   H  N N 295 
LYS HB2  H  N N 296 
LYS HB3  H  N N 297 
LYS HG2  H  N N 298 
LYS HG3  H  N N 299 
LYS HD2  H  N N 300 
LYS HD3  H  N N 301 
LYS HE2  H  N N 302 
LYS HE3  H  N N 303 
LYS HZ1  H  N N 304 
LYS HZ2  H  N N 305 
LYS HZ3  H  N N 306 
LYS HXT  H  N N 307 
MET N    N  N N 308 
MET CA   C  N S 309 
MET C    C  N N 310 
MET O    O  N N 311 
MET CB   C  N N 312 
MET CG   C  N N 313 
MET SD   S  N N 314 
MET CE   C  N N 315 
MET OXT  O  N N 316 
MET H    H  N N 317 
MET H2   H  N N 318 
MET HA   H  N N 319 
MET HB2  H  N N 320 
MET HB3  H  N N 321 
MET HG2  H  N N 322 
MET HG3  H  N N 323 
MET HE1  H  N N 324 
MET HE2  H  N N 325 
MET HE3  H  N N 326 
MET HXT  H  N N 327 
PHE N    N  N N 328 
PHE CA   C  N S 329 
PHE C    C  N N 330 
PHE O    O  N N 331 
PHE CB   C  N N 332 
PHE CG   C  Y N 333 
PHE CD1  C  Y N 334 
PHE CD2  C  Y N 335 
PHE CE1  C  Y N 336 
PHE CE2  C  Y N 337 
PHE CZ   C  Y N 338 
PHE OXT  O  N N 339 
PHE H    H  N N 340 
PHE H2   H  N N 341 
PHE HA   H  N N 342 
PHE HB2  H  N N 343 
PHE HB3  H  N N 344 
PHE HD1  H  N N 345 
PHE HD2  H  N N 346 
PHE HE1  H  N N 347 
PHE HE2  H  N N 348 
PHE HZ   H  N N 349 
PHE HXT  H  N N 350 
PRO N    N  N N 351 
PRO CA   C  N S 352 
PRO C    C  N N 353 
PRO O    O  N N 354 
PRO CB   C  N N 355 
PRO CG   C  N N 356 
PRO CD   C  N N 357 
PRO OXT  O  N N 358 
PRO H    H  N N 359 
PRO HA   H  N N 360 
PRO HB2  H  N N 361 
PRO HB3  H  N N 362 
PRO HG2  H  N N 363 
PRO HG3  H  N N 364 
PRO HD2  H  N N 365 
PRO HD3  H  N N 366 
PRO HXT  H  N N 367 
SER N    N  N N 368 
SER CA   C  N S 369 
SER C    C  N N 370 
SER O    O  N N 371 
SER CB   C  N N 372 
SER OG   O  N N 373 
SER OXT  O  N N 374 
SER H    H  N N 375 
SER H2   H  N N 376 
SER HA   H  N N 377 
SER HB2  H  N N 378 
SER HB3  H  N N 379 
SER HG   H  N N 380 
SER HXT  H  N N 381 
THR N    N  N N 382 
THR CA   C  N S 383 
THR C    C  N N 384 
THR O    O  N N 385 
THR CB   C  N R 386 
THR OG1  O  N N 387 
THR CG2  C  N N 388 
THR OXT  O  N N 389 
THR H    H  N N 390 
THR H2   H  N N 391 
THR HA   H  N N 392 
THR HB   H  N N 393 
THR HG1  H  N N 394 
THR HG21 H  N N 395 
THR HG22 H  N N 396 
THR HG23 H  N N 397 
THR HXT  H  N N 398 
TRP N    N  N N 399 
TRP CA   C  N S 400 
TRP C    C  N N 401 
TRP O    O  N N 402 
TRP CB   C  N N 403 
TRP CG   C  Y N 404 
TRP CD1  C  Y N 405 
TRP CD2  C  Y N 406 
TRP NE1  N  Y N 407 
TRP CE2  C  Y N 408 
TRP CE3  C  Y N 409 
TRP CZ2  C  Y N 410 
TRP CZ3  C  Y N 411 
TRP CH2  C  Y N 412 
TRP OXT  O  N N 413 
TRP H    H  N N 414 
TRP H2   H  N N 415 
TRP HA   H  N N 416 
TRP HB2  H  N N 417 
TRP HB3  H  N N 418 
TRP HD1  H  N N 419 
TRP HE1  H  N N 420 
TRP HE3  H  N N 421 
TRP HZ2  H  N N 422 
TRP HZ3  H  N N 423 
TRP HH2  H  N N 424 
TRP HXT  H  N N 425 
TYR N    N  N N 426 
TYR CA   C  N S 427 
TYR C    C  N N 428 
TYR O    O  N N 429 
TYR CB   C  N N 430 
TYR CG   C  Y N 431 
TYR CD1  C  Y N 432 
TYR CD2  C  Y N 433 
TYR CE1  C  Y N 434 
TYR CE2  C  Y N 435 
TYR CZ   C  Y N 436 
TYR OH   O  N N 437 
TYR OXT  O  N N 438 
TYR H    H  N N 439 
TYR H2   H  N N 440 
TYR HA   H  N N 441 
TYR HB2  H  N N 442 
TYR HB3  H  N N 443 
TYR HD1  H  N N 444 
TYR HD2  H  N N 445 
TYR HE1  H  N N 446 
TYR HE2  H  N N 447 
TYR HH   H  N N 448 
TYR HXT  H  N N 449 
VAL N    N  N N 450 
VAL CA   C  N S 451 
VAL C    C  N N 452 
VAL O    O  N N 453 
VAL CB   C  N N 454 
VAL CG1  C  N N 455 
VAL CG2  C  N N 456 
VAL OXT  O  N N 457 
VAL H    H  N N 458 
VAL H2   H  N N 459 
VAL HA   H  N N 460 
VAL HB   H  N N 461 
VAL HG11 H  N N 462 
VAL HG12 H  N N 463 
VAL HG13 H  N N 464 
VAL HG21 H  N N 465 
VAL HG22 H  N N 466 
VAL HG23 H  N N 467 
VAL HXT  H  N N 468 
# 
loop_
_chem_comp_bond.comp_id 
_chem_comp_bond.atom_id_1 
_chem_comp_bond.atom_id_2 
_chem_comp_bond.value_order 
_chem_comp_bond.pdbx_aromatic_flag 
_chem_comp_bond.pdbx_stereo_config 
_chem_comp_bond.pdbx_ordinal 
ALA N   CA   sing N N 1   
ALA N   H    sing N N 2   
ALA N   H2   sing N N 3   
ALA CA  C    sing N N 4   
ALA CA  CB   sing N N 5   
ALA CA  HA   sing N N 6   
ALA C   O    doub N N 7   
ALA C   OXT  sing N N 8   
ALA CB  HB1  sing N N 9   
ALA CB  HB2  sing N N 10  
ALA CB  HB3  sing N N 11  
ALA OXT HXT  sing N N 12  
ARG N   CA   sing N N 13  
ARG N   H    sing N N 14  
ARG N   H2   sing N N 15  
ARG CA  C    sing N N 16  
ARG CA  CB   sing N N 17  
ARG CA  HA   sing N N 18  
ARG C   O    doub N N 19  
ARG C   OXT  sing N N 20  
ARG CB  CG   sing N N 21  
ARG CB  HB2  sing N N 22  
ARG CB  HB3  sing N N 23  
ARG CG  CD   sing N N 24  
ARG CG  HG2  sing N N 25  
ARG CG  HG3  sing N N 26  
ARG CD  NE   sing N N 27  
ARG CD  HD2  sing N N 28  
ARG CD  HD3  sing N N 29  
ARG NE  CZ   sing N N 30  
ARG NE  HE   sing N N 31  
ARG CZ  NH1  sing N N 32  
ARG CZ  NH2  doub N N 33  
ARG NH1 HH11 sing N N 34  
ARG NH1 HH12 sing N N 35  
ARG NH2 HH21 sing N N 36  
ARG NH2 HH22 sing N N 37  
ARG OXT HXT  sing N N 38  
ASN N   CA   sing N N 39  
ASN N   H    sing N N 40  
ASN N   H2   sing N N 41  
ASN CA  C    sing N N 42  
ASN CA  CB   sing N N 43  
ASN CA  HA   sing N N 44  
ASN C   O    doub N N 45  
ASN C   OXT  sing N N 46  
ASN CB  CG   sing N N 47  
ASN CB  HB2  sing N N 48  
ASN CB  HB3  sing N N 49  
ASN CG  OD1  doub N N 50  
ASN CG  ND2  sing N N 51  
ASN ND2 HD21 sing N N 52  
ASN ND2 HD22 sing N N 53  
ASN OXT HXT  sing N N 54  
ASP N   CA   sing N N 55  
ASP N   H    sing N N 56  
ASP N   H2   sing N N 57  
ASP CA  C    sing N N 58  
ASP CA  CB   sing N N 59  
ASP CA  HA   sing N N 60  
ASP C   O    doub N N 61  
ASP C   OXT  sing N N 62  
ASP CB  CG   sing N N 63  
ASP CB  HB2  sing N N 64  
ASP CB  HB3  sing N N 65  
ASP CG  OD1  doub N N 66  
ASP CG  OD2  sing N N 67  
ASP OD2 HD2  sing N N 68  
ASP OXT HXT  sing N N 69  
GLN N   CA   sing N N 70  
GLN N   H    sing N N 71  
GLN N   H2   sing N N 72  
GLN CA  C    sing N N 73  
GLN CA  CB   sing N N 74  
GLN CA  HA   sing N N 75  
GLN C   O    doub N N 76  
GLN C   OXT  sing N N 77  
GLN CB  CG   sing N N 78  
GLN CB  HB2  sing N N 79  
GLN CB  HB3  sing N N 80  
GLN CG  CD   sing N N 81  
GLN CG  HG2  sing N N 82  
GLN CG  HG3  sing N N 83  
GLN CD  OE1  doub N N 84  
GLN CD  NE2  sing N N 85  
GLN NE2 HE21 sing N N 86  
GLN NE2 HE22 sing N N 87  
GLN OXT HXT  sing N N 88  
GLU N   CA   sing N N 89  
GLU N   H    sing N N 90  
GLU N   H2   sing N N 91  
GLU CA  C    sing N N 92  
GLU CA  CB   sing N N 93  
GLU CA  HA   sing N N 94  
GLU C   O    doub N N 95  
GLU C   OXT  sing N N 96  
GLU CB  CG   sing N N 97  
GLU CB  HB2  sing N N 98  
GLU CB  HB3  sing N N 99  
GLU CG  CD   sing N N 100 
GLU CG  HG2  sing N N 101 
GLU CG  HG3  sing N N 102 
GLU CD  OE1  doub N N 103 
GLU CD  OE2  sing N N 104 
GLU OE2 HE2  sing N N 105 
GLU OXT HXT  sing N N 106 
GLY N   CA   sing N N 107 
GLY N   H    sing N N 108 
GLY N   H2   sing N N 109 
GLY CA  C    sing N N 110 
GLY CA  HA2  sing N N 111 
GLY CA  HA3  sing N N 112 
GLY C   O    doub N N 113 
GLY C   OXT  sing N N 114 
GLY OXT HXT  sing N N 115 
HEM CHA C1A  sing N N 116 
HEM CHA C4D  doub N N 117 
HEM CHA HHA  sing N N 118 
HEM CHB C4A  sing N N 119 
HEM CHB C1B  doub N N 120 
HEM CHB HHB  sing N N 121 
HEM CHC C4B  sing N N 122 
HEM CHC C1C  doub N N 123 
HEM CHC HHC  sing N N 124 
HEM CHD C4C  doub N N 125 
HEM CHD C1D  sing N N 126 
HEM CHD HHD  sing N N 127 
HEM C1A C2A  doub Y N 128 
HEM C1A NA   sing Y N 129 
HEM C2A C3A  sing Y N 130 
HEM C2A CAA  sing N N 131 
HEM C3A C4A  doub Y N 132 
HEM C3A CMA  sing N N 133 
HEM C4A NA   sing Y N 134 
HEM CMA HMA  sing N N 135 
HEM CMA HMAA sing N N 136 
HEM CMA HMAB sing N N 137 
HEM CAA CBA  sing N N 138 
HEM CAA HAA  sing N N 139 
HEM CAA HAAA sing N N 140 
HEM CBA CGA  sing N N 141 
HEM CBA HBA  sing N N 142 
HEM CBA HBAA sing N N 143 
HEM CGA O1A  doub N N 144 
HEM CGA O2A  sing N N 145 
HEM C1B C2B  sing N N 146 
HEM C1B NB   sing N N 147 
HEM C2B C3B  doub N N 148 
HEM C2B CMB  sing N N 149 
HEM C3B C4B  sing N N 150 
HEM C3B CAB  sing N N 151 
HEM C4B NB   doub N N 152 
HEM CMB HMB  sing N N 153 
HEM CMB HMBA sing N N 154 
HEM CMB HMBB sing N N 155 
HEM CAB CBB  doub N N 156 
HEM CAB HAB  sing N N 157 
HEM CBB HBB  sing N N 158 
HEM CBB HBBA sing N N 159 
HEM C1C C2C  sing Y N 160 
HEM C1C NC   sing Y N 161 
HEM C2C C3C  doub Y N 162 
HEM C2C CMC  sing N N 163 
HEM C3C C4C  sing Y N 164 
HEM C3C CAC  sing N N 165 
HEM C4C NC   sing Y N 166 
HEM CMC HMC  sing N N 167 
HEM CMC HMCA sing N N 168 
HEM CMC HMCB sing N N 169 
HEM CAC CBC  doub N N 170 
HEM CAC HAC  sing N N 171 
HEM CBC HBC  sing N N 172 
HEM CBC HBCA sing N N 173 
HEM C1D C2D  sing N N 174 
HEM C1D ND   doub N N 175 
HEM C2D C3D  doub N N 176 
HEM C2D CMD  sing N N 177 
HEM C3D C4D  sing N N 178 
HEM C3D CAD  sing N N 179 
HEM C4D ND   sing N N 180 
HEM CMD HMD  sing N N 181 
HEM CMD HMDA sing N N 182 
HEM CMD HMDB sing N N 183 
HEM CAD CBD  sing N N 184 
HEM CAD HAD  sing N N 185 
HEM CAD HADA sing N N 186 
HEM CBD CGD  sing N N 187 
HEM CBD HBD  sing N N 188 
HEM CBD HBDA sing N N 189 
HEM CGD O1D  doub N N 190 
HEM CGD O2D  sing N N 191 
HEM O2A H2A  sing N N 192 
HEM O2D H2D  sing N N 193 
HEM FE  NA   sing N N 194 
HEM FE  NB   sing N N 195 
HEM FE  NC   sing N N 196 
HEM FE  ND   sing N N 197 
HIS N   CA   sing N N 198 
HIS N   H    sing N N 199 
HIS N   H2   sing N N 200 
HIS CA  C    sing N N 201 
HIS CA  CB   sing N N 202 
HIS CA  HA   sing N N 203 
HIS C   O    doub N N 204 
HIS C   OXT  sing N N 205 
HIS CB  CG   sing N N 206 
HIS CB  HB2  sing N N 207 
HIS CB  HB3  sing N N 208 
HIS CG  ND1  sing Y N 209 
HIS CG  CD2  doub Y N 210 
HIS ND1 CE1  doub Y N 211 
HIS ND1 HD1  sing N N 212 
HIS CD2 NE2  sing Y N 213 
HIS CD2 HD2  sing N N 214 
HIS CE1 NE2  sing Y N 215 
HIS CE1 HE1  sing N N 216 
HIS NE2 HE2  sing N N 217 
HIS OXT HXT  sing N N 218 
HOH O   H1   sing N N 219 
HOH O   H2   sing N N 220 
ILE N   CA   sing N N 221 
ILE N   H    sing N N 222 
ILE N   H2   sing N N 223 
ILE CA  C    sing N N 224 
ILE CA  CB   sing N N 225 
ILE CA  HA   sing N N 226 
ILE C   O    doub N N 227 
ILE C   OXT  sing N N 228 
ILE CB  CG1  sing N N 229 
ILE CB  CG2  sing N N 230 
ILE CB  HB   sing N N 231 
ILE CG1 CD1  sing N N 232 
ILE CG1 HG12 sing N N 233 
ILE CG1 HG13 sing N N 234 
ILE CG2 HG21 sing N N 235 
ILE CG2 HG22 sing N N 236 
ILE CG2 HG23 sing N N 237 
ILE CD1 HD11 sing N N 238 
ILE CD1 HD12 sing N N 239 
ILE CD1 HD13 sing N N 240 
ILE OXT HXT  sing N N 241 
ISQ C1  N2   doub Y N 242 
ISQ C1  C8A  sing Y N 243 
ISQ C1  H1   sing N N 244 
ISQ N2  C3   sing Y N 245 
ISQ C3  C4   doub Y N 246 
ISQ C3  H3   sing N N 247 
ISQ C4  C4A  sing Y N 248 
ISQ C4  H4   sing N N 249 
ISQ C4A C5   doub Y N 250 
ISQ C4A C8A  sing Y N 251 
ISQ C5  C6   sing Y N 252 
ISQ C5  H5   sing N N 253 
ISQ C6  C7   doub Y N 254 
ISQ C6  H6   sing N N 255 
ISQ C7  C8   sing Y N 256 
ISQ C7  H7   sing N N 257 
ISQ C8  C8A  doub Y N 258 
ISQ C8  H8   sing N N 259 
LEU N   CA   sing N N 260 
LEU N   H    sing N N 261 
LEU N   H2   sing N N 262 
LEU CA  C    sing N N 263 
LEU CA  CB   sing N N 264 
LEU CA  HA   sing N N 265 
LEU C   O    doub N N 266 
LEU C   OXT  sing N N 267 
LEU CB  CG   sing N N 268 
LEU CB  HB2  sing N N 269 
LEU CB  HB3  sing N N 270 
LEU CG  CD1  sing N N 271 
LEU CG  CD2  sing N N 272 
LEU CG  HG   sing N N 273 
LEU CD1 HD11 sing N N 274 
LEU CD1 HD12 sing N N 275 
LEU CD1 HD13 sing N N 276 
LEU CD2 HD21 sing N N 277 
LEU CD2 HD22 sing N N 278 
LEU CD2 HD23 sing N N 279 
LEU OXT HXT  sing N N 280 
LYS N   CA   sing N N 281 
LYS N   H    sing N N 282 
LYS N   H2   sing N N 283 
LYS CA  C    sing N N 284 
LYS CA  CB   sing N N 285 
LYS CA  HA   sing N N 286 
LYS C   O    doub N N 287 
LYS C   OXT  sing N N 288 
LYS CB  CG   sing N N 289 
LYS CB  HB2  sing N N 290 
LYS CB  HB3  sing N N 291 
LYS CG  CD   sing N N 292 
LYS CG  HG2  sing N N 293 
LYS CG  HG3  sing N N 294 
LYS CD  CE   sing N N 295 
LYS CD  HD2  sing N N 296 
LYS CD  HD3  sing N N 297 
LYS CE  NZ   sing N N 298 
LYS CE  HE2  sing N N 299 
LYS CE  HE3  sing N N 300 
LYS NZ  HZ1  sing N N 301 
LYS NZ  HZ2  sing N N 302 
LYS NZ  HZ3  sing N N 303 
LYS OXT HXT  sing N N 304 
MET N   CA   sing N N 305 
MET N   H    sing N N 306 
MET N   H2   sing N N 307 
MET CA  C    sing N N 308 
MET CA  CB   sing N N 309 
MET CA  HA   sing N N 310 
MET C   O    doub N N 311 
MET C   OXT  sing N N 312 
MET CB  CG   sing N N 313 
MET CB  HB2  sing N N 314 
MET CB  HB3  sing N N 315 
MET CG  SD   sing N N 316 
MET CG  HG2  sing N N 317 
MET CG  HG3  sing N N 318 
MET SD  CE   sing N N 319 
MET CE  HE1  sing N N 320 
MET CE  HE2  sing N N 321 
MET CE  HE3  sing N N 322 
MET OXT HXT  sing N N 323 
PHE N   CA   sing N N 324 
PHE N   H    sing N N 325 
PHE N   H2   sing N N 326 
PHE CA  C    sing N N 327 
PHE CA  CB   sing N N 328 
PHE CA  HA   sing N N 329 
PHE C   O    doub N N 330 
PHE C   OXT  sing N N 331 
PHE CB  CG   sing N N 332 
PHE CB  HB2  sing N N 333 
PHE CB  HB3  sing N N 334 
PHE CG  CD1  doub Y N 335 
PHE CG  CD2  sing Y N 336 
PHE CD1 CE1  sing Y N 337 
PHE CD1 HD1  sing N N 338 
PHE CD2 CE2  doub Y N 339 
PHE CD2 HD2  sing N N 340 
PHE CE1 CZ   doub Y N 341 
PHE CE1 HE1  sing N N 342 
PHE CE2 CZ   sing Y N 343 
PHE CE2 HE2  sing N N 344 
PHE CZ  HZ   sing N N 345 
PHE OXT HXT  sing N N 346 
PRO N   CA   sing N N 347 
PRO N   CD   sing N N 348 
PRO N   H    sing N N 349 
PRO CA  C    sing N N 350 
PRO CA  CB   sing N N 351 
PRO CA  HA   sing N N 352 
PRO C   O    doub N N 353 
PRO C   OXT  sing N N 354 
PRO CB  CG   sing N N 355 
PRO CB  HB2  sing N N 356 
PRO CB  HB3  sing N N 357 
PRO CG  CD   sing N N 358 
PRO CG  HG2  sing N N 359 
PRO CG  HG3  sing N N 360 
PRO CD  HD2  sing N N 361 
PRO CD  HD3  sing N N 362 
PRO OXT HXT  sing N N 363 
SER N   CA   sing N N 364 
SER N   H    sing N N 365 
SER N   H2   sing N N 366 
SER CA  C    sing N N 367 
SER CA  CB   sing N N 368 
SER CA  HA   sing N N 369 
SER C   O    doub N N 370 
SER C   OXT  sing N N 371 
SER CB  OG   sing N N 372 
SER CB  HB2  sing N N 373 
SER CB  HB3  sing N N 374 
SER OG  HG   sing N N 375 
SER OXT HXT  sing N N 376 
THR N   CA   sing N N 377 
THR N   H    sing N N 378 
THR N   H2   sing N N 379 
THR CA  C    sing N N 380 
THR CA  CB   sing N N 381 
THR CA  HA   sing N N 382 
THR C   O    doub N N 383 
THR C   OXT  sing N N 384 
THR CB  OG1  sing N N 385 
THR CB  CG2  sing N N 386 
THR CB  HB   sing N N 387 
THR OG1 HG1  sing N N 388 
THR CG2 HG21 sing N N 389 
THR CG2 HG22 sing N N 390 
THR CG2 HG23 sing N N 391 
THR OXT HXT  sing N N 392 
TRP N   CA   sing N N 393 
TRP N   H    sing N N 394 
TRP N   H2   sing N N 395 
TRP CA  C    sing N N 396 
TRP CA  CB   sing N N 397 
TRP CA  HA   sing N N 398 
TRP C   O    doub N N 399 
TRP C   OXT  sing N N 400 
TRP CB  CG   sing N N 401 
TRP CB  HB2  sing N N 402 
TRP CB  HB3  sing N N 403 
TRP CG  CD1  doub Y N 404 
TRP CG  CD2  sing Y N 405 
TRP CD1 NE1  sing Y N 406 
TRP CD1 HD1  sing N N 407 
TRP CD2 CE2  doub Y N 408 
TRP CD2 CE3  sing Y N 409 
TRP NE1 CE2  sing Y N 410 
TRP NE1 HE1  sing N N 411 
TRP CE2 CZ2  sing Y N 412 
TRP CE3 CZ3  doub Y N 413 
TRP CE3 HE3  sing N N 414 
TRP CZ2 CH2  doub Y N 415 
TRP CZ2 HZ2  sing N N 416 
TRP CZ3 CH2  sing Y N 417 
TRP CZ3 HZ3  sing N N 418 
TRP CH2 HH2  sing N N 419 
TRP OXT HXT  sing N N 420 
TYR N   CA   sing N N 421 
TYR N   H    sing N N 422 
TYR N   H2   sing N N 423 
TYR CA  C    sing N N 424 
TYR CA  CB   sing N N 425 
TYR CA  HA   sing N N 426 
TYR C   O    doub N N 427 
TYR C   OXT  sing N N 428 
TYR CB  CG   sing N N 429 
TYR CB  HB2  sing N N 430 
TYR CB  HB3  sing N N 431 
TYR CG  CD1  doub Y N 432 
TYR CG  CD2  sing Y N 433 
TYR CD1 CE1  sing Y N 434 
TYR CD1 HD1  sing N N 435 
TYR CD2 CE2  doub Y N 436 
TYR CD2 HD2  sing N N 437 
TYR CE1 CZ   doub Y N 438 
TYR CE1 HE1  sing N N 439 
TYR CE2 CZ   sing Y N 440 
TYR CE2 HE2  sing N N 441 
TYR CZ  OH   sing N N 442 
TYR OH  HH   sing N N 443 
TYR OXT HXT  sing N N 444 
VAL N   CA   sing N N 445 
VAL N   H    sing N N 446 
VAL N   H2   sing N N 447 
VAL CA  C    sing N N 448 
VAL CA  CB   sing N N 449 
VAL CA  HA   sing N N 450 
VAL C   O    doub N N 451 
VAL C   OXT  sing N N 452 
VAL CB  CG1  sing N N 453 
VAL CB  CG2  sing N N 454 
VAL CB  HB   sing N N 455 
VAL CG1 HG11 sing N N 456 
VAL CG1 HG12 sing N N 457 
VAL CG1 HG13 sing N N 458 
VAL CG2 HG21 sing N N 459 
VAL CG2 HG22 sing N N 460 
VAL CG2 HG23 sing N N 461 
VAL OXT HXT  sing N N 462 
# 
_atom_sites.entry_id                    1GDK 
_atom_sites.fract_transf_matrix[1][1]   -0.00169529 
_atom_sites.fract_transf_matrix[1][2]   -0.00228706 
_atom_sites.fract_transf_matrix[1][3]   0.01051354 
_atom_sites.fract_transf_matrix[2][1]   0.01877176 
_atom_sites.fract_transf_matrix[2][2]   -0.00367277 
_atom_sites.fract_transf_matrix[2][3]   0.00222796 
_atom_sites.fract_transf_matrix[3][1]   0.00354894 
_atom_sites.fract_transf_matrix[3][2]   0.02422661 
_atom_sites.fract_transf_matrix[3][3]   0.01003562 
_atom_sites.fract_transf_vector[1]      0.284184 
_atom_sites.fract_transf_vector[2]      -0.570127 
_atom_sites.fract_transf_vector[3]      0.809564 
# 
loop_
_atom_type.symbol 
C  
FE 
N  
O  
S  
# 
loop_
_atom_site.group_PDB 
_atom_site.id 
_atom_site.type_symbol 
_atom_site.label_atom_id 
_atom_site.label_alt_id 
_atom_site.label_comp_id 
_atom_site.label_asym_id 
_atom_site.label_entity_id 
_atom_site.label_seq_id 
_atom_site.pdbx_PDB_ins_code 
_atom_site.Cartn_x 
_atom_site.Cartn_y 
_atom_site.Cartn_z 
_atom_site.occupancy 
_atom_site.B_iso_or_equiv 
_atom_site.pdbx_formal_charge 
_atom_site.auth_seq_id 
_atom_site.auth_comp_id 
_atom_site.auth_asym_id 
_atom_site.auth_atom_id 
_atom_site.pdbx_PDB_model_num 
ATOM   1    N  N   . GLY A 1 1   ? -0.493  14.265  12.802  1.00 46.70 ? 1   GLY A N   1 
ATOM   2    C  CA  . GLY A 1 1   ? 0.458   13.316  13.454  1.00 51.17 ? 1   GLY A CA  1 
ATOM   3    C  C   . GLY A 1 1   ? 1.878   13.511  12.930  1.00 50.46 ? 1   GLY A C   1 
ATOM   4    O  O   . GLY A 1 1   ? 2.843   13.672  13.723  1.00 53.63 ? 1   GLY A O   1 
ATOM   5    N  N   . ALA A 1 2   ? 2.060   13.351  11.614  1.00 48.79 ? 2   ALA A N   1 
ATOM   6    C  CA  . ALA A 1 2   ? 3.340   13.519  10.921  1.00 39.85 ? 2   ALA A CA  1 
ATOM   7    C  C   . ALA A 1 2   ? 4.398   12.653  11.562  1.00 34.56 ? 2   ALA A C   1 
ATOM   8    O  O   . ALA A 1 2   ? 5.591   12.967  11.632  1.00 37.48 ? 2   ALA A O   1 
ATOM   9    C  CB  . ALA A 1 2   ? 3.675   15.022  10.923  1.00 42.60 ? 2   ALA A CB  1 
ATOM   10   N  N   . LEU A 1 3   ? 3.989   11.560  12.074  1.00 30.89 ? 3   LEU A N   1 
ATOM   11   C  CA  . LEU A 1 3   ? 4.601   10.480  12.794  1.00 26.48 ? 3   LEU A CA  1 
ATOM   12   C  C   . LEU A 1 3   ? 5.632   10.864  13.854  1.00 25.89 ? 3   LEU A C   1 
ATOM   13   O  O   . LEU A 1 3   ? 6.818   11.162  13.897  1.00 19.07 ? 3   LEU A O   1 
ATOM   14   C  CB  . LEU A 1 3   ? 5.054   9.493   11.671  1.00 26.64 ? 3   LEU A CB  1 
ATOM   15   C  CG  . LEU A 1 3   ? 3.893   8.612   11.180  1.00 24.73 ? 3   LEU A CG  1 
ATOM   16   C  CD1 . LEU A 1 3   ? 2.559   9.296   11.094  1.00 21.61 ? 3   LEU A CD1 1 
ATOM   17   C  CD2 . LEU A 1 3   ? 4.245   8.158   9.762   1.00 21.15 ? 3   LEU A CD2 1 
ATOM   18   N  N   . THR A 1 4   ? 4.992   10.635  15.054  1.00 22.10 ? 4   THR A N   1 
ATOM   19   C  CA  . THR A 1 4   ? 5.581   10.664  16.358  1.00 22.53 ? 4   THR A CA  1 
ATOM   20   C  C   . THR A 1 4   ? 6.198   9.276   16.523  1.00 21.49 ? 4   THR A C   1 
ATOM   21   O  O   . THR A 1 4   ? 5.603   8.339   15.946  1.00 23.53 ? 4   THR A O   1 
ATOM   22   C  CB  . THR A 1 4   ? 4.537   10.978  17.483  1.00 21.15 ? 4   THR A CB  1 
ATOM   23   O  OG1 . THR A 1 4   ? 3.706   9.784   17.619  1.00 25.01 ? 4   THR A OG1 1 
ATOM   24   C  CG2 . THR A 1 4   ? 3.655   12.201  17.190  1.00 20.97 ? 4   THR A CG2 1 
ATOM   25   N  N   . GLU A 1 5   ? 7.222   9.099   17.291  1.00 22.68 ? 5   GLU A N   1 
ATOM   26   C  CA  . GLU A 1 5   ? 7.860   7.816   17.522  1.00 22.24 ? 5   GLU A CA  1 
ATOM   27   C  C   . GLU A 1 5   ? 6.901   6.724   17.899  1.00 22.21 ? 5   GLU A C   1 
ATOM   28   O  O   . GLU A 1 5   ? 7.193   5.550   17.564  1.00 20.97 ? 5   GLU A O   1 
ATOM   29   C  CB  . GLU A 1 5   ? 8.922   7.872   18.650  1.00 31.85 ? 5   GLU A CB  1 
ATOM   30   C  CG  . GLU A 1 5   ? 9.597   6.496   18.883  1.00 39.78 ? 5   GLU A CG  1 
ATOM   31   C  CD  . GLU A 1 5   ? 10.864  6.554   19.680  1.00 46.13 ? 5   GLU A CD  1 
ATOM   32   O  OE1 . GLU A 1 5   ? 11.925  6.916   19.154  1.00 48.95 ? 5   GLU A OE1 1 
ATOM   33   O  OE2 . GLU A 1 5   ? 10.710  6.228   20.888  1.00 46.53 ? 5   GLU A OE2 1 
ATOM   34   N  N   . SER A 1 6   ? 5.817   7.030   18.573  1.00 23.36 ? 6   SER A N   1 
ATOM   35   C  CA  . SER A 1 6   ? 4.797   6.045   18.978  1.00 19.41 ? 6   SER A CA  1 
ATOM   36   C  C   . SER A 1 6   ? 3.920   5.674   17.786  1.00 19.73 ? 6   SER A C   1 
ATOM   37   O  O   . SER A 1 6   ? 3.670   4.442   17.682  1.00 24.14 ? 6   SER A O   1 
ATOM   38   C  CB  . SER A 1 6   ? 3.939   6.513   20.157  1.00 18.64 ? 6   SER A CB  1 
ATOM   39   O  OG  . SER A 1 6   ? 3.030   7.522   19.734  1.00 24.07 ? 6   SER A OG  1 
ATOM   40   N  N   . GLN A 1 7   ? 3.585   6.577   16.853  1.00 19.83 ? 7   GLN A N   1 
ATOM   41   C  CA  . GLN A 1 7   ? 2.785   6.190   15.662  1.00 17.82 ? 7   GLN A CA  1 
ATOM   42   C  C   . GLN A 1 7   ? 3.595   5.238   14.749  1.00 15.34 ? 7   GLN A C   1 
ATOM   43   O  O   . GLN A 1 7   ? 3.028   4.340   14.114  1.00 16.52 ? 7   GLN A O   1 
ATOM   44   C  CB  . GLN A 1 7   ? 2.278   7.343   14.808  1.00 16.54 ? 7   GLN A CB  1 
ATOM   45   C  CG  . GLN A 1 7   ? 1.103   8.137   15.370  1.00 20.97 ? 7   GLN A CG  1 
ATOM   46   C  CD  . GLN A 1 7   ? 0.917   9.461   14.648  1.00 23.57 ? 7   GLN A CD  1 
ATOM   47   O  OE1 . GLN A 1 7   ? 1.863   10.231  14.442  1.00 20.98 ? 7   GLN A OE1 1 
ATOM   48   N  NE2 . GLN A 1 7   ? -0.335  9.704   14.216  1.00 25.29 ? 7   GLN A NE2 1 
ATOM   49   N  N   . ALA A 1 8   ? 4.846   5.498   14.682  1.00 15.50 ? 8   ALA A N   1 
ATOM   50   C  CA  . ALA A 1 8   ? 5.852   4.807   13.908  1.00 14.01 ? 8   ALA A CA  1 
ATOM   51   C  C   . ALA A 1 8   ? 6.055   3.428   14.508  1.00 12.04 ? 8   ALA A C   1 
ATOM   52   O  O   . ALA A 1 8   ? 6.226   2.484   13.733  1.00 14.88 ? 8   ALA A O   1 
ATOM   53   C  CB  . ALA A 1 8   ? 7.152   5.606   13.819  1.00 9.45  ? 8   ALA A CB  1 
ATOM   54   N  N   . ALA A 1 9   ? 5.994   3.235   15.793  1.00 17.05 ? 9   ALA A N   1 
ATOM   55   C  CA  . ALA A 1 9   ? 6.143   1.997   16.525  1.00 9.63  ? 9   ALA A CA  1 
ATOM   56   C  C   . ALA A 1 9   ? 4.943   1.064   16.275  1.00 14.49 ? 9   ALA A C   1 
ATOM   57   O  O   . ALA A 1 9   ? 5.028   -0.153  16.068  1.00 14.20 ? 9   ALA A O   1 
ATOM   58   C  CB  . ALA A 1 9   ? 6.270   2.277   18.019  1.00 15.22 ? 9   ALA A CB  1 
ATOM   59   N  N   . LEU A 1 10  ? 3.812   1.712   16.267  1.00 13.03 ? 10  LEU A N   1 
ATOM   60   C  CA  . LEU A 1 10  ? 2.518   1.159   16.011  1.00 14.33 ? 10  LEU A CA  1 
ATOM   61   C  C   . LEU A 1 10  ? 2.452   0.689   14.561  1.00 13.85 ? 10  LEU A C   1 
ATOM   62   O  O   . LEU A 1 10  ? 1.852   -0.351  14.313  1.00 7.41  ? 10  LEU A O   1 
ATOM   63   C  CB  . LEU A 1 10  ? 1.482   2.216   16.390  1.00 13.62 ? 10  LEU A CB  1 
ATOM   64   C  CG  . LEU A 1 10  ? 1.020   2.427   17.782  1.00 11.40 ? 10  LEU A CG  1 
ATOM   65   C  CD1 . LEU A 1 10  ? -0.128  3.411   17.896  1.00 13.62 ? 10  LEU A CD1 1 
ATOM   66   C  CD2 . LEU A 1 10  ? 0.454   1.084   18.300  1.00 14.57 ? 10  LEU A CD2 1 
ATOM   67   N  N   . VAL A 1 11  ? 2.946   1.529   13.616  1.00 15.31 ? 11  VAL A N   1 
ATOM   68   C  CA  . VAL A 1 11  ? 2.926   1.073   12.188  1.00 13.65 ? 11  VAL A CA  1 
ATOM   69   C  C   . VAL A 1 11  ? 3.899   -0.112  12.030  1.00 14.81 ? 11  VAL A C   1 
ATOM   70   O  O   . VAL A 1 11  ? 3.639   -1.085  11.281  1.00 13.40 ? 11  VAL A O   1 
ATOM   71   C  CB  . VAL A 1 11  ? 3.170   2.226   11.225  1.00 11.31 ? 11  VAL A CB  1 
ATOM   72   C  CG1 . VAL A 1 11  ? 3.592   1.702   9.793   1.00 14.58 ? 11  VAL A CG1 1 
ATOM   73   C  CG2 . VAL A 1 11  ? 2.013   3.187   11.084  1.00 11.92 ? 11  VAL A CG2 1 
ATOM   74   N  N   . LYS A 1 12  ? 5.069   -0.077  12.628  1.00 16.04 ? 12  LYS A N   1 
ATOM   75   C  CA  . LYS A 1 12  ? 6.068   -1.140  12.552  1.00 15.43 ? 12  LYS A CA  1 
ATOM   76   C  C   . LYS A 1 12  ? 5.548   -2.463  13.074  1.00 16.21 ? 12  LYS A C   1 
ATOM   77   O  O   . LYS A 1 12  ? 5.784   -3.481  12.374  1.00 15.06 ? 12  LYS A O   1 
ATOM   78   C  CB  . LYS A 1 12  ? 7.375   -0.757  13.285  1.00 20.43 ? 12  LYS A CB  1 
ATOM   79   C  CG  . LYS A 1 12  ? 8.332   -1.949  13.359  1.00 19.90 ? 12  LYS A CG  1 
ATOM   80   C  CD  . LYS A 1 12  ? 9.782   -1.539  13.479  1.00 25.01 ? 12  LYS A CD  1 
ATOM   81   C  CE  . LYS A 1 12  ? 10.665  -2.677  13.991  1.00 33.01 ? 12  LYS A CE  1 
ATOM   82   N  NZ  . LYS A 1 12  ? 12.083  -2.425  13.646  1.00 37.06 ? 12  LYS A NZ  1 
ATOM   83   N  N   . SER A 1 13  ? 4.793   -2.491  14.128  1.00 15.25 ? 13  SER A N   1 
ATOM   84   C  CA  . SER A 1 13  ? 4.133   -3.591  14.771  1.00 15.74 ? 13  SER A CA  1 
ATOM   85   C  C   . SER A 1 13  ? 3.045   -4.266  13.917  1.00 11.22 ? 13  SER A C   1 
ATOM   86   O  O   . SER A 1 13  ? 3.061   -5.503  13.897  1.00 13.48 ? 13  SER A O   1 
ATOM   87   C  CB  . SER A 1 13  ? 3.392   -3.235  16.078  1.00 16.04 ? 13  SER A CB  1 
ATOM   88   O  OG  . SER A 1 13  ? 4.300   -3.266  17.158  1.00 24.99 ? 13  SER A OG  1 
ATOM   89   N  N   . SER A 1 14  ? 2.139   -3.478  13.401  1.00 13.38 ? 14  SER A N   1 
ATOM   90   C  CA  . SER A 1 14  ? 1.058   -4.048  12.538  1.00 10.45 ? 14  SER A CA  1 
ATOM   91   C  C   . SER A 1 14  ? 1.646   -4.615  11.238  1.00 2.59  ? 14  SER A C   1 
ATOM   92   O  O   . SER A 1 14  ? 0.983   -5.426  10.558  1.00 5.68  ? 14  SER A O   1 
ATOM   93   C  CB  . SER A 1 14  ? -0.024  -2.999  12.337  1.00 11.14 ? 14  SER A CB  1 
ATOM   94   O  OG  . SER A 1 14  ? 0.531   -1.779  11.906  1.00 19.04 ? 14  SER A OG  1 
ATOM   95   N  N   . TRP A 1 15  ? 2.775   -4.146  10.828  1.00 7.18  ? 15  TRP A N   1 
ATOM   96   C  CA  . TRP A 1 15  ? 3.466   -4.510  9.587   1.00 11.57 ? 15  TRP A CA  1 
ATOM   97   C  C   . TRP A 1 15  ? 4.077   -5.865  9.760   1.00 7.33  ? 15  TRP A C   1 
ATOM   98   O  O   . TRP A 1 15  ? 3.899   -6.806  8.994   1.00 11.32 ? 15  TRP A O   1 
ATOM   99   C  CB  . TRP A 1 15  ? 4.441   -3.357  9.192   1.00 9.79  ? 15  TRP A CB  1 
ATOM   100  C  CG  . TRP A 1 15  ? 5.283   -3.883  8.048   1.00 10.73 ? 15  TRP A CG  1 
ATOM   101  C  CD1 . TRP A 1 15  ? 4.921   -4.106  6.742   1.00 10.98 ? 15  TRP A CD1 1 
ATOM   102  C  CD2 . TRP A 1 15  ? 6.592   -4.432  8.244   1.00 9.32  ? 15  TRP A CD2 1 
ATOM   103  N  NE1 . TRP A 1 15  ? 5.932   -4.850  6.115   1.00 13.24 ? 15  TRP A NE1 1 
ATOM   104  C  CE2 . TRP A 1 15  ? 6.941   -5.049  7.030   1.00 15.60 ? 15  TRP A CE2 1 
ATOM   105  C  CE3 . TRP A 1 15  ? 7.426   -4.547  9.323   1.00 18.34 ? 15  TRP A CE3 1 
ATOM   106  C  CZ2 . TRP A 1 15  ? 8.160   -5.690  6.901   1.00 17.85 ? 15  TRP A CZ2 1 
ATOM   107  C  CZ3 . TRP A 1 15  ? 8.633   -5.201  9.226   1.00 19.07 ? 15  TRP A CZ3 1 
ATOM   108  C  CH2 . TRP A 1 15  ? 8.995   -5.719  7.999   1.00 21.94 ? 15  TRP A CH2 1 
ATOM   109  N  N   . GLU A 1 16  ? 4.600   -6.113  10.976  1.00 15.12 ? 16  GLU A N   1 
ATOM   110  C  CA  . GLU A 1 16  ? 5.161   -7.499  11.206  1.00 15.24 ? 16  GLU A CA  1 
ATOM   111  C  C   . GLU A 1 16  ? 4.073   -8.522  11.298  1.00 14.53 ? 16  GLU A C   1 
ATOM   112  O  O   . GLU A 1 16  ? 4.233   -9.669  10.845  1.00 14.21 ? 16  GLU A O   1 
ATOM   113  C  CB  . GLU A 1 16  ? 6.049   -7.521  12.448  1.00 14.77 ? 16  GLU A CB  1 
ATOM   114  C  CG  . GLU A 1 16  ? 7.353   -6.727  12.171  1.00 22.59 ? 16  GLU A CG  1 
ATOM   115  C  CD  . GLU A 1 16  ? 8.003   -6.268  13.417  1.00 30.40 ? 16  GLU A CD  1 
ATOM   116  O  OE1 . GLU A 1 16  ? 7.331   -5.822  14.348  1.00 35.70 ? 16  GLU A OE1 1 
ATOM   117  O  OE2 . GLU A 1 16  ? 9.246   -6.350  13.378  1.00 32.59 ? 16  GLU A OE2 1 
ATOM   118  N  N   . GLU A 1 17  ? 2.954   -8.118  11.898  1.00 12.52 ? 17  GLU A N   1 
ATOM   119  C  CA  . GLU A 1 17  ? 1.790   -9.024  12.000  1.00 14.26 ? 17  GLU A CA  1 
ATOM   120  C  C   . GLU A 1 17  ? 1.262   -9.176  10.578  1.00 8.21  ? 17  GLU A C   1 
ATOM   121  O  O   . GLU A 1 17  ? 0.898   -10.306 10.216  1.00 13.40 ? 17  GLU A O   1 
ATOM   122  C  CB  . GLU A 1 17  ? 0.687   -8.564  12.870  1.00 13.45 ? 17  GLU A CB  1 
ATOM   123  C  CG  . GLU A 1 17  ? 0.799   -7.961  14.216  1.00 21.28 ? 17  GLU A CG  1 
ATOM   124  C  CD  . GLU A 1 17  ? -0.558  -7.571  14.806  1.00 21.66 ? 17  GLU A CD  1 
ATOM   125  O  OE1 . GLU A 1 17  ? -1.365  -8.423  15.130  1.00 20.83 ? 17  GLU A OE1 1 
ATOM   126  O  OE2 . GLU A 1 17  ? -0.749  -6.342  14.662  1.00 26.73 ? 17  GLU A OE2 1 
ATOM   127  N  N   . PHE A 1 18  ? 1.352   -8.110  9.763   1.00 15.27 ? 18  PHE A N   1 
ATOM   128  C  CA  . PHE A 1 18  ? 0.996   -8.231  8.335   1.00 11.09 ? 18  PHE A CA  1 
ATOM   129  C  C   . PHE A 1 18  ? 1.817   -9.385  7.721   1.00 15.79 ? 18  PHE A C   1 
ATOM   130  O  O   . PHE A 1 18  ? 1.366   -10.312 7.005   1.00 17.00 ? 18  PHE A O   1 
ATOM   131  C  CB  . PHE A 1 18  ? 1.209   -6.986  7.455   1.00 9.34  ? 18  PHE A CB  1 
ATOM   132  C  CG  . PHE A 1 18  ? 0.892   -7.276  5.996   1.00 14.24 ? 18  PHE A CG  1 
ATOM   133  C  CD1 . PHE A 1 18  ? -0.485  -7.347  5.639   1.00 6.93  ? 18  PHE A CD1 1 
ATOM   134  C  CD2 . PHE A 1 18  ? 1.879   -7.471  5.001   1.00 8.40  ? 18  PHE A CD2 1 
ATOM   135  C  CE1 . PHE A 1 18  ? -0.888  -7.644  4.366   1.00 10.56 ? 18  PHE A CE1 1 
ATOM   136  C  CE2 . PHE A 1 18  ? 1.461   -7.622  3.640   1.00 1.39  ? 18  PHE A CE2 1 
ATOM   137  C  CZ  . PHE A 1 18  ? 0.092   -7.773  3.349   1.00 8.72  ? 18  PHE A CZ  1 
ATOM   138  N  N   . ASN A 1 19  ? 3.089   -9.218  7.951   1.00 12.84 ? 19  ASN A N   1 
ATOM   139  C  CA  . ASN A 1 19  ? 4.165   -9.999  7.356   1.00 18.88 ? 19  ASN A CA  1 
ATOM   140  C  C   . ASN A 1 19  ? 4.279   -11.392 7.940   1.00 20.48 ? 19  ASN A C   1 
ATOM   141  O  O   . ASN A 1 19  ? 4.989   -12.249 7.372   1.00 20.21 ? 19  ASN A O   1 
ATOM   142  C  CB  . ASN A 1 19  ? 5.404   -9.060  7.478   1.00 17.55 ? 19  ASN A CB  1 
ATOM   143  C  CG  . ASN A 1 19  ? 6.564   -9.600  6.714   1.00 27.12 ? 19  ASN A CG  1 
ATOM   144  O  OD1 . ASN A 1 19  ? 6.596   -9.491  5.456   1.00 32.04 ? 19  ASN A OD1 1 
ATOM   145  N  ND2 . ASN A 1 19  ? 7.507   -10.270 7.352   1.00 25.40 ? 19  ASN A ND2 1 
ATOM   146  N  N   . ALA A 1 20  ? 3.537   -11.693 8.996   1.00 19.59 ? 20  ALA A N   1 
ATOM   147  C  CA  . ALA A 1 20  ? 3.519   -13.034 9.584   1.00 20.56 ? 20  ALA A CA  1 
ATOM   148  C  C   . ALA A 1 20  ? 2.590   -13.936 8.780   1.00 19.09 ? 20  ALA A C   1 
ATOM   149  O  O   . ALA A 1 20  ? 2.517   -15.143 9.120   1.00 25.58 ? 20  ALA A O   1 
ATOM   150  C  CB  . ALA A 1 20  ? 3.109   -12.995 11.038  1.00 20.27 ? 20  ALA A CB  1 
ATOM   151  N  N   . ASN A 1 21  ? 1.772   -13.421 7.905   1.00 16.47 ? 21  ASN A N   1 
ATOM   152  C  CA  . ASN A 1 21  ? 1.000   -14.397 7.047   1.00 11.19 ? 21  ASN A CA  1 
ATOM   153  C  C   . ASN A 1 21  ? 0.840   -13.718 5.680   1.00 11.93 ? 21  ASN A C   1 
ATOM   154  O  O   . ASN A 1 21  ? -0.220  -13.113 5.495   1.00 10.06 ? 21  ASN A O   1 
ATOM   155  C  CB  . ASN A 1 21  ? -0.298  -14.806 7.664   1.00 17.13 ? 21  ASN A CB  1 
ATOM   156  C  CG  . ASN A 1 21  ? -0.940  -16.025 7.085   1.00 21.16 ? 21  ASN A CG  1 
ATOM   157  O  OD1 . ASN A 1 21  ? -2.044  -16.429 7.487   1.00 28.02 ? 21  ASN A OD1 1 
ATOM   158  N  ND2 . ASN A 1 21  ? -0.328  -16.699 6.128   1.00 24.77 ? 21  ASN A ND2 1 
ATOM   159  N  N   . ILE A 1 22  ? 1.825   -13.799 4.840   1.00 12.76 ? 22  ILE A N   1 
ATOM   160  C  CA  . ILE A 1 22  ? 1.753   -13.063 3.532   1.00 11.39 ? 22  ILE A CA  1 
ATOM   161  C  C   . ILE A 1 22  ? 0.678   -13.590 2.607   1.00 11.86 ? 22  ILE A C   1 
ATOM   162  O  O   . ILE A 1 22  ? -0.177  -12.779 2.194   1.00 17.27 ? 22  ILE A O   1 
ATOM   163  C  CB  . ILE A 1 22  ? 3.151   -13.040 2.884   1.00 10.05 ? 22  ILE A CB  1 
ATOM   164  C  CG1 . ILE A 1 22  ? 4.062   -11.916 3.501   1.00 10.83 ? 22  ILE A CG1 1 
ATOM   165  C  CG2 . ILE A 1 22  ? 3.067   -12.921 1.329   1.00 11.38 ? 22  ILE A CG2 1 
ATOM   166  C  CD1 . ILE A 1 22  ? 3.485   -10.488 3.305   1.00 13.71 ? 22  ILE A CD1 1 
ATOM   167  N  N   . PRO A 1 23  ? 0.597   -14.858 2.315   1.00 11.98 ? 23  PRO A N   1 
ATOM   168  C  CA  . PRO A 1 23  ? -0.406  -15.420 1.416   1.00 13.97 ? 23  PRO A CA  1 
ATOM   169  C  C   . PRO A 1 23  ? -1.822  -15.048 1.732   1.00 13.56 ? 23  PRO A C   1 
ATOM   170  O  O   . PRO A 1 23  ? -2.685  -14.873 0.834   1.00 12.88 ? 23  PRO A O   1 
ATOM   171  C  CB  . PRO A 1 23  ? -0.225  -16.956 1.453   1.00 13.39 ? 23  PRO A CB  1 
ATOM   172  C  CG  . PRO A 1 23  ? 0.610   -17.174 2.718   1.00 12.34 ? 23  PRO A CG  1 
ATOM   173  C  CD  . PRO A 1 23  ? 1.513   -15.932 2.732   1.00 14.49 ? 23  PRO A CD  1 
ATOM   174  N  N   . LYS A 1 24  ? -2.123  -15.041 3.000   1.00 17.49 ? 24  LYS A N   1 
ATOM   175  C  CA  . LYS A 1 24  ? -3.467  -14.745 3.464   1.00 16.03 ? 24  LYS A CA  1 
ATOM   176  C  C   . LYS A 1 24  ? -3.818  -13.292 3.297   1.00 12.21 ? 24  LYS A C   1 
ATOM   177  O  O   . LYS A 1 24  ? -4.837  -12.913 2.737   1.00 21.41 ? 24  LYS A O   1 
ATOM   178  C  CB  . LYS A 1 24  ? -3.560  -15.051 4.946   1.00 14.22 ? 24  LYS A CB  1 
ATOM   179  C  CG  . LYS A 1 24  ? -4.904  -14.918 5.642   1.00 15.11 ? 24  LYS A CG  1 
ATOM   180  C  CD  . LYS A 1 24  ? -4.618  -14.507 7.103   1.00 22.85 ? 24  LYS A CD  1 
ATOM   181  C  CE  . LYS A 1 24  ? -5.534  -15.055 8.151   1.00 16.57 ? 24  LYS A CE  1 
ATOM   182  N  NZ  . LYS A 1 24  ? -5.137  -16.537 8.381   1.00 17.25 ? 24  LYS A NZ  1 
ATOM   183  N  N   . HIS A 1 25  ? -2.962  -12.496 3.945   1.00 16.19 ? 25  HIS A N   1 
ATOM   184  C  CA  . HIS A 1 25  ? -3.162  -11.030 4.062   1.00 6.65  ? 25  HIS A CA  1 
ATOM   185  C  C   . HIS A 1 25  ? -3.117  -10.359 2.707   1.00 9.99  ? 25  HIS A C   1 
ATOM   186  O  O   . HIS A 1 25  ? -3.866  -9.355  2.515   1.00 6.22  ? 25  HIS A O   1 
ATOM   187  C  CB  . HIS A 1 25  ? -2.169  -10.416 5.011   1.00 5.65  ? 25  HIS A CB  1 
ATOM   188  C  CG  . HIS A 1 25  ? -2.255  -10.964 6.378   1.00 6.63  ? 25  HIS A CG  1 
ATOM   189  N  ND1 . HIS A 1 25  ? -3.410  -11.360 7.010   1.00 9.90  ? 25  HIS A ND1 1 
ATOM   190  C  CD2 . HIS A 1 25  ? -1.278  -11.097 7.298   1.00 10.70 ? 25  HIS A CD2 1 
ATOM   191  C  CE1 . HIS A 1 25  ? -3.140  -11.867 8.202   1.00 3.55  ? 25  HIS A CE1 1 
ATOM   192  N  NE2 . HIS A 1 25  ? -1.878  -11.677 8.405   1.00 10.46 ? 25  HIS A NE2 1 
ATOM   193  N  N   . THR A 1 26  ? -2.211  -10.815 1.872   1.00 6.78  ? 26  THR A N   1 
ATOM   194  C  CA  . THR A 1 26  ? -2.108  -10.299 0.491   1.00 11.02 ? 26  THR A CA  1 
ATOM   195  C  C   . THR A 1 26  ? -3.272  -10.745 -0.370  1.00 10.55 ? 26  THR A C   1 
ATOM   196  O  O   . THR A 1 26  ? -3.760  -9.959  -1.243  1.00 6.43  ? 26  THR A O   1 
ATOM   197  C  CB  . THR A 1 26  ? -0.681  -10.638 -0.161  1.00 13.58 ? 26  THR A CB  1 
ATOM   198  O  OG1 . THR A 1 26  ? -0.598  -12.019 -0.423  1.00 10.30 ? 26  THR A OG1 1 
ATOM   199  C  CG2 . THR A 1 26  ? 0.485   -10.157 0.747   1.00 16.01 ? 26  THR A CG2 1 
ATOM   200  N  N   . HIS A 1 27  ? -3.861  -11.888 -0.121  1.00 9.71  ? 27  HIS A N   1 
ATOM   201  C  CA  . HIS A 1 27  ? -5.026  -12.378 -0.897  1.00 12.27 ? 27  HIS A CA  1 
ATOM   202  C  C   . HIS A 1 27  ? -6.191  -11.485 -0.431  1.00 10.01 ? 27  HIS A C   1 
ATOM   203  O  O   . HIS A 1 27  ? -6.902  -11.077 -1.342  1.00 6.25  ? 27  HIS A O   1 
ATOM   204  C  CB  . HIS A 1 27  ? -5.366  -13.863 -0.812  1.00 7.04  ? 27  HIS A CB  1 
ATOM   205  C  CG  . HIS A 1 27  ? -6.718  -14.361 -1.142  1.00 1.75  ? 27  HIS A CG  1 
ATOM   206  N  ND1 . HIS A 1 27  ? -7.181  -14.680 -2.411  1.00 9.53  ? 27  HIS A ND1 1 
ATOM   207  C  CD2 . HIS A 1 27  ? -7.780  -14.605 -0.312  1.00 4.07  ? 27  HIS A CD2 1 
ATOM   208  C  CE1 . HIS A 1 27  ? -8.431  -15.120 -2.342  1.00 5.71  ? 27  HIS A CE1 1 
ATOM   209  N  NE2 . HIS A 1 27  ? -8.810  -15.067 -1.076  1.00 8.25  ? 27  HIS A NE2 1 
ATOM   210  N  N   . ARG A 1 28  ? -6.272  -11.252 0.840   1.00 11.86 ? 28  ARG A N   1 
ATOM   211  C  CA  . ARG A 1 28  ? -7.331  -10.428 1.479   1.00 12.97 ? 28  ARG A CA  1 
ATOM   212  C  C   . ARG A 1 28  ? -7.272  -8.988  0.975   1.00 9.84  ? 28  ARG A C   1 
ATOM   213  O  O   . ARG A 1 28  ? -8.289  -8.429  0.445   1.00 8.37  ? 28  ARG A O   1 
ATOM   214  C  CB  . ARG A 1 28  ? -7.227  -10.589 2.986   1.00 14.26 ? 28  ARG A CB  1 
ATOM   215  C  CG  . ARG A 1 28  ? -8.404  -9.998  3.780   1.00 15.93 ? 28  ARG A CG  1 
ATOM   216  C  CD  . ARG A 1 28  ? -9.688  -10.508 3.210   1.00 18.54 ? 28  ARG A CD  1 
ATOM   217  N  NE  . ARG A 1 28  ? -10.797 -9.767  3.743   1.00 26.32 ? 28  ARG A NE  1 
ATOM   218  C  CZ  . ARG A 1 28  ? -11.983 -9.738  3.138   1.00 26.27 ? 28  ARG A CZ  1 
ATOM   219  N  NH1 . ARG A 1 28  ? -12.140 -10.404 2.012   1.00 30.64 ? 28  ARG A NH1 1 
ATOM   220  N  NH2 . ARG A 1 28  ? -12.965 -9.021  3.668   1.00 33.47 ? 28  ARG A NH2 1 
ATOM   221  N  N   . PHE A 1 29  ? -6.100  -8.441  0.853   1.00 9.06  ? 29  PHE A N   1 
ATOM   222  C  CA  . PHE A 1 29  ? -5.797  -7.134  0.304   1.00 9.75  ? 29  PHE A CA  1 
ATOM   223  C  C   . PHE A 1 29  ? -6.307  -6.910  -1.124  1.00 12.23 ? 29  PHE A C   1 
ATOM   224  O  O   . PHE A 1 29  ? -7.016  -5.854  -1.394  1.00 13.78 ? 29  PHE A O   1 
ATOM   225  C  CB  . PHE A 1 29  ? -4.238  -6.891  0.436   1.00 7.97  ? 29  PHE A CB  1 
ATOM   226  C  CG  . PHE A 1 29  ? -3.902  -5.596  -0.220  1.00 2.40  ? 29  PHE A CG  1 
ATOM   227  C  CD1 . PHE A 1 29  ? -4.515  -4.414  0.111   1.00 3.87  ? 29  PHE A CD1 1 
ATOM   228  C  CD2 . PHE A 1 29  ? -3.134  -5.652  -1.422  1.00 14.02 ? 29  PHE A CD2 1 
ATOM   229  C  CE1 . PHE A 1 29  ? -4.325  -3.278  -0.666  1.00 4.33  ? 29  PHE A CE1 1 
ATOM   230  C  CE2 . PHE A 1 29  ? -2.862  -4.481  -2.137  1.00 10.39 ? 29  PHE A CE2 1 
ATOM   231  C  CZ  . PHE A 1 29  ? -3.420  -3.232  -1.692  1.00 6.83  ? 29  PHE A CZ  1 
ATOM   232  N  N   . PHE A 1 30  ? -6.167  -7.832  -2.013  1.00 14.21 ? 30  PHE A N   1 
ATOM   233  C  CA  . PHE A 1 30  ? -6.662  -7.826  -3.381  1.00 5.90  ? 30  PHE A CA  1 
ATOM   234  C  C   . PHE A 1 30  ? -8.170  -8.002  -3.430  1.00 11.03 ? 30  PHE A C   1 
ATOM   235  O  O   . PHE A 1 30  ? -8.722  -7.299  -4.290  1.00 8.72  ? 30  PHE A O   1 
ATOM   236  C  CB  . PHE A 1 30  ? -5.989  -8.885  -4.291  1.00 10.10 ? 30  PHE A CB  1 
ATOM   237  C  CG  . PHE A 1 30  ? -4.898  -8.192  -5.015  1.00 8.05  ? 30  PHE A CG  1 
ATOM   238  C  CD1 . PHE A 1 30  ? -5.285  -7.172  -5.896  1.00 13.39 ? 30  PHE A CD1 1 
ATOM   239  C  CD2 . PHE A 1 30  ? -3.568  -8.381  -4.634  1.00 12.53 ? 30  PHE A CD2 1 
ATOM   240  C  CE1 . PHE A 1 30  ? -4.287  -6.387  -6.482  1.00 9.65  ? 30  PHE A CE1 1 
ATOM   241  C  CE2 . PHE A 1 30  ? -2.571  -7.680  -5.291  1.00 15.77 ? 30  PHE A CE2 1 
ATOM   242  C  CZ  . PHE A 1 30  ? -2.966  -6.707  -6.212  1.00 11.44 ? 30  PHE A CZ  1 
ATOM   243  N  N   . ILE A 1 31  ? -8.682  -8.837  -2.549  1.00 9.12  ? 31  ILE A N   1 
ATOM   244  C  CA  . ILE A 1 31  ? -10.151 -9.037  -2.480  1.00 13.79 ? 31  ILE A CA  1 
ATOM   245  C  C   . ILE A 1 31  ? -10.736 -7.660  -2.179  1.00 11.18 ? 31  ILE A C   1 
ATOM   246  O  O   . ILE A 1 31  ? -11.679 -7.265  -2.891  1.00 18.02 ? 31  ILE A O   1 
ATOM   247  C  CB  . ILE A 1 31  ? -10.624 -10.148 -1.522  1.00 17.49 ? 31  ILE A CB  1 
ATOM   248  C  CG1 . ILE A 1 31  ? -10.233 -11.595 -1.955  1.00 21.00 ? 31  ILE A CG1 1 
ATOM   249  C  CG2 . ILE A 1 31  ? -12.182 -10.176 -1.265  1.00 20.52 ? 31  ILE A CG2 1 
ATOM   250  C  CD1 . ILE A 1 31  ? -11.121 -12.315 -2.992  1.00 18.39 ? 31  ILE A CD1 1 
ATOM   251  N  N   . LEU A 1 32  ? -10.199 -6.960  -1.195  1.00 9.03  ? 32  LEU A N   1 
ATOM   252  C  CA  . LEU A 1 32  ? -10.610 -5.666  -0.774  1.00 8.13  ? 32  LEU A CA  1 
ATOM   253  C  C   . LEU A 1 32  ? -10.478 -4.654  -1.897  1.00 4.42  ? 32  LEU A C   1 
ATOM   254  O  O   . LEU A 1 32  ? -11.388 -3.861  -1.973  1.00 8.28  ? 32  LEU A O   1 
ATOM   255  C  CB  . LEU A 1 32  ? -9.833  -5.177  0.508   1.00 2.21  ? 32  LEU A CB  1 
ATOM   256  C  CG  . LEU A 1 32  ? -10.176 -6.151  1.697   1.00 5.45  ? 32  LEU A CG  1 
ATOM   257  C  CD1 . LEU A 1 32  ? -9.387  -5.761  2.857   1.00 1.39  ? 32  LEU A CD1 1 
ATOM   258  C  CD2 . LEU A 1 32  ? -11.678 -6.066  1.899   1.00 4.35  ? 32  LEU A CD2 1 
ATOM   259  N  N   . VAL A 1 33  ? -9.388  -4.650  -2.635  1.00 7.74  ? 33  VAL A N   1 
ATOM   260  C  CA  . VAL A 1 33  ? -9.261  -3.720  -3.784  1.00 13.42 ? 33  VAL A CA  1 
ATOM   261  C  C   . VAL A 1 33  ? -10.463 -3.903  -4.745  1.00 11.56 ? 33  VAL A C   1 
ATOM   262  O  O   . VAL A 1 33  ? -10.948 -2.884  -5.272  1.00 16.22 ? 33  VAL A O   1 
ATOM   263  C  CB  . VAL A 1 33  ? -7.936  -3.842  -4.548  1.00 8.94  ? 33  VAL A CB  1 
ATOM   264  C  CG1 . VAL A 1 33  ? -7.926  -3.024  -5.875  1.00 14.18 ? 33  VAL A CG1 1 
ATOM   265  C  CG2 . VAL A 1 33  ? -6.682  -3.446  -3.774  1.00 10.41 ? 33  VAL A CG2 1 
ATOM   266  N  N   . LEU A 1 34  ? -10.835 -5.120  -5.075  1.00 11.24 ? 34  LEU A N   1 
ATOM   267  C  CA  . LEU A 1 34  ? -11.834 -5.416  -6.118  1.00 12.57 ? 34  LEU A CA  1 
ATOM   268  C  C   . LEU A 1 34  ? -13.251 -5.125  -5.654  1.00 9.38  ? 34  LEU A C   1 
ATOM   269  O  O   . LEU A 1 34  ? -14.081 -4.734  -6.465  1.00 12.25 ? 34  LEU A O   1 
ATOM   270  C  CB  . LEU A 1 34  ? -11.675 -6.846  -6.630  1.00 14.05 ? 34  LEU A CB  1 
ATOM   271  C  CG  . LEU A 1 34  ? -10.448 -7.185  -7.467  1.00 16.14 ? 34  LEU A CG  1 
ATOM   272  C  CD1 . LEU A 1 34  ? -10.722 -8.459  -8.267  1.00 13.82 ? 34  LEU A CD1 1 
ATOM   273  C  CD2 . LEU A 1 34  ? -10.069 -6.046  -8.406  1.00 13.13 ? 34  LEU A CD2 1 
ATOM   274  N  N   . GLU A 1 35  ? -13.437 -5.183  -4.359  1.00 9.84  ? 35  GLU A N   1 
ATOM   275  C  CA  . GLU A 1 35  ? -14.726 -4.898  -3.774  1.00 14.80 ? 35  GLU A CA  1 
ATOM   276  C  C   . GLU A 1 35  ? -14.955 -3.412  -3.799  1.00 11.10 ? 35  GLU A C   1 
ATOM   277  O  O   . GLU A 1 35  ? -16.147 -3.045  -3.747  1.00 14.97 ? 35  GLU A O   1 
ATOM   278  C  CB  . GLU A 1 35  ? -14.880 -5.306  -2.314  1.00 20.31 ? 35  GLU A CB  1 
ATOM   279  C  CG  . GLU A 1 35  ? -15.358 -6.690  -1.967  1.00 30.87 ? 35  GLU A CG  1 
ATOM   280  C  CD  . GLU A 1 35  ? -15.370 -7.111  -0.527  1.00 33.14 ? 35  GLU A CD  1 
ATOM   281  O  OE1 . GLU A 1 35  ? -15.369 -6.204  0.338   1.00 33.51 ? 35  GLU A OE1 1 
ATOM   282  O  OE2 . GLU A 1 35  ? -15.378 -8.319  -0.271  1.00 40.12 ? 35  GLU A OE2 1 
ATOM   283  N  N   . ILE A 1 36  ? -13.881 -2.646  -3.774  1.00 9.50  ? 36  ILE A N   1 
ATOM   284  C  CA  . ILE A 1 36  ? -14.040 -1.154  -3.746  1.00 7.34  ? 36  ILE A CA  1 
ATOM   285  C  C   . ILE A 1 36  ? -14.260 -0.622  -5.151  1.00 11.57 ? 36  ILE A C   1 
ATOM   286  O  O   . ILE A 1 36  ? -14.985 0.317   -5.498  1.00 8.58  ? 36  ILE A O   1 
ATOM   287  C  CB  . ILE A 1 36  ? -12.808 -0.522  -3.014  1.00 2.95  ? 36  ILE A CB  1 
ATOM   288  C  CG1 . ILE A 1 36  ? -12.833 -0.870  -1.514  1.00 9.08  ? 36  ILE A CG1 1 
ATOM   289  C  CG2 . ILE A 1 36  ? -12.702 1.018   -3.189  1.00 3.24  ? 36  ILE A CG2 1 
ATOM   290  C  CD1 . ILE A 1 36  ? -11.653 -0.271  -0.697  1.00 6.73  ? 36  ILE A CD1 1 
ATOM   291  N  N   . ALA A 1 37  ? -13.461 -1.263  -6.052  1.00 5.63  ? 37  ALA A N   1 
ATOM   292  C  CA  . ALA A 1 37  ? -13.448 -0.846  -7.443  1.00 10.56 ? 37  ALA A CA  1 
ATOM   293  C  C   . ALA A 1 37  ? -13.178 -2.039  -8.324  1.00 12.18 ? 37  ALA A C   1 
ATOM   294  O  O   . ALA A 1 37  ? -12.045 -2.345  -8.691  1.00 18.40 ? 37  ALA A O   1 
ATOM   295  C  CB  . ALA A 1 37  ? -12.440 0.307   -7.678  1.00 9.55  ? 37  ALA A CB  1 
ATOM   296  N  N   . PRO A 1 38  ? -14.270 -2.788  -8.589  1.00 11.68 ? 38  PRO A N   1 
ATOM   297  C  CA  . PRO A 1 38  ? -14.323 -3.887  -9.496  1.00 14.89 ? 38  PRO A CA  1 
ATOM   298  C  C   . PRO A 1 38  ? -13.548 -3.818  -10.780 1.00 14.73 ? 38  PRO A C   1 
ATOM   299  O  O   . PRO A 1 38  ? -12.810 -4.720  -11.214 1.00 23.04 ? 38  PRO A O   1 
ATOM   300  C  CB  . PRO A 1 38  ? -15.866 -3.889  -9.890  1.00 9.00  ? 38  PRO A CB  1 
ATOM   301  C  CG  . PRO A 1 38  ? -16.441 -3.642  -8.485  1.00 12.95 ? 38  PRO A CG  1 
ATOM   302  C  CD  . PRO A 1 38  ? -15.625 -2.432  -8.041  1.00 7.18  ? 38  PRO A CD  1 
ATOM   303  N  N   . ALA A 1 39  ? -13.667 -2.675  -11.423 1.00 18.19 ? 39  ALA A N   1 
ATOM   304  C  CA  . ALA A 1 39  ? -13.048 -2.345  -12.701 1.00 17.63 ? 39  ALA A CA  1 
ATOM   305  C  C   . ALA A 1 39  ? -11.535 -2.280  -12.665 1.00 15.67 ? 39  ALA A C   1 
ATOM   306  O  O   . ALA A 1 39  ? -10.909 -2.157  -13.762 1.00 17.55 ? 39  ALA A O   1 
ATOM   307  C  CB  . ALA A 1 39  ? -13.605 -0.982  -13.199 1.00 19.23 ? 39  ALA A CB  1 
ATOM   308  N  N   . ALA A 1 40  ? -10.957 -2.323  -11.523 1.00 12.03 ? 40  ALA A N   1 
ATOM   309  C  CA  . ALA A 1 40  ? -9.522  -2.252  -11.232 1.00 13.74 ? 40  ALA A CA  1 
ATOM   310  C  C   . ALA A 1 40  ? -8.841  -3.555  -11.528 1.00 14.40 ? 40  ALA A C   1 
ATOM   311  O  O   . ALA A 1 40  ? -7.615  -3.590  -11.776 1.00 16.12 ? 40  ALA A O   1 
ATOM   312  C  CB  . ALA A 1 40  ? -9.351  -1.840  -9.769  1.00 19.45 ? 40  ALA A CB  1 
ATOM   313  N  N   . LYS A 1 41  ? -9.628  -4.595  -11.636 1.00 11.62 ? 41  LYS A N   1 
ATOM   314  C  CA  . LYS A 1 41  ? -9.210  -5.950  -11.941 1.00 17.82 ? 41  LYS A CA  1 
ATOM   315  C  C   . LYS A 1 41  ? -8.267  -6.049  -13.149 1.00 17.59 ? 41  LYS A C   1 
ATOM   316  O  O   . LYS A 1 41  ? -7.187  -6.657  -13.187 1.00 16.90 ? 41  LYS A O   1 
ATOM   317  C  CB  . LYS A 1 41  ? -10.437 -6.836  -12.249 1.00 15.56 ? 41  LYS A CB  1 
ATOM   318  C  CG  . LYS A 1 41  ? -10.106 -8.302  -11.963 1.00 19.52 ? 41  LYS A CG  1 
ATOM   319  C  CD  . LYS A 1 41  ? -10.791 -9.246  -12.906 1.00 15.03 ? 41  LYS A CD  1 
ATOM   320  C  CE  . LYS A 1 41  ? -10.678 -10.687 -12.466 1.00 19.38 ? 41  LYS A CE  1 
ATOM   321  N  NZ  . LYS A 1 41  ? -10.897 -11.535 -13.703 1.00 25.04 ? 41  LYS A NZ  1 
ATOM   322  N  N   . ASP A 1 42  ? -8.710  -5.402  -14.203 1.00 23.04 ? 42  ASP A N   1 
ATOM   323  C  CA  . ASP A 1 42  ? -8.216  -5.232  -15.539 1.00 21.29 ? 42  ASP A CA  1 
ATOM   324  C  C   . ASP A 1 42  ? -6.806  -4.696  -15.654 1.00 24.63 ? 42  ASP A C   1 
ATOM   325  O  O   . ASP A 1 42  ? -6.108  -5.036  -16.655 1.00 22.68 ? 42  ASP A O   1 
ATOM   326  C  CB  . ASP A 1 42  ? -9.264  -4.321  -16.306 1.00 25.35 ? 42  ASP A CB  1 
ATOM   327  C  CG  . ASP A 1 42  ? -10.663 -4.949  -16.316 1.00 30.59 ? 42  ASP A CG  1 
ATOM   328  O  OD1 . ASP A 1 42  ? -10.791 -6.182  -16.607 1.00 28.76 ? 42  ASP A OD1 1 
ATOM   329  O  OD2 . ASP A 1 42  ? -11.691 -4.265  -16.050 1.00 29.81 ? 42  ASP A OD2 1 
ATOM   330  N  N   . LEU A 1 43  ? -6.347  -3.891  -14.694 1.00 24.64 ? 43  LEU A N   1 
ATOM   331  C  CA  . LEU A 1 43  ? -4.997  -3.299  -14.740 1.00 17.58 ? 43  LEU A CA  1 
ATOM   332  C  C   . LEU A 1 43  ? -3.981  -4.282  -14.161 1.00 16.96 ? 43  LEU A C   1 
ATOM   333  O  O   . LEU A 1 43  ? -2.805  -4.038  -14.497 1.00 18.16 ? 43  LEU A O   1 
ATOM   334  C  CB  . LEU A 1 43  ? -4.878  -1.938  -14.065 1.00 16.91 ? 43  LEU A CB  1 
ATOM   335  C  CG  . LEU A 1 43  ? -5.744  -0.811  -14.586 1.00 13.91 ? 43  LEU A CG  1 
ATOM   336  C  CD1 . LEU A 1 43  ? -6.945  -0.632  -13.636 1.00 19.46 ? 43  LEU A CD1 1 
ATOM   337  C  CD2 . LEU A 1 43  ? -5.003  0.495   -14.663 1.00 18.86 ? 43  LEU A CD2 1 
ATOM   338  N  N   . PHE A 1 44  ? -4.420  -5.279  -13.454 1.00 11.24 ? 44  PHE A N   1 
ATOM   339  C  CA  . PHE A 1 44  ? -3.569  -6.316  -12.893 1.00 18.94 ? 44  PHE A CA  1 
ATOM   340  C  C   . PHE A 1 44  ? -3.328  -7.439  -13.875 1.00 24.52 ? 44  PHE A C   1 
ATOM   341  O  O   . PHE A 1 44  ? -4.303  -8.132  -14.206 1.00 29.01 ? 44  PHE A O   1 
ATOM   342  C  CB  . PHE A 1 44  ? -4.218  -6.815  -11.545 1.00 15.08 ? 44  PHE A CB  1 
ATOM   343  C  CG  . PHE A 1 44  ? -3.934  -5.737  -10.518 1.00 12.23 ? 44  PHE A CG  1 
ATOM   344  C  CD1 . PHE A 1 44  ? -2.599  -5.595  -10.121 1.00 13.39 ? 44  PHE A CD1 1 
ATOM   345  C  CD2 . PHE A 1 44  ? -4.856  -4.778  -10.205 1.00 13.62 ? 44  PHE A CD2 1 
ATOM   346  C  CE1 . PHE A 1 44  ? -2.204  -4.475  -9.351  1.00 11.63 ? 44  PHE A CE1 1 
ATOM   347  C  CE2 . PHE A 1 44  ? -4.522  -3.708  -9.361  1.00 9.72  ? 44  PHE A CE2 1 
ATOM   348  C  CZ  . PHE A 1 44  ? -3.175  -3.591  -8.945  1.00 12.70 ? 44  PHE A CZ  1 
ATOM   349  N  N   . SER A 1 45  ? -2.089  -7.764  -14.207 1.00 29.98 ? 45  SER A N   1 
ATOM   350  C  CA  . SER A 1 45  ? -1.712  -8.820  -15.154 1.00 29.85 ? 45  SER A CA  1 
ATOM   351  C  C   . SER A 1 45  ? -2.000  -10.226 -14.678 1.00 30.41 ? 45  SER A C   1 
ATOM   352  O  O   . SER A 1 45  ? -2.016  -11.172 -15.480 1.00 31.96 ? 45  SER A O   1 
ATOM   353  C  CB  . SER A 1 45  ? -0.199  -8.814  -15.453 1.00 31.99 ? 45  SER A CB  1 
ATOM   354  O  OG  . SER A 1 45  ? 0.494   -9.238  -14.253 1.00 37.73 ? 45  SER A OG  1 
ATOM   355  N  N   . PHE A 1 46  ? -2.172  -10.372 -13.382 1.00 32.24 ? 46  PHE A N   1 
ATOM   356  C  CA  . PHE A 1 46  ? -2.386  -11.710 -12.792 1.00 33.75 ? 46  PHE A CA  1 
ATOM   357  C  C   . PHE A 1 46  ? -3.761  -11.887 -12.161 1.00 35.68 ? 46  PHE A C   1 
ATOM   358  O  O   . PHE A 1 46  ? -3.968  -12.908 -11.435 1.00 37.45 ? 46  PHE A O   1 
ATOM   359  C  CB  . PHE A 1 46  ? -1.203  -11.982 -11.816 1.00 31.63 ? 46  PHE A CB  1 
ATOM   360  C  CG  . PHE A 1 46  ? -0.935  -10.855 -10.821 1.00 26.48 ? 46  PHE A CG  1 
ATOM   361  C  CD1 . PHE A 1 46  ? -1.845  -10.585 -9.810  1.00 23.04 ? 46  PHE A CD1 1 
ATOM   362  C  CD2 . PHE A 1 46  ? 0.232   -10.107 -10.921 1.00 21.44 ? 46  PHE A CD2 1 
ATOM   363  C  CE1 . PHE A 1 46  ? -1.605  -9.499  -8.941  1.00 21.71 ? 46  PHE A CE1 1 
ATOM   364  C  CE2 . PHE A 1 46  ? 0.509   -9.091  -10.044 1.00 22.07 ? 46  PHE A CE2 1 
ATOM   365  C  CZ  . PHE A 1 46  ? -0.384  -8.841  -9.006  1.00 19.98 ? 46  PHE A CZ  1 
ATOM   366  N  N   . LEU A 1 47  ? -4.657  -10.943 -12.347 1.00 34.77 ? 47  LEU A N   1 
ATOM   367  C  CA  . LEU A 1 47  ? -6.016  -10.928 -11.886 1.00 34.37 ? 47  LEU A CA  1 
ATOM   368  C  C   . LEU A 1 47  ? -6.955  -11.122 -13.093 1.00 37.31 ? 47  LEU A C   1 
ATOM   369  O  O   . LEU A 1 47  ? -7.787  -12.031 -13.105 1.00 39.55 ? 47  LEU A O   1 
ATOM   370  C  CB  . LEU A 1 47  ? -6.370  -9.646  -11.152 1.00 35.37 ? 47  LEU A CB  1 
ATOM   371  C  CG  . LEU A 1 47  ? -5.518  -9.176  -9.992  1.00 36.76 ? 47  LEU A CG  1 
ATOM   372  C  CD1 . LEU A 1 47  ? -6.266  -8.134  -9.134  1.00 27.48 ? 47  LEU A CD1 1 
ATOM   373  C  CD2 . LEU A 1 47  ? -5.106  -10.387 -9.145  1.00 37.48 ? 47  LEU A CD2 1 
ATOM   374  N  N   . LYS A 1 48  ? -6.874  -10.188 -14.020 1.00 42.39 ? 48  LYS A N   1 
ATOM   375  C  CA  . LYS A 1 48  ? -7.759  -10.304 -15.232 1.00 47.44 ? 48  LYS A CA  1 
ATOM   376  C  C   . LYS A 1 48  ? -7.633  -11.719 -15.763 1.00 47.30 ? 48  LYS A C   1 
ATOM   377  O  O   . LYS A 1 48  ? -6.652  -12.448 -15.473 1.00 46.92 ? 48  LYS A O   1 
ATOM   378  C  CB  . LYS A 1 48  ? -7.457  -9.231  -16.246 1.00 50.63 ? 48  LYS A CB  1 
ATOM   379  C  CG  . LYS A 1 48  ? -5.990  -8.886  -16.469 1.00 56.66 ? 48  LYS A CG  1 
ATOM   380  C  CD  . LYS A 1 48  ? -5.728  -8.053  -17.723 1.00 59.37 ? 48  LYS A CD  1 
ATOM   381  C  CE  . LYS A 1 48  ? -4.254  -7.758  -17.935 1.00 60.73 ? 48  LYS A CE  1 
ATOM   382  N  NZ  . LYS A 1 48  ? -3.966  -7.409  -19.354 1.00 61.80 ? 48  LYS A NZ  1 
ATOM   383  N  N   . GLY A 1 49  ? -8.697  -12.177 -16.421 1.00 48.39 ? 49  GLY A N   1 
ATOM   384  C  CA  . GLY A 1 49  ? -8.717  -13.548 -16.967 1.00 48.86 ? 49  GLY A CA  1 
ATOM   385  C  C   . GLY A 1 49  ? -9.266  -14.575 -15.998 1.00 49.51 ? 49  GLY A C   1 
ATOM   386  O  O   . GLY A 1 49  ? -9.744  -15.641 -16.450 1.00 46.48 ? 49  GLY A O   1 
ATOM   387  N  N   . THR A 1 50  ? -9.240  -14.312 -14.704 1.00 52.19 ? 50  THR A N   1 
ATOM   388  C  CA  . THR A 1 50  ? -9.694  -15.157 -13.626 1.00 54.28 ? 50  THR A CA  1 
ATOM   389  C  C   . THR A 1 50  ? -11.115 -14.860 -13.102 1.00 53.01 ? 50  THR A C   1 
ATOM   390  O  O   . THR A 1 50  ? -11.714 -13.810 -13.290 1.00 51.23 ? 50  THR A O   1 
ATOM   391  C  CB  . THR A 1 50  ? -8.809  -15.122 -12.283 1.00 55.30 ? 50  THR A CB  1 
ATOM   392  O  OG1 . THR A 1 50  ? -8.890  -13.724 -11.795 1.00 55.26 ? 50  THR A OG1 1 
ATOM   393  C  CG2 . THR A 1 50  ? -7.389  -15.630 -12.419 1.00 55.58 ? 50  THR A CG2 1 
ATOM   394  N  N   . SER A 1 51  ? -11.522 -15.853 -12.301 1.00 52.04 ? 51  SER A N   1 
ATOM   395  C  CA  . SER A 1 51  ? -12.761 -15.768 -11.530 1.00 51.82 ? 51  SER A CA  1 
ATOM   396  C  C   . SER A 1 51  ? -12.456 -14.784 -10.375 1.00 51.10 ? 51  SER A C   1 
ATOM   397  O  O   . SER A 1 51  ? -12.588 -13.563 -10.483 1.00 50.43 ? 51  SER A O   1 
ATOM   398  C  CB  . SER A 1 51  ? -13.231 -17.090 -10.981 1.00 52.31 ? 51  SER A CB  1 
ATOM   399  O  OG  . SER A 1 51  ? -14.229 -16.940 -9.973  1.00 51.20 ? 51  SER A OG  1 
ATOM   400  N  N   . GLU A 1 52  ? -11.893 -15.436 -9.373  1.00 47.59 ? 52  GLU A N   1 
ATOM   401  C  CA  . GLU A 1 52  ? -11.463 -14.869 -8.094  1.00 43.42 ? 52  GLU A CA  1 
ATOM   402  C  C   . GLU A 1 52  ? -9.955  -14.698 -8.004  1.00 34.91 ? 52  GLU A C   1 
ATOM   403  O  O   . GLU A 1 52  ? -9.199  -14.933 -8.971  1.00 37.25 ? 52  GLU A O   1 
ATOM   404  C  CB  . GLU A 1 52  ? -11.961 -15.756 -6.961  1.00 44.43 ? 52  GLU A CB  1 
ATOM   405  C  CG  . GLU A 1 52  ? -11.688 -17.260 -7.045  1.00 47.06 ? 52  GLU A CG  1 
ATOM   406  C  CD  . GLU A 1 52  ? -12.754 -18.023 -6.266  1.00 51.98 ? 52  GLU A CD  1 
ATOM   407  O  OE1 . GLU A 1 52  ? -12.841 -18.033 -5.056  1.00 52.24 ? 52  GLU A OE1 1 
ATOM   408  O  OE2 . GLU A 1 52  ? -13.579 -18.508 -7.089  1.00 53.26 ? 52  GLU A OE2 1 
ATOM   409  N  N   . VAL A 1 53  ? -9.536  -14.178 -6.877  1.00 26.96 ? 53  VAL A N   1 
ATOM   410  C  CA  . VAL A 1 53  ? -8.128  -13.886 -6.619  1.00 21.13 ? 53  VAL A CA  1 
ATOM   411  C  C   . VAL A 1 53  ? -7.390  -15.159 -6.248  1.00 17.15 ? 53  VAL A C   1 
ATOM   412  O  O   . VAL A 1 53  ? -7.789  -15.834 -5.273  1.00 21.80 ? 53  VAL A O   1 
ATOM   413  C  CB  . VAL A 1 53  ? -7.921  -12.832 -5.523  1.00 18.75 ? 53  VAL A CB  1 
ATOM   414  C  CG1 . VAL A 1 53  ? -6.432  -12.406 -5.509  1.00 24.17 ? 53  VAL A CG1 1 
ATOM   415  C  CG2 . VAL A 1 53  ? -8.790  -11.601 -5.610  1.00 23.12 ? 53  VAL A CG2 1 
ATOM   416  N  N   . PRO A 1 54  ? -6.367  -15.467 -7.017  1.00 17.81 ? 54  PRO A N   1 
ATOM   417  C  CA  . PRO A 1 54  ? -5.505  -16.621 -6.645  1.00 16.64 ? 54  PRO A CA  1 
ATOM   418  C  C   . PRO A 1 54  ? -5.041  -16.465 -5.203  1.00 20.31 ? 54  PRO A C   1 
ATOM   419  O  O   . PRO A 1 54  ? -4.708  -15.358 -4.690  1.00 21.65 ? 54  PRO A O   1 
ATOM   420  C  CB  . PRO A 1 54  ? -4.415  -16.598 -7.667  1.00 14.92 ? 54  PRO A CB  1 
ATOM   421  C  CG  . PRO A 1 54  ? -4.328  -15.147 -8.134  1.00 13.85 ? 54  PRO A CG  1 
ATOM   422  C  CD  . PRO A 1 54  ? -5.812  -14.717 -8.154  1.00 12.54 ? 54  PRO A CD  1 
ATOM   423  N  N   . GLN A 1 55  ? -4.889  -17.576 -4.511  1.00 19.05 ? 55  GLN A N   1 
ATOM   424  C  CA  . GLN A 1 55  ? -4.416  -17.638 -3.125  1.00 17.08 ? 55  GLN A CA  1 
ATOM   425  C  C   . GLN A 1 55  ? -2.966  -17.937 -2.922  1.00 14.39 ? 55  GLN A C   1 
ATOM   426  O  O   . GLN A 1 55  ? -2.403  -17.484 -1.887  1.00 21.24 ? 55  GLN A O   1 
ATOM   427  C  CB  . GLN A 1 55  ? -5.303  -18.720 -2.443  1.00 18.03 ? 55  GLN A CB  1 
ATOM   428  C  CG  . GLN A 1 55  ? -6.738  -18.352 -2.893  1.00 20.41 ? 55  GLN A CG  1 
ATOM   429  C  CD  . GLN A 1 55  ? -7.754  -19.348 -2.448  1.00 32.65 ? 55  GLN A CD  1 
ATOM   430  O  OE1 . GLN A 1 55  ? -8.523  -19.037 -1.531  1.00 37.64 ? 55  GLN A OE1 1 
ATOM   431  N  NE2 . GLN A 1 55  ? -7.770  -20.527 -3.077  1.00 33.91 ? 55  GLN A NE2 1 
ATOM   432  N  N   . ASN A 1 56  ? -2.335  -18.730 -3.791  1.00 10.31 ? 56  ASN A N   1 
ATOM   433  C  CA  . ASN A 1 56  ? -0.917  -19.079 -3.712  1.00 6.62  ? 56  ASN A CA  1 
ATOM   434  C  C   . ASN A 1 56  ? -0.156  -18.668 -4.963  1.00 12.09 ? 56  ASN A C   1 
ATOM   435  O  O   . ASN A 1 56  ? 0.678   -19.396 -5.499  1.00 13.49 ? 56  ASN A O   1 
ATOM   436  C  CB  . ASN A 1 56  ? -0.776  -20.589 -3.396  1.00 11.87 ? 56  ASN A CB  1 
ATOM   437  C  CG  . ASN A 1 56  ? -1.651  -20.925 -2.220  1.00 19.40 ? 56  ASN A CG  1 
ATOM   438  O  OD1 . ASN A 1 56  ? -2.838  -21.334 -2.353  1.00 19.06 ? 56  ASN A OD1 1 
ATOM   439  N  ND2 . ASN A 1 56  ? -1.141  -20.493 -1.047  1.00 19.94 ? 56  ASN A ND2 1 
ATOM   440  N  N   . ASN A 1 57  ? -0.309  -17.413 -5.425  1.00 9.05  ? 57  ASN A N   1 
ATOM   441  C  CA  . ASN A 1 57  ? 0.369   -16.904 -6.571  1.00 7.36  ? 57  ASN A CA  1 
ATOM   442  C  C   . ASN A 1 57  ? 1.527   -15.977 -6.089  1.00 11.03 ? 57  ASN A C   1 
ATOM   443  O  O   . ASN A 1 57  ? 1.294   -14.897 -5.551  1.00 8.71  ? 57  ASN A O   1 
ATOM   444  C  CB  . ASN A 1 57  ? -0.568  -16.175 -7.538  1.00 9.21  ? 57  ASN A CB  1 
ATOM   445  C  CG  . ASN A 1 57  ? 0.083   -15.607 -8.766  1.00 10.77 ? 57  ASN A CG  1 
ATOM   446  O  OD1 . ASN A 1 57  ? 0.888   -14.664 -8.890  1.00 16.74 ? 57  ASN A OD1 1 
ATOM   447  N  ND2 . ASN A 1 57  ? -0.374  -16.137 -9.919  1.00 12.43 ? 57  ASN A ND2 1 
ATOM   448  N  N   . PRO A 1 58  ? 2.718   -16.440 -6.426  1.00 9.36  ? 58  PRO A N   1 
ATOM   449  C  CA  . PRO A 1 58  ? 3.975   -15.811 -6.129  1.00 11.52 ? 58  PRO A CA  1 
ATOM   450  C  C   . PRO A 1 58  ? 4.149   -14.382 -6.549  1.00 8.05  ? 58  PRO A C   1 
ATOM   451  O  O   . PRO A 1 58  ? 4.818   -13.570 -5.839  1.00 5.87  ? 58  PRO A O   1 
ATOM   452  C  CB  . PRO A 1 58  ? 5.036   -16.713 -6.837  1.00 12.38 ? 58  PRO A CB  1 
ATOM   453  C  CG  . PRO A 1 58  ? 4.331   -17.877 -7.398  1.00 12.67 ? 58  PRO A CG  1 
ATOM   454  C  CD  . PRO A 1 58  ? 2.846   -17.759 -7.110  1.00 12.28 ? 58  PRO A CD  1 
ATOM   455  N  N   . GLU A 1 59  ? 3.682   -13.967 -7.705  1.00 8.31  ? 59  GLU A N   1 
ATOM   456  C  CA  . GLU A 1 59  ? 3.856   -12.562 -8.156  1.00 12.27 ? 59  GLU A CA  1 
ATOM   457  C  C   . GLU A 1 59  ? 2.934   -11.662 -7.368  1.00 11.01 ? 59  GLU A C   1 
ATOM   458  O  O   . GLU A 1 59  ? 3.343   -10.582 -6.863  1.00 16.07 ? 59  GLU A O   1 
ATOM   459  C  CB  . GLU A 1 59  ? 3.610   -12.479 -9.643  1.00 15.75 ? 59  GLU A CB  1 
ATOM   460  C  CG  . GLU A 1 59  ? 4.276   -11.462 -10.534 1.00 25.21 ? 59  GLU A CG  1 
ATOM   461  C  CD  . GLU A 1 59  ? 3.760   -11.148 -11.905 1.00 25.60 ? 59  GLU A CD  1 
ATOM   462  O  OE1 . GLU A 1 59  ? 3.137   -12.067 -12.485 1.00 28.91 ? 59  GLU A OE1 1 
ATOM   463  O  OE2 . GLU A 1 59  ? 3.883   -10.028 -12.403 1.00 32.35 ? 59  GLU A OE2 1 
ATOM   464  N  N   . LEU A 1 60  ? 1.703   -12.126 -7.128  1.00 17.42 ? 60  LEU A N   1 
ATOM   465  C  CA  . LEU A 1 60  ? 0.697   -11.427 -6.344  1.00 10.53 ? 60  LEU A CA  1 
ATOM   466  C  C   . LEU A 1 60  ? 1.275   -11.162 -4.942  1.00 12.08 ? 60  LEU A C   1 
ATOM   467  O  O   . LEU A 1 60  ? 1.240   -10.013 -4.491  1.00 10.41 ? 60  LEU A O   1 
ATOM   468  C  CB  . LEU A 1 60  ? -0.665  -12.167 -6.291  1.00 11.86 ? 60  LEU A CB  1 
ATOM   469  C  CG  . LEU A 1 60  ? -1.808  -11.516 -5.543  1.00 13.04 ? 60  LEU A CG  1 
ATOM   470  C  CD1 . LEU A 1 60  ? -3.206  -12.085 -5.848  1.00 11.98 ? 60  LEU A CD1 1 
ATOM   471  C  CD2 . LEU A 1 60  ? -1.686  -11.705 -4.028  1.00 12.00 ? 60  LEU A CD2 1 
ATOM   472  N  N   . GLN A 1 61  ? 1.749   -12.212 -4.303  1.00 6.65  ? 61  GLN A N   1 
ATOM   473  C  CA  . GLN A 1 61  ? 2.267   -12.172 -2.960  1.00 8.48  ? 61  GLN A CA  1 
ATOM   474  C  C   . GLN A 1 61  ? 3.492   -11.210 -2.895  1.00 7.23  ? 61  GLN A C   1 
ATOM   475  O  O   . GLN A 1 61  ? 3.582   -10.432 -1.899  1.00 9.45  ? 61  GLN A O   1 
ATOM   476  C  CB  . GLN A 1 61  ? 2.583   -13.551 -2.411  1.00 4.57  ? 61  GLN A CB  1 
ATOM   477  C  CG  . GLN A 1 61  ? 1.451   -14.540 -2.287  1.00 6.58  ? 61  GLN A CG  1 
ATOM   478  C  CD  . GLN A 1 61  ? 1.832   -15.914 -1.956  1.00 10.70 ? 61  GLN A CD  1 
ATOM   479  O  OE1 . GLN A 1 61  ? 0.997   -16.793 -1.653  1.00 18.37 ? 61  GLN A OE1 1 
ATOM   480  N  NE2 . GLN A 1 61  ? 3.132   -16.218 -2.047  1.00 12.63 ? 61  GLN A NE2 1 
ATOM   481  N  N   . ALA A 1 62  ? 4.355   -11.197 -3.843  1.00 10.82 ? 62  ALA A N   1 
ATOM   482  C  CA  . ALA A 1 62  ? 5.604   -10.380 -3.795  1.00 9.31  ? 62  ALA A CA  1 
ATOM   483  C  C   . ALA A 1 62  ? 5.267   -8.938  -4.046  1.00 11.77 ? 62  ALA A C   1 
ATOM   484  O  O   . ALA A 1 62  ? 5.704   -8.033  -3.299  1.00 13.88 ? 62  ALA A O   1 
ATOM   485  C  CB  . ALA A 1 62  ? 6.647   -10.953 -4.730  1.00 8.09  ? 62  ALA A CB  1 
ATOM   486  N  N   . HIS A 1 63  ? 4.410   -8.680  -5.010  1.00 10.17 ? 63  HIS A N   1 
ATOM   487  C  CA  . HIS A 1 63  ? 3.946   -7.364  -5.335  1.00 10.16 ? 63  HIS A CA  1 
ATOM   488  C  C   . HIS A 1 63  ? 3.115   -6.787  -4.174  1.00 7.10  ? 63  HIS A C   1 
ATOM   489  O  O   . HIS A 1 63  ? 3.489   -5.720  -3.721  1.00 5.86  ? 63  HIS A O   1 
ATOM   490  C  CB  . HIS A 1 63  ? 3.159   -7.357  -6.683  1.00 14.82 ? 63  HIS A CB  1 
ATOM   491  C  CG  . HIS A 1 63  ? 3.999   -7.687  -7.886  1.00 20.08 ? 63  HIS A CG  1 
ATOM   492  N  ND1 . HIS A 1 63  ? 3.662   -7.308  -9.184  1.00 25.07 ? 63  HIS A ND1 1 
ATOM   493  C  CD2 . HIS A 1 63  ? 5.137   -8.394  -8.016  1.00 22.54 ? 63  HIS A CD2 1 
ATOM   494  C  CE1 . HIS A 1 63  ? 4.510   -7.803  -10.053 1.00 24.64 ? 63  HIS A CE1 1 
ATOM   495  N  NE2 . HIS A 1 63  ? 5.427   -8.464  -9.393  1.00 29.30 ? 63  HIS A NE2 1 
ATOM   496  N  N   . ALA A 1 64  ? 2.193   -7.499  -3.558  1.00 9.92  ? 64  ALA A N   1 
ATOM   497  C  CA  . ALA A 1 64  ? 1.359   -6.863  -2.461  1.00 11.23 ? 64  ALA A CA  1 
ATOM   498  C  C   . ALA A 1 64  ? 2.143   -6.752  -1.194  1.00 12.05 ? 64  ALA A C   1 
ATOM   499  O  O   . ALA A 1 64  ? 2.060   -5.809  -0.396  1.00 13.20 ? 64  ALA A O   1 
ATOM   500  C  CB  . ALA A 1 64  ? 0.100   -7.668  -2.412  1.00 6.44  ? 64  ALA A CB  1 
ATOM   501  N  N   . GLY A 1 65  ? 3.132   -7.647  -1.026  1.00 17.24 ? 65  GLY A N   1 
ATOM   502  C  CA  . GLY A 1 65  ? 3.994   -7.596  0.184   1.00 13.00 ? 65  GLY A CA  1 
ATOM   503  C  C   . GLY A 1 65  ? 4.867   -6.338  0.087   1.00 15.17 ? 65  GLY A C   1 
ATOM   504  O  O   . GLY A 1 65  ? 5.028   -5.573  1.019   1.00 13.31 ? 65  GLY A O   1 
ATOM   505  N  N   . LYS A 1 66  ? 5.344   -6.127  -1.156  1.00 13.23 ? 66  LYS A N   1 
ATOM   506  C  CA  . LYS A 1 66  ? 6.213   -4.955  -1.417  1.00 14.30 ? 66  LYS A CA  1 
ATOM   507  C  C   . LYS A 1 66  ? 5.440   -3.664  -1.287  1.00 11.78 ? 66  LYS A C   1 
ATOM   508  O  O   . LYS A 1 66  ? 6.100   -2.722  -0.801  1.00 13.42 ? 66  LYS A O   1 
ATOM   509  C  CB  . LYS A 1 66  ? 6.833   -5.095  -2.731  1.00 11.63 ? 66  LYS A CB  1 
ATOM   510  C  CG  A LYS A 1 66  ? 7.858   -4.279  -3.438  0.50 8.64  ? 66  LYS A CG  1 
ATOM   511  C  CG  B LYS A 1 66  ? 8.121   -5.909  -2.785  0.50 5.49  ? 66  LYS A CG  1 
ATOM   512  C  CD  A LYS A 1 66  ? 8.692   -5.389  -4.249  0.50 7.15  ? 66  LYS A CD  1 
ATOM   513  C  CD  B LYS A 1 66  ? 9.331   -5.057  -2.422  0.50 7.78  ? 66  LYS A CD  1 
ATOM   514  C  CE  A LYS A 1 66  ? 7.668   -6.340  -4.867  0.50 3.38  ? 66  LYS A CE  1 
ATOM   515  C  CE  B LYS A 1 66  ? 9.574   -3.942  -3.425  0.50 6.56  ? 66  LYS A CE  1 
ATOM   516  N  NZ  A LYS A 1 66  ? 8.305   -7.611  -5.256  0.50 10.12 ? 66  LYS A NZ  1 
ATOM   517  N  NZ  B LYS A 1 66  ? 10.990  -3.488  -3.366  0.50 7.19  ? 66  LYS A NZ  1 
ATOM   518  N  N   . VAL A 1 67  ? 4.214   -3.592  -1.675  1.00 12.75 ? 67  VAL A N   1 
ATOM   519  C  CA  . VAL A 1 67  ? 3.455   -2.340  -1.512  1.00 14.61 ? 67  VAL A CA  1 
ATOM   520  C  C   . VAL A 1 67  ? 3.441   -1.850  -0.055  1.00 11.67 ? 67  VAL A C   1 
ATOM   521  O  O   . VAL A 1 67  ? 3.530   -0.637  0.177   1.00 13.02 ? 67  VAL A O   1 
ATOM   522  C  CB  . VAL A 1 67  ? 2.007   -2.527  -2.038  1.00 14.77 ? 67  VAL A CB  1 
ATOM   523  C  CG1 . VAL A 1 67  ? 1.098   -1.388  -1.615  1.00 9.23  ? 67  VAL A CG1 1 
ATOM   524  C  CG2 . VAL A 1 67  ? 2.021   -2.801  -3.542  1.00 11.05 ? 67  VAL A CG2 1 
ATOM   525  N  N   . PHE A 1 68  ? 3.102   -2.781  0.815   1.00 16.01 ? 68  PHE A N   1 
ATOM   526  C  CA  . PHE A 1 68  ? 2.925   -2.595  2.235   1.00 8.95  ? 68  PHE A CA  1 
ATOM   527  C  C   . PHE A 1 68  ? 4.307   -2.228  2.878   1.00 15.23 ? 68  PHE A C   1 
ATOM   528  O  O   . PHE A 1 68  ? 4.284   -1.313  3.724   1.00 7.04  ? 68  PHE A O   1 
ATOM   529  C  CB  . PHE A 1 68  ? 2.295   -3.744  2.960   1.00 10.94 ? 68  PHE A CB  1 
ATOM   530  C  CG  . PHE A 1 68  ? 0.800   -3.953  2.844   1.00 8.18  ? 68  PHE A CG  1 
ATOM   531  C  CD1 . PHE A 1 68  ? 0.222   -4.367  1.661   1.00 4.03  ? 68  PHE A CD1 1 
ATOM   532  C  CD2 . PHE A 1 68  ? 0.011   -3.643  3.949   1.00 7.98  ? 68  PHE A CD2 1 
ATOM   533  C  CE1 . PHE A 1 68  ? -1.129  -4.664  1.603   1.00 2.93  ? 68  PHE A CE1 1 
ATOM   534  C  CE2 . PHE A 1 68  ? -1.418  -3.755  3.864   1.00 3.70  ? 68  PHE A CE2 1 
ATOM   535  C  CZ  . PHE A 1 68  ? -1.924  -4.396  2.752   1.00 6.43  ? 68  PHE A CZ  1 
ATOM   536  N  N   . LYS A 1 69  ? 5.365   -2.805  2.408   1.00 12.00 ? 69  LYS A N   1 
ATOM   537  C  CA  . LYS A 1 69  ? 6.702   -2.594  2.835   1.00 13.20 ? 69  LYS A CA  1 
ATOM   538  C  C   . LYS A 1 69  ? 7.130   -1.163  2.548   1.00 12.88 ? 69  LYS A C   1 
ATOM   539  O  O   . LYS A 1 69  ? 7.767   -0.505  3.396   1.00 14.68 ? 69  LYS A O   1 
ATOM   540  C  CB  . LYS A 1 69  ? 7.763   -3.471  2.144   1.00 18.03 ? 69  LYS A CB  1 
ATOM   541  C  CG  . LYS A 1 69  ? 9.087   -3.368  2.965   1.00 21.78 ? 69  LYS A CG  1 
ATOM   542  C  CD  . LYS A 1 69  ? 10.284  -3.505  2.007   1.00 24.76 ? 69  LYS A CD  1 
ATOM   543  C  CE  . LYS A 1 69  ? 10.086  -2.492  0.877   1.00 30.10 ? 69  LYS A CE  1 
ATOM   544  N  NZ  . LYS A 1 69  ? 11.342  -2.027  0.268   1.00 31.88 ? 69  LYS A NZ  1 
ATOM   545  N  N   . LEU A 1 70  ? 6.786   -0.648  1.400   1.00 10.50 ? 70  LEU A N   1 
ATOM   546  C  CA  . LEU A 1 70  ? 7.089   0.685   0.973   1.00 3.68  ? 70  LEU A CA  1 
ATOM   547  C  C   . LEU A 1 70  ? 6.386   1.667   1.893   1.00 7.01  ? 70  LEU A C   1 
ATOM   548  O  O   . LEU A 1 70  ? 7.116   2.628   2.248   1.00 9.13  ? 70  LEU A O   1 
ATOM   549  C  CB  . LEU A 1 70  ? 6.759   0.901   -0.546  1.00 6.75  ? 70  LEU A CB  1 
ATOM   550  C  CG  . LEU A 1 70  ? 7.820   0.355   -1.502  1.00 8.35  ? 70  LEU A CG  1 
ATOM   551  C  CD1 . LEU A 1 70  ? 7.349   0.295   -2.969  1.00 6.39  ? 70  LEU A CD1 1 
ATOM   552  C  CD2 . LEU A 1 70  ? 9.055   1.244   -1.464  1.00 10.71 ? 70  LEU A CD2 1 
ATOM   553  N  N   . VAL A 1 71  ? 5.119   1.431   2.189   1.00 3.57  ? 71  VAL A N   1 
ATOM   554  C  CA  . VAL A 1 71  ? 4.385   2.374   3.069   1.00 5.96  ? 71  VAL A CA  1 
ATOM   555  C  C   . VAL A 1 71  ? 4.956   2.338   4.486   1.00 8.27  ? 71  VAL A C   1 
ATOM   556  O  O   . VAL A 1 71  ? 4.977   3.365   5.203   1.00 6.18  ? 71  VAL A O   1 
ATOM   557  C  CB  . VAL A 1 71  ? 2.882   2.133   2.972   1.00 6.62  ? 71  VAL A CB  1 
ATOM   558  C  CG1 . VAL A 1 71  ? 2.041   3.297   3.433   1.00 13.77 ? 71  VAL A CG1 1 
ATOM   559  C  CG2 . VAL A 1 71  ? 2.382   1.800   1.554   1.00 12.88 ? 71  VAL A CG2 1 
ATOM   560  N  N   . TYR A 1 72  ? 5.351   1.207   4.984   1.00 12.59 ? 72  TYR A N   1 
ATOM   561  C  CA  . TYR A 1 72  ? 5.956   1.068   6.334   1.00 12.00 ? 72  TYR A CA  1 
ATOM   562  C  C   . TYR A 1 72  ? 7.289   1.764   6.384   1.00 12.92 ? 72  TYR A C   1 
ATOM   563  O  O   . TYR A 1 72  ? 7.527   2.512   7.374   1.00 13.58 ? 72  TYR A O   1 
ATOM   564  C  CB  . TYR A 1 72  ? 5.958   -0.434  6.704   1.00 12.95 ? 72  TYR A CB  1 
ATOM   565  C  CG  . TYR A 1 72  ? 7.105   -0.803  7.598   1.00 8.88  ? 72  TYR A CG  1 
ATOM   566  C  CD1 . TYR A 1 72  ? 7.223   -0.295  8.869   1.00 17.82 ? 72  TYR A CD1 1 
ATOM   567  C  CD2 . TYR A 1 72  ? 8.238   -1.411  7.054   1.00 17.39 ? 72  TYR A CD2 1 
ATOM   568  C  CE1 . TYR A 1 72  ? 8.371   -0.450  9.641   1.00 13.73 ? 72  TYR A CE1 1 
ATOM   569  C  CE2 . TYR A 1 72  ? 9.395   -1.618  7.806   1.00 18.53 ? 72  TYR A CE2 1 
ATOM   570  C  CZ  . TYR A 1 72  ? 9.440   -1.107  9.098   1.00 17.68 ? 72  TYR A CZ  1 
ATOM   571  O  OH  . TYR A 1 72  ? 10.474  -1.389  9.937   1.00 21.48 ? 72  TYR A OH  1 
ATOM   572  N  N   . GLU A 1 73  ? 8.111   1.718   5.370   1.00 12.32 ? 73  GLU A N   1 
ATOM   573  C  CA  . GLU A 1 73  ? 9.396   2.440   5.253   1.00 13.98 ? 73  GLU A CA  1 
ATOM   574  C  C   . GLU A 1 73  ? 9.228   3.926   5.105   1.00 6.98  ? 73  GLU A C   1 
ATOM   575  O  O   . GLU A 1 73  ? 9.903   4.723   5.778   1.00 11.61 ? 73  GLU A O   1 
ATOM   576  C  CB  . GLU A 1 73  ? 10.212  1.896   4.055   1.00 7.30  ? 73  GLU A CB  1 
ATOM   577  C  CG  . GLU A 1 73  ? 10.377  0.356   4.245   1.00 14.69 ? 73  GLU A CG  1 
ATOM   578  C  CD  . GLU A 1 73  ? 11.386  -0.304  3.409   1.00 20.63 ? 73  GLU A CD  1 
ATOM   579  O  OE1 . GLU A 1 73  ? 11.525  0.283   2.286   1.00 24.65 ? 73  GLU A OE1 1 
ATOM   580  O  OE2 . GLU A 1 73  ? 12.026  -1.311  3.796   1.00 24.38 ? 73  GLU A OE2 1 
ATOM   581  N  N   . ALA A 1 74  ? 8.141   4.376   4.467   1.00 9.78  ? 74  ALA A N   1 
ATOM   582  C  CA  . ALA A 1 74  ? 7.835   5.818   4.383   1.00 8.94  ? 74  ALA A CA  1 
ATOM   583  C  C   . ALA A 1 74  ? 7.486   6.359   5.749   1.00 6.81  ? 74  ALA A C   1 
ATOM   584  O  O   . ALA A 1 74  ? 7.778   7.443   6.119   1.00 5.05  ? 74  ALA A O   1 
ATOM   585  C  CB  . ALA A 1 74  ? 6.677   6.063   3.416   1.00 8.33  ? 74  ALA A CB  1 
ATOM   586  N  N   . ALA A 1 75  ? 6.744   5.533   6.490   1.00 10.31 ? 75  ALA A N   1 
ATOM   587  C  CA  . ALA A 1 75  ? 6.308   5.865   7.835   1.00 11.10 ? 75  ALA A CA  1 
ATOM   588  C  C   . ALA A 1 75  ? 7.517   6.017   8.704   1.00 10.78 ? 75  ALA A C   1 
ATOM   589  O  O   . ALA A 1 75  ? 7.570   6.927   9.577   1.00 4.79  ? 75  ALA A O   1 
ATOM   590  C  CB  . ALA A 1 75  ? 5.292   4.809   8.330   1.00 10.76 ? 75  ALA A CB  1 
ATOM   591  N  N   . ILE A 1 76  ? 8.560   5.224   8.473   1.00 14.27 ? 76  ILE A N   1 
ATOM   592  C  CA  . ILE A 1 76  ? 9.734   5.388   9.401   1.00 12.90 ? 76  ILE A CA  1 
ATOM   593  C  C   . ILE A 1 76  ? 10.508  6.573   8.935   1.00 8.54  ? 76  ILE A C   1 
ATOM   594  O  O   . ILE A 1 76  ? 11.096  7.321   9.736   1.00 12.45 ? 76  ILE A O   1 
ATOM   595  C  CB  . ILE A 1 76  ? 10.529  4.053   9.518   1.00 13.20 ? 76  ILE A CB  1 
ATOM   596  C  CG1 . ILE A 1 76  ? 9.609   2.942   10.081  1.00 7.39  ? 76  ILE A CG1 1 
ATOM   597  C  CG2 . ILE A 1 76  ? 11.821  4.115   10.364  1.00 9.94  ? 76  ILE A CG2 1 
ATOM   598  C  CD1 . ILE A 1 76  ? 8.969   3.263   11.459  1.00 16.12 ? 76  ILE A CD1 1 
ATOM   599  N  N   . GLN A 1 77  ? 10.471  6.762   7.627   1.00 5.38  ? 77  GLN A N   1 
ATOM   600  C  CA  . GLN A 1 77  ? 11.210  7.930   7.057   1.00 11.51 ? 77  GLN A CA  1 
ATOM   601  C  C   . GLN A 1 77  ? 10.581  9.224   7.498   1.00 12.61 ? 77  GLN A C   1 
ATOM   602  O  O   . GLN A 1 77  ? 11.320  10.175  7.907   1.00 16.28 ? 77  GLN A O   1 
ATOM   603  C  CB  . GLN A 1 77  ? 11.313  7.822   5.545   1.00 9.15  ? 77  GLN A CB  1 
ATOM   604  C  CG  . GLN A 1 77  ? 12.316  8.746   4.953   1.00 8.44  ? 77  GLN A CG  1 
ATOM   605  C  CD  . GLN A 1 77  ? 12.881  8.333   3.654   1.00 10.98 ? 77  GLN A CD  1 
ATOM   606  O  OE1 . GLN A 1 77  ? 14.080  7.897   3.601   1.00 14.82 ? 77  GLN A OE1 1 
ATOM   607  N  NE2 . GLN A 1 77  ? 12.117  8.361   2.588   1.00 9.66  ? 77  GLN A NE2 1 
ATOM   608  N  N   . LEU A 1 78  ? 9.247   9.277   7.534   1.00 13.07 ? 78  LEU A N   1 
ATOM   609  C  CA  . LEU A 1 78  ? 8.581   10.509  8.008   1.00 8.35  ? 78  LEU A CA  1 
ATOM   610  C  C   . LEU A 1 78  ? 8.958   10.748  9.444   1.00 9.11  ? 78  LEU A C   1 
ATOM   611  O  O   . LEU A 1 78  ? 9.186   11.847  9.890   1.00 11.78 ? 78  LEU A O   1 
ATOM   612  C  CB  . LEU A 1 78  ? 7.066   10.354  7.754   1.00 10.55 ? 78  LEU A CB  1 
ATOM   613  C  CG  . LEU A 1 78  ? 6.540   10.589  6.357   1.00 8.80  ? 78  LEU A CG  1 
ATOM   614  C  CD1 . LEU A 1 78  ? 5.090   10.212  6.261   1.00 12.92 ? 78  LEU A CD1 1 
ATOM   615  C  CD2 . LEU A 1 78  ? 6.656   12.078  6.017   1.00 12.27 ? 78  LEU A CD2 1 
ATOM   616  N  N   . GLU A 1 79  ? 8.980   9.716   10.286  1.00 8.25  ? 79  GLU A N   1 
ATOM   617  C  CA  . GLU A 1 79  ? 9.286   9.949   11.681  1.00 9.45  ? 79  GLU A CA  1 
ATOM   618  C  C   . GLU A 1 79  ? 10.703  10.521  11.850  1.00 4.94  ? 79  GLU A C   1 
ATOM   619  O  O   . GLU A 1 79  ? 10.730  11.576  12.505  1.00 6.98  ? 79  GLU A O   1 
ATOM   620  C  CB  . GLU A 1 79  ? 9.074   8.716   12.493  1.00 12.63 ? 79  GLU A CB  1 
ATOM   621  C  CG  . GLU A 1 79  ? 9.203   8.558   13.943  1.00 17.49 ? 79  GLU A CG  1 
ATOM   622  C  CD  . GLU A 1 79  ? 10.492  8.118   14.544  1.00 20.01 ? 79  GLU A CD  1 
ATOM   623  O  OE1 . GLU A 1 79  ? 10.997  7.023   14.302  1.00 27.80 ? 79  GLU A OE1 1 
ATOM   624  O  OE2 . GLU A 1 79  ? 10.924  8.891   15.424  1.00 28.60 ? 79  GLU A OE2 1 
ATOM   625  N  N   . VAL A 1 80  ? 11.704  9.933   11.381  1.00 8.98  ? 80  VAL A N   1 
ATOM   626  C  CA  . VAL A 1 80  ? 13.138  10.093  11.358  1.00 7.51  ? 80  VAL A CA  1 
ATOM   627  C  C   . VAL A 1 80  ? 13.573  11.317  10.557  1.00 7.65  ? 80  VAL A C   1 
ATOM   628  O  O   . VAL A 1 80  ? 14.279  12.224  11.112  1.00 8.40  ? 80  VAL A O   1 
ATOM   629  C  CB  . VAL A 1 80  ? 13.858  8.791   10.858  1.00 2.34  ? 80  VAL A CB  1 
ATOM   630  C  CG1 . VAL A 1 80  ? 15.364  8.908   10.815  1.00 12.42 ? 80  VAL A CG1 1 
ATOM   631  C  CG2 . VAL A 1 80  ? 13.586  7.534   11.663  1.00 9.10  ? 80  VAL A CG2 1 
ATOM   632  N  N   . THR A 1 81  ? 13.113  11.517  9.335   1.00 10.40 ? 81  THR A N   1 
ATOM   633  C  CA  . THR A 1 81  ? 13.627  12.692  8.614   1.00 7.53  ? 81  THR A CA  1 
ATOM   634  C  C   . THR A 1 81  ? 12.696  13.887  8.590   1.00 9.75  ? 81  THR A C   1 
ATOM   635  O  O   . THR A 1 81  ? 13.114  15.004  8.127   1.00 9.65  ? 81  THR A O   1 
ATOM   636  C  CB  . THR A 1 81  ? 14.023  12.233  7.141   1.00 15.28 ? 81  THR A CB  1 
ATOM   637  O  OG1 . THR A 1 81  ? 12.756  11.916  6.508   1.00 16.96 ? 81  THR A OG1 1 
ATOM   638  C  CG2 . THR A 1 81  ? 15.010  11.045  7.044   1.00 14.27 ? 81  THR A CG2 1 
ATOM   639  N  N   . GLY A 1 82  ? 11.418  13.618  8.591   1.00 13.20 ? 82  GLY A N   1 
ATOM   640  C  CA  . GLY A 1 82  ? 10.330  14.605  8.506   1.00 9.48  ? 82  GLY A CA  1 
ATOM   641  C  C   . GLY A 1 82  ? 9.699   14.714  7.143   1.00 10.97 ? 82  GLY A C   1 
ATOM   642  O  O   . GLY A 1 82  ? 8.822   15.582  6.887   1.00 11.73 ? 82  GLY A O   1 
ATOM   643  N  N   . VAL A 1 83  ? 10.214  14.017  6.151   1.00 15.33 ? 83  VAL A N   1 
ATOM   644  C  CA  . VAL A 1 83  ? 9.766   14.035  4.765   1.00 13.42 ? 83  VAL A CA  1 
ATOM   645  C  C   . VAL A 1 83  ? 9.855   12.652  4.191   1.00 9.02  ? 83  VAL A C   1 
ATOM   646  O  O   . VAL A 1 83  ? 10.564  11.781  4.709   1.00 14.04 ? 83  VAL A O   1 
ATOM   647  C  CB  . VAL A 1 83  ? 10.635  14.945  3.839   1.00 9.57  ? 83  VAL A CB  1 
ATOM   648  C  CG1 . VAL A 1 83  ? 10.702  16.376  4.140   1.00 6.39  ? 83  VAL A CG1 1 
ATOM   649  C  CG2 . VAL A 1 83  ? 12.060  14.313  3.848   1.00 13.62 ? 83  VAL A CG2 1 
ATOM   650  N  N   . VAL A 1 84  ? 9.184   12.529  3.011   1.00 11.87 ? 84  VAL A N   1 
ATOM   651  C  CA  . VAL A 1 84  ? 9.422   11.285  2.275   1.00 7.04  ? 84  VAL A CA  1 
ATOM   652  C  C   . VAL A 1 84  ? 10.453  11.685  1.204   1.00 6.93  ? 84  VAL A C   1 
ATOM   653  O  O   . VAL A 1 84  ? 10.056  12.481  0.326   1.00 11.01 ? 84  VAL A O   1 
ATOM   654  C  CB  . VAL A 1 84  ? 8.213   10.637  1.634   1.00 7.48  ? 84  VAL A CB  1 
ATOM   655  C  CG1 . VAL A 1 84  ? 8.727   9.514   0.672   1.00 6.56  ? 84  VAL A CG1 1 
ATOM   656  C  CG2 . VAL A 1 84  ? 7.195   10.050  2.549   1.00 7.44  ? 84  VAL A CG2 1 
ATOM   657  N  N   . VAL A 1 85  ? 11.508  10.905  1.030   1.00 12.24 ? 85  VAL A N   1 
ATOM   658  C  CA  . VAL A 1 85  ? 12.478  11.222  -0.040  1.00 14.66 ? 85  VAL A CA  1 
ATOM   659  C  C   . VAL A 1 85  ? 12.208  10.514  -1.360  1.00 15.49 ? 85  VAL A C   1 
ATOM   660  O  O   . VAL A 1 85  ? 11.945  9.328   -1.361  1.00 17.88 ? 85  VAL A O   1 
ATOM   661  C  CB  . VAL A 1 85  ? 13.952  10.916  0.381   1.00 13.77 ? 85  VAL A CB  1 
ATOM   662  C  CG1 . VAL A 1 85  ? 14.895  11.254  -0.763  1.00 14.01 ? 85  VAL A CG1 1 
ATOM   663  C  CG2 . VAL A 1 85  ? 14.190  11.648  1.655   1.00 12.96 ? 85  VAL A CG2 1 
ATOM   664  N  N   . THR A 1 86  ? 12.502  11.269  -2.406  1.00 20.97 ? 86  THR A N   1 
ATOM   665  C  CA  . THR A 1 86  ? 12.420  10.683  -3.752  1.00 23.92 ? 86  THR A CA  1 
ATOM   666  C  C   . THR A 1 86  ? 13.791  10.205  -4.219  1.00 24.54 ? 86  THR A C   1 
ATOM   667  O  O   . THR A 1 86  ? 14.614  11.086  -4.475  1.00 24.26 ? 86  THR A O   1 
ATOM   668  C  CB  . THR A 1 86  ? 11.822  11.693  -4.783  1.00 27.35 ? 86  THR A CB  1 
ATOM   669  O  OG1 . THR A 1 86  ? 10.608  12.266  -4.185  1.00 27.17 ? 86  THR A OG1 1 
ATOM   670  C  CG2 . THR A 1 86  ? 11.605  10.972  -6.132  1.00 29.61 ? 86  THR A CG2 1 
ATOM   671  N  N   . ASP A 1 87  ? 13.967  8.912   -4.307  1.00 26.63 ? 87  ASP A N   1 
ATOM   672  C  CA  . ASP A 1 87  ? 15.131  8.163   -4.745  1.00 29.49 ? 87  ASP A CA  1 
ATOM   673  C  C   . ASP A 1 87  ? 14.820  7.430   -6.063  1.00 27.43 ? 87  ASP A C   1 
ATOM   674  O  O   . ASP A 1 87  ? 13.670  7.376   -6.496  1.00 28.95 ? 87  ASP A O   1 
ATOM   675  C  CB  . ASP A 1 87  ? 15.631  7.133   -3.714  1.00 27.61 ? 87  ASP A CB  1 
ATOM   676  C  CG  . ASP A 1 87  ? 14.505  6.150   -3.394  1.00 27.33 ? 87  ASP A CG  1 
ATOM   677  O  OD1 . ASP A 1 87  ? 13.440  6.200   -4.024  1.00 28.33 ? 87  ASP A OD1 1 
ATOM   678  O  OD2 . ASP A 1 87  ? 14.663  5.433   -2.400  1.00 28.51 ? 87  ASP A OD2 1 
ATOM   679  N  N   . ALA A 1 88  ? 15.826  6.799   -6.619  1.00 27.57 ? 88  ALA A N   1 
ATOM   680  C  CA  . ALA A 1 88  ? 15.672  6.092   -7.908  1.00 23.74 ? 88  ALA A CA  1 
ATOM   681  C  C   . ALA A 1 88  ? 14.360  5.333   -8.004  1.00 25.36 ? 88  ALA A C   1 
ATOM   682  O  O   . ALA A 1 88  ? 13.538  5.572   -8.930  1.00 24.37 ? 88  ALA A O   1 
ATOM   683  C  CB  . ALA A 1 88  ? 16.864  5.165   -8.116  1.00 22.25 ? 88  ALA A CB  1 
ATOM   684  N  N   . THR A 1 89  ? 14.200  4.312   -7.216  1.00 22.75 ? 89  THR A N   1 
ATOM   685  C  CA  . THR A 1 89  ? 13.156  3.390   -6.975  1.00 22.28 ? 89  THR A CA  1 
ATOM   686  C  C   . THR A 1 89  ? 11.743  3.920   -7.118  1.00 21.50 ? 89  THR A C   1 
ATOM   687  O  O   . THR A 1 89  ? 10.858  3.257   -7.653  1.00 24.68 ? 89  THR A O   1 
ATOM   688  C  CB  . THR A 1 89  ? 13.261  2.853   -5.459  1.00 23.29 ? 89  THR A CB  1 
ATOM   689  O  OG1 . THR A 1 89  ? 14.589  2.272   -5.370  1.00 31.98 ? 89  THR A OG1 1 
ATOM   690  C  CG2 . THR A 1 89  ? 12.160  1.888   -5.049  1.00 26.95 ? 89  THR A CG2 1 
ATOM   691  N  N   . LEU A 1 90  ? 11.517  5.061   -6.449  1.00 21.42 ? 90  LEU A N   1 
ATOM   692  C  CA  . LEU A 1 90  ? 10.191  5.663   -6.488  1.00 18.35 ? 90  LEU A CA  1 
ATOM   693  C  C   . LEU A 1 90  ? 9.998   6.368   -7.844  1.00 18.93 ? 90  LEU A C   1 
ATOM   694  O  O   . LEU A 1 90  ? 8.819   6.445   -8.200  1.00 17.90 ? 90  LEU A O   1 
ATOM   695  C  CB  . LEU A 1 90  ? 9.963   6.600   -5.304  1.00 19.46 ? 90  LEU A CB  1 
ATOM   696  C  CG  . LEU A 1 90  ? 10.330  6.113   -3.906  1.00 18.53 ? 90  LEU A CG  1 
ATOM   697  C  CD1 . LEU A 1 90  ? 9.928   7.133   -2.853  1.00 11.80 ? 90  LEU A CD1 1 
ATOM   698  C  CD2 . LEU A 1 90  ? 9.611   4.796   -3.647  1.00 17.48 ? 90  LEU A CD2 1 
ATOM   699  N  N   . LYS A 1 91  ? 11.010  6.806   -8.529  1.00 17.73 ? 91  LYS A N   1 
ATOM   700  C  CA  . LYS A 1 91  ? 10.877  7.501   -9.818  1.00 22.67 ? 91  LYS A CA  1 
ATOM   701  C  C   . LYS A 1 91  ? 10.602  6.384   -10.866 1.00 21.13 ? 91  LYS A C   1 
ATOM   702  O  O   . LYS A 1 91  ? 9.848   6.532   -11.833 1.00 24.48 ? 91  LYS A O   1 
ATOM   703  C  CB  . LYS A 1 91  ? 12.051  8.333   -10.325 1.00 22.55 ? 91  LYS A CB  1 
ATOM   704  C  CG  . LYS A 1 91  ? 12.798  9.194   -9.254  1.00 25.27 ? 91  LYS A CG  1 
ATOM   705  C  CD  . LYS A 1 91  ? 14.115  9.636   -9.880  1.00 26.60 ? 91  LYS A CD  1 
ATOM   706  C  CE  . LYS A 1 91  ? 15.290  9.903   -9.053  1.00 21.04 ? 91  LYS A CE  1 
ATOM   707  N  NZ  . LYS A 1 91  ? 15.326  11.069  -8.204  1.00 23.91 ? 91  LYS A NZ  1 
ATOM   708  N  N   . ASN A 1 92  ? 11.259  5.270   -10.608 1.00 16.21 ? 92  ASN A N   1 
ATOM   709  C  CA  . ASN A 1 92  ? 11.015  4.083   -11.439 1.00 22.17 ? 92  ASN A CA  1 
ATOM   710  C  C   . ASN A 1 92  ? 9.520   3.760   -11.277 1.00 23.32 ? 92  ASN A C   1 
ATOM   711  O  O   . ASN A 1 92  ? 8.797   3.616   -12.283 1.00 24.39 ? 92  ASN A O   1 
ATOM   712  C  CB  . ASN A 1 92  ? 11.981  2.990   -11.054 1.00 28.69 ? 92  ASN A CB  1 
ATOM   713  C  CG  . ASN A 1 92  ? 11.894  1.713   -11.861 1.00 34.69 ? 92  ASN A CG  1 
ATOM   714  O  OD1 . ASN A 1 92  ? 11.278  1.699   -12.944 1.00 36.47 ? 92  ASN A OD1 1 
ATOM   715  N  ND2 . ASN A 1 92  ? 12.527  0.651   -11.337 1.00 35.21 ? 92  ASN A ND2 1 
ATOM   716  N  N   . LEU A 1 93  ? 9.036   3.780   -10.024 1.00 21.28 ? 93  LEU A N   1 
ATOM   717  C  CA  . LEU A 1 93  ? 7.658   3.437   -9.711  1.00 19.12 ? 93  LEU A CA  1 
ATOM   718  C  C   . LEU A 1 93  ? 6.635   4.369   -10.390 1.00 19.18 ? 93  LEU A C   1 
ATOM   719  O  O   . LEU A 1 93  ? 5.570   3.759   -10.611 1.00 14.57 ? 93  LEU A O   1 
ATOM   720  C  CB  . LEU A 1 93  ? 7.370   3.393   -8.212  1.00 21.54 ? 93  LEU A CB  1 
ATOM   721  C  CG  . LEU A 1 93  ? 7.994   2.238   -7.454  1.00 21.88 ? 93  LEU A CG  1 
ATOM   722  C  CD1 . LEU A 1 93  ? 7.526   2.178   -6.031  1.00 23.37 ? 93  LEU A CD1 1 
ATOM   723  C  CD2 . LEU A 1 93  ? 7.588   0.935   -8.184  1.00 24.14 ? 93  LEU A CD2 1 
ATOM   724  N  N   . GLY A 1 94  ? 7.010   5.585   -10.691 1.00 16.13 ? 94  GLY A N   1 
ATOM   725  C  CA  . GLY A 1 94  ? 6.192   6.581   -11.345 1.00 20.24 ? 94  GLY A CA  1 
ATOM   726  C  C   . GLY A 1 94  ? 5.991   6.264   -12.839 1.00 22.10 ? 94  GLY A C   1 
ATOM   727  O  O   . GLY A 1 94  ? 4.886   6.256   -13.375 1.00 20.88 ? 94  GLY A O   1 
ATOM   728  N  N   . SER A 1 95  ? 7.107   6.066   -13.493 1.00 22.96 ? 95  SER A N   1 
ATOM   729  C  CA  . SER A 1 95  ? 7.130   5.635   -14.874 1.00 24.58 ? 95  SER A CA  1 
ATOM   730  C  C   . SER A 1 95  ? 6.305   4.338   -14.962 1.00 27.19 ? 95  SER A C   1 
ATOM   731  O  O   . SER A 1 95  ? 5.309   4.309   -15.725 1.00 32.32 ? 95  SER A O   1 
ATOM   732  C  CB  . SER A 1 95  ? 8.550   5.427   -15.374 1.00 25.77 ? 95  SER A CB  1 
ATOM   733  O  OG  . SER A 1 95  ? 9.119   4.255   -14.717 1.00 27.58 ? 95  SER A OG  1 
ATOM   734  N  N   . VAL A 1 96  ? 6.614   3.329   -14.118 1.00 22.59 ? 96  VAL A N   1 
ATOM   735  C  CA  . VAL A 1 96  ? 5.849   2.086   -14.247 1.00 20.51 ? 96  VAL A CA  1 
ATOM   736  C  C   . VAL A 1 96  ? 4.351   2.356   -14.017 1.00 20.62 ? 96  VAL A C   1 
ATOM   737  O  O   . VAL A 1 96  ? 3.559   1.691   -14.751 1.00 16.70 ? 96  VAL A O   1 
ATOM   738  C  CB  . VAL A 1 96  ? 6.323   0.881   -13.365 1.00 19.92 ? 96  VAL A CB  1 
ATOM   739  C  CG1 . VAL A 1 96  ? 7.830   0.919   -13.071 1.00 20.32 ? 96  VAL A CG1 1 
ATOM   740  C  CG2 . VAL A 1 96  ? 5.477   0.670   -12.151 1.00 18.82 ? 96  VAL A CG2 1 
ATOM   741  N  N   . HIS A 1 97  ? 3.944   3.152   -13.036 1.00 12.26 ? 97  HIS A N   1 
ATOM   742  C  CA  . HIS A 1 97  ? 2.465   3.342   -12.923 1.00 12.76 ? 97  HIS A CA  1 
ATOM   743  C  C   . HIS A 1 97  ? 1.922   4.105   -14.112 1.00 17.81 ? 97  HIS A C   1 
ATOM   744  O  O   . HIS A 1 97  ? 0.778   3.810   -14.507 1.00 20.04 ? 97  HIS A O   1 
ATOM   745  C  CB  . HIS A 1 97  ? 2.008   4.034   -11.620 1.00 12.96 ? 97  HIS A CB  1 
ATOM   746  C  CG  . HIS A 1 97  ? 2.115   3.092   -10.433 1.00 11.35 ? 97  HIS A CG  1 
ATOM   747  N  ND1 . HIS A 1 97  ? 3.276   2.922   -9.704  1.00 8.68  ? 97  HIS A ND1 1 
ATOM   748  C  CD2 . HIS A 1 97  ? 1.257   2.182   -9.993  1.00 11.70 ? 97  HIS A CD2 1 
ATOM   749  C  CE1 . HIS A 1 97  ? 3.094   1.961   -8.853  1.00 10.89 ? 97  HIS A CE1 1 
ATOM   750  N  NE2 . HIS A 1 97  ? 1.850   1.502   -8.919  1.00 5.36  ? 97  HIS A NE2 1 
ATOM   751  N  N   . VAL A 1 98  ? 2.672   4.993   -14.777 1.00 18.54 ? 98  VAL A N   1 
ATOM   752  C  CA  . VAL A 1 98  ? 2.052   5.665   -15.954 1.00 20.40 ? 98  VAL A CA  1 
ATOM   753  C  C   . VAL A 1 98  ? 1.873   4.624   -17.065 1.00 18.45 ? 98  VAL A C   1 
ATOM   754  O  O   . VAL A 1 98  ? 0.910   4.585   -17.841 1.00 19.84 ? 98  VAL A O   1 
ATOM   755  C  CB  . VAL A 1 98  ? 2.819   6.899   -16.412 1.00 20.66 ? 98  VAL A CB  1 
ATOM   756  C  CG1 . VAL A 1 98  ? 2.297   7.356   -17.781 1.00 23.85 ? 98  VAL A CG1 1 
ATOM   757  C  CG2 . VAL A 1 98  ? 2.785   8.082   -15.473 1.00 16.97 ? 98  VAL A CG2 1 
ATOM   758  N  N   . SER A 1 99  ? 2.829   3.728   -17.110 1.00 20.82 ? 99  SER A N   1 
ATOM   759  C  CA  . SER A 1 99  ? 2.835   2.676   -18.143 1.00 22.04 ? 99  SER A CA  1 
ATOM   760  C  C   . SER A 1 99  ? 1.614   1.819   -18.099 1.00 18.28 ? 99  SER A C   1 
ATOM   761  O  O   . SER A 1 99  ? 1.005   1.469   -19.134 1.00 23.34 ? 99  SER A O   1 
ATOM   762  C  CB  . SER A 1 99  ? 4.102   1.822   -17.981 1.00 22.37 ? 99  SER A CB  1 
ATOM   763  O  OG  . SER A 1 99  ? 5.187   2.571   -18.542 1.00 32.23 ? 99  SER A OG  1 
ATOM   764  N  N   . LYS A 1 100 ? 1.280   1.356   -16.931 1.00 22.63 ? 100 LYS A N   1 
ATOM   765  C  CA  . LYS A 1 100 ? 0.169   0.453   -16.670 1.00 19.72 ? 100 LYS A CA  1 
ATOM   766  C  C   . LYS A 1 100 ? -1.160  1.200   -16.681 1.00 19.36 ? 100 LYS A C   1 
ATOM   767  O  O   . LYS A 1 100 ? -2.151  0.542   -16.294 1.00 28.19 ? 100 LYS A O   1 
ATOM   768  C  CB  . LYS A 1 100 ? 0.358   -0.258  -15.349 1.00 19.59 ? 100 LYS A CB  1 
ATOM   769  C  CG  . LYS A 1 100 ? 1.513   -1.133  -15.056 1.00 18.72 ? 100 LYS A CG  1 
ATOM   770  C  CD  . LYS A 1 100 ? 1.799   -2.311  -15.839 1.00 24.39 ? 100 LYS A CD  1 
ATOM   771  C  CE  . LYS A 1 100 ? 2.722   -2.254  -17.023 1.00 28.30 ? 100 LYS A CE  1 
ATOM   772  N  NZ  . LYS A 1 100 ? 4.153   -2.398  -16.564 1.00 30.23 ? 100 LYS A NZ  1 
ATOM   773  N  N   . GLY A 1 101 ? -1.255  2.467   -16.997 1.00 21.78 ? 101 GLY A N   1 
ATOM   774  C  CA  . GLY A 1 101 ? -2.481  3.232   -17.039 1.00 18.67 ? 101 GLY A CA  1 
ATOM   775  C  C   . GLY A 1 101 ? -3.061  3.721   -15.724 1.00 23.18 ? 101 GLY A C   1 
ATOM   776  O  O   . GLY A 1 101 ? -4.294  4.064   -15.611 1.00 19.19 ? 101 GLY A O   1 
ATOM   777  N  N   . VAL A 1 102 ? -2.209  3.884   -14.714 1.00 18.47 ? 102 VAL A N   1 
ATOM   778  C  CA  . VAL A 1 102 ? -2.666  4.362   -13.391 1.00 11.06 ? 102 VAL A CA  1 
ATOM   779  C  C   . VAL A 1 102 ? -2.874  5.843   -13.463 1.00 11.70 ? 102 VAL A C   1 
ATOM   780  O  O   . VAL A 1 102 ? -1.910  6.540   -13.860 1.00 14.67 ? 102 VAL A O   1 
ATOM   781  C  CB  . VAL A 1 102 ? -1.644  3.940   -12.314 1.00 12.84 ? 102 VAL A CB  1 
ATOM   782  C  CG1 . VAL A 1 102 ? -1.985  4.402   -10.897 1.00 10.33 ? 102 VAL A CG1 1 
ATOM   783  C  CG2 . VAL A 1 102 ? -1.408  2.430   -12.332 1.00 6.60  ? 102 VAL A CG2 1 
ATOM   784  N  N   . ALA A 1 103 ? -3.941  6.294   -12.826 1.00 13.01 ? 103 ALA A N   1 
ATOM   785  C  CA  . ALA A 1 103 ? -4.249  7.707   -12.623 1.00 11.65 ? 103 ALA A CA  1 
ATOM   786  C  C   . ALA A 1 103 ? -4.322  8.038   -11.144 1.00 12.77 ? 103 ALA A C   1 
ATOM   787  O  O   . ALA A 1 103 ? -4.498  7.212   -10.235 1.00 12.92 ? 103 ALA A O   1 
ATOM   788  C  CB  . ALA A 1 103 ? -5.563  8.022   -13.323 1.00 10.44 ? 103 ALA A CB  1 
ATOM   789  N  N   . ASP A 1 104 ? -4.329  9.354   -10.866 1.00 14.43 ? 104 ASP A N   1 
ATOM   790  C  CA  . ASP A 1 104 ? -4.397  9.940   -9.530  1.00 15.11 ? 104 ASP A CA  1 
ATOM   791  C  C   . ASP A 1 104 ? -5.622  9.466   -8.745  1.00 11.79 ? 104 ASP A C   1 
ATOM   792  O  O   . ASP A 1 104 ? -5.422  9.166   -7.543  1.00 8.69  ? 104 ASP A O   1 
ATOM   793  C  CB  . ASP A 1 104 ? -4.289  11.485  -9.617  1.00 18.40 ? 104 ASP A CB  1 
ATOM   794  C  CG  . ASP A 1 104 ? -2.901  12.006  -9.877  1.00 22.71 ? 104 ASP A CG  1 
ATOM   795  O  OD1 . ASP A 1 104 ? -1.987  11.179  -9.980  1.00 22.77 ? 104 ASP A OD1 1 
ATOM   796  O  OD2 . ASP A 1 104 ? -2.619  13.251  -9.935  1.00 23.28 ? 104 ASP A OD2 1 
ATOM   797  N  N   . ALA A 1 105 ? -6.764  9.349   -9.377  1.00 11.29 ? 105 ALA A N   1 
ATOM   798  C  CA  . ALA A 1 105 ? -8.037  8.945   -8.825  1.00 10.90 ? 105 ALA A CA  1 
ATOM   799  C  C   . ALA A 1 105 ? -8.095  7.472   -8.405  1.00 6.51  ? 105 ALA A C   1 
ATOM   800  O  O   . ALA A 1 105 ? -9.023  7.102   -7.661  1.00 14.10 ? 105 ALA A O   1 
ATOM   801  C  CB  . ALA A 1 105 ? -9.229  9.125   -9.808  1.00 4.85  ? 105 ALA A CB  1 
ATOM   802  N  N   . HIS A 1 106 ? -7.109  6.735   -8.801  1.00 8.90  ? 106 HIS A N   1 
ATOM   803  C  CA  . HIS A 1 106 ? -6.966  5.342   -8.400  1.00 6.08  ? 106 HIS A CA  1 
ATOM   804  C  C   . HIS A 1 106 ? -6.392  5.224   -7.000  1.00 10.79 ? 106 HIS A C   1 
ATOM   805  O  O   . HIS A 1 106 ? -6.841  4.332   -6.265  1.00 15.02 ? 106 HIS A O   1 
ATOM   806  C  CB  . HIS A 1 106 ? -6.043  4.508   -9.339  1.00 10.95 ? 106 HIS A CB  1 
ATOM   807  C  CG  . HIS A 1 106 ? -6.682  4.036   -10.621 1.00 5.65  ? 106 HIS A CG  1 
ATOM   808  N  ND1 . HIS A 1 106 ? -6.313  4.465   -11.852 1.00 10.31 ? 106 HIS A ND1 1 
ATOM   809  C  CD2 . HIS A 1 106 ? -7.683  3.158   -10.827 1.00 7.28  ? 106 HIS A CD2 1 
ATOM   810  C  CE1 . HIS A 1 106 ? -7.089  3.902   -12.794 1.00 6.96  ? 106 HIS A CE1 1 
ATOM   811  N  NE2 . HIS A 1 106 ? -7.934  3.109   -12.153 1.00 10.11 ? 106 HIS A NE2 1 
ATOM   812  N  N   . PHE A 1 107 ? -5.584  6.217   -6.594  1.00 11.05 ? 107 PHE A N   1 
ATOM   813  C  CA  . PHE A 1 107 ? -4.825  6.129   -5.340  1.00 12.61 ? 107 PHE A CA  1 
ATOM   814  C  C   . PHE A 1 107 ? -5.699  5.940   -4.116  1.00 7.54  ? 107 PHE A C   1 
ATOM   815  O  O   . PHE A 1 107 ? -5.212  5.165   -3.281  1.00 12.77 ? 107 PHE A O   1 
ATOM   816  C  CB  . PHE A 1 107 ? -3.850  7.308   -5.087  1.00 6.27  ? 107 PHE A CB  1 
ATOM   817  C  CG  . PHE A 1 107 ? -2.618  7.096   -5.904  1.00 7.93  ? 107 PHE A CG  1 
ATOM   818  C  CD1 . PHE A 1 107 ? -2.694  7.430   -7.271  1.00 7.18  ? 107 PHE A CD1 1 
ATOM   819  C  CD2 . PHE A 1 107 ? -1.502  6.492   -5.371  1.00 7.41  ? 107 PHE A CD2 1 
ATOM   820  C  CE1 . PHE A 1 107 ? -1.616  7.271   -8.093  1.00 9.63  ? 107 PHE A CE1 1 
ATOM   821  C  CE2 . PHE A 1 107 ? -0.352  6.346   -6.219  1.00 9.82  ? 107 PHE A CE2 1 
ATOM   822  C  CZ  . PHE A 1 107 ? -0.459  6.706   -7.556  1.00 9.06  ? 107 PHE A CZ  1 
ATOM   823  N  N   . PRO A 1 108 ? -6.795  6.643   -4.010  1.00 8.52  ? 108 PRO A N   1 
ATOM   824  C  CA  . PRO A 1 108 ? -7.722  6.405   -2.911  1.00 6.78  ? 108 PRO A CA  1 
ATOM   825  C  C   . PRO A 1 108 ? -8.067  4.965   -2.738  1.00 8.59  ? 108 PRO A C   1 
ATOM   826  O  O   . PRO A 1 108 ? -8.583  4.532   -1.667  1.00 7.96  ? 108 PRO A O   1 
ATOM   827  C  CB  . PRO A 1 108 ? -8.953  7.268   -3.301  1.00 8.97  ? 108 PRO A CB  1 
ATOM   828  C  CG  . PRO A 1 108 ? -8.311  8.446   -4.019  1.00 1.46  ? 108 PRO A CG  1 
ATOM   829  C  CD  . PRO A 1 108 ? -7.309  7.670   -4.916  1.00 9.02  ? 108 PRO A CD  1 
ATOM   830  N  N   . VAL A 1 109 ? -8.334  4.278   -3.864  1.00 9.90  ? 109 VAL A N   1 
ATOM   831  C  CA  . VAL A 1 109 ? -8.812  2.907   -3.961  1.00 9.03  ? 109 VAL A CA  1 
ATOM   832  C  C   . VAL A 1 109 ? -7.867  1.976   -3.194  1.00 10.13 ? 109 VAL A C   1 
ATOM   833  O  O   . VAL A 1 109 ? -8.377  1.124   -2.451  1.00 11.19 ? 109 VAL A O   1 
ATOM   834  C  CB  . VAL A 1 109 ? -9.056  2.459   -5.438  1.00 7.93  ? 109 VAL A CB  1 
ATOM   835  C  CG1 . VAL A 1 109 ? -9.341  0.953   -5.534  1.00 12.00 ? 109 VAL A CG1 1 
ATOM   836  C  CG2 . VAL A 1 109 ? -10.140 3.180   -6.190  1.00 7.85  ? 109 VAL A CG2 1 
ATOM   837  N  N   . VAL A 1 110 ? -6.605  2.099   -3.400  1.00 5.61  ? 110 VAL A N   1 
ATOM   838  C  CA  . VAL A 1 110 ? -5.573  1.279   -2.795  1.00 4.86  ? 110 VAL A CA  1 
ATOM   839  C  C   . VAL A 1 110 ? -5.318  1.741   -1.349  1.00 7.69  ? 110 VAL A C   1 
ATOM   840  O  O   . VAL A 1 110 ? -5.045  0.903   -0.468  1.00 6.70  ? 110 VAL A O   1 
ATOM   841  C  CB  . VAL A 1 110 ? -4.347  1.239   -3.694  1.00 5.25  ? 110 VAL A CB  1 
ATOM   842  C  CG1 . VAL A 1 110 ? -3.169  0.471   -3.114  1.00 8.61  ? 110 VAL A CG1 1 
ATOM   843  C  CG2 . VAL A 1 110 ? -4.738  0.679   -5.079  1.00 8.23  ? 110 VAL A CG2 1 
ATOM   844  N  N   . LYS A 1 111 ? -5.493  2.993   -1.081  1.00 8.25  ? 111 LYS A N   1 
ATOM   845  C  CA  . LYS A 1 111 ? -5.476  3.414   0.362   1.00 10.04 ? 111 LYS A CA  1 
ATOM   846  C  C   . LYS A 1 111 ? -6.506  2.761   1.226   1.00 7.77  ? 111 LYS A C   1 
ATOM   847  O  O   . LYS A 1 111 ? -6.214  2.299   2.385   1.00 6.97  ? 111 LYS A O   1 
ATOM   848  C  CB  . LYS A 1 111 ? -5.665  4.908   0.320   1.00 4.50  ? 111 LYS A CB  1 
ATOM   849  C  CG  . LYS A 1 111 ? -5.876  5.448   1.809   1.00 10.82 ? 111 LYS A CG  1 
ATOM   850  C  CD  . LYS A 1 111 ? -5.614  6.924   1.707   1.00 10.14 ? 111 LYS A CD  1 
ATOM   851  C  CE  . LYS A 1 111 ? -6.279  7.856   2.679   1.00 14.86 ? 111 LYS A CE  1 
ATOM   852  N  NZ  . LYS A 1 111 ? -5.948  9.246   2.173   1.00 19.54 ? 111 LYS A NZ  1 
ATOM   853  N  N   . GLU A 1 112 ? -7.759  2.693   0.817   1.00 12.07 ? 112 GLU A N   1 
ATOM   854  C  CA  . GLU A 1 112 ? -8.832  2.121   1.624   1.00 10.57 ? 112 GLU A CA  1 
ATOM   855  C  C   . GLU A 1 112 ? -8.712  0.630   1.817   1.00 9.02  ? 112 GLU A C   1 
ATOM   856  O  O   . GLU A 1 112 ? -9.039  0.144   2.912   1.00 9.26  ? 112 GLU A O   1 
ATOM   857  C  CB  . GLU A 1 112 ? -10.224 2.411   1.020   1.00 12.16 ? 112 GLU A CB  1 
ATOM   858  C  CG  . GLU A 1 112 ? -10.617 3.874   1.255   1.00 12.56 ? 112 GLU A CG  1 
ATOM   859  C  CD  . GLU A 1 112 ? -10.896 4.169   2.721   1.00 21.32 ? 112 GLU A CD  1 
ATOM   860  O  OE1 . GLU A 1 112 ? -11.514 3.313   3.365   1.00 23.55 ? 112 GLU A OE1 1 
ATOM   861  O  OE2 . GLU A 1 112 ? -10.523 5.289   3.126   1.00 16.83 ? 112 GLU A OE2 1 
ATOM   862  N  N   . ALA A 1 113 ? -8.038  -0.007  0.868   1.00 9.94  ? 113 ALA A N   1 
ATOM   863  C  CA  . ALA A 1 113 ? -7.845  -1.466  0.934   1.00 4.74  ? 113 ALA A CA  1 
ATOM   864  C  C   . ALA A 1 113 ? -6.758  -1.824  1.909   1.00 4.84  ? 113 ALA A C   1 
ATOM   865  O  O   . ALA A 1 113 ? -6.897  -2.855  2.644   1.00 9.07  ? 113 ALA A O   1 
ATOM   866  C  CB  . ALA A 1 113 ? -7.649  -1.910  -0.527  1.00 6.70  ? 113 ALA A CB  1 
ATOM   867  N  N   . ILE A 1 114 ? -5.714  -1.065  1.986   1.00 6.90  ? 114 ILE A N   1 
ATOM   868  C  CA  . ILE A 1 114 ? -4.608  -1.064  2.886   1.00 6.98  ? 114 ILE A CA  1 
ATOM   869  C  C   . ILE A 1 114 ? -5.130  -0.776  4.337   1.00 7.31  ? 114 ILE A C   1 
ATOM   870  O  O   . ILE A 1 114 ? -4.872  -1.621  5.189   1.00 11.55 ? 114 ILE A O   1 
ATOM   871  C  CB  . ILE A 1 114 ? -3.434  -0.053  2.534   1.00 2.46  ? 114 ILE A CB  1 
ATOM   872  C  CG1 . ILE A 1 114 ? -2.642  -0.601  1.323   1.00 7.76  ? 114 ILE A CG1 1 
ATOM   873  C  CG2 . ILE A 1 114 ? -2.470  0.271   3.686   1.00 4.02  ? 114 ILE A CG2 1 
ATOM   874  C  CD1 . ILE A 1 114 ? -1.395  0.233   0.929   1.00 1.39  ? 114 ILE A CD1 1 
ATOM   875  N  N   . LEU A 1 115 ? -5.998  0.247   4.434   1.00 7.81  ? 115 LEU A N   1 
ATOM   876  C  CA  . LEU A 1 115 ? -6.569  0.598   5.767   1.00 8.71  ? 115 LEU A CA  1 
ATOM   877  C  C   . LEU A 1 115 ? -7.367  -0.531  6.327   1.00 2.25  ? 115 LEU A C   1 
ATOM   878  O  O   . LEU A 1 115 ? -7.291  -0.876  7.505   1.00 10.40 ? 115 LEU A O   1 
ATOM   879  C  CB  . LEU A 1 115 ? -7.367  1.918   5.699   1.00 4.82  ? 115 LEU A CB  1 
ATOM   880  C  CG  . LEU A 1 115 ? -6.524  3.194   5.547   1.00 2.59  ? 115 LEU A CG  1 
ATOM   881  C  CD1 . LEU A 1 115 ? -7.429  4.401   5.520   1.00 11.77 ? 115 LEU A CD1 1 
ATOM   882  C  CD2 . LEU A 1 115 ? -5.536  3.180   6.716   1.00 13.00 ? 115 LEU A CD2 1 
ATOM   883  N  N   . LYS A 1 116 ? -8.256  -1.037  5.398   1.00 10.65 ? 116 LYS A N   1 
ATOM   884  C  CA  . LYS A 1 116 ? -9.135  -2.130  5.797   1.00 5.05  ? 116 LYS A CA  1 
ATOM   885  C  C   . LYS A 1 116 ? -8.340  -3.414  5.986   1.00 3.76  ? 116 LYS A C   1 
ATOM   886  O  O   . LYS A 1 116 ? -8.803  -4.234  6.746   1.00 2.45  ? 116 LYS A O   1 
ATOM   887  C  CB  . LYS A 1 116 ? -10.251 -2.404  4.826   1.00 5.14  ? 116 LYS A CB  1 
ATOM   888  C  CG  . LYS A 1 116 ? -11.110 -1.165  4.533   1.00 12.15 ? 116 LYS A CG  1 
ATOM   889  C  CD  . LYS A 1 116 ? -12.359 -1.626  3.773   1.00 11.63 ? 116 LYS A CD  1 
ATOM   890  C  CE  . LYS A 1 116 ? -13.212 -0.455  3.344   1.00 12.17 ? 116 LYS A CE  1 
ATOM   891  N  NZ  . LYS A 1 116 ? -14.443 -1.041  2.647   1.00 26.92 ? 116 LYS A NZ  1 
ATOM   892  N  N   . THR A 1 117 ? -7.291  -3.696  5.198   1.00 6.31  ? 117 THR A N   1 
ATOM   893  C  CA  . THR A 1 117 ? -6.492  -4.867  5.365   1.00 7.08  ? 117 THR A CA  1 
ATOM   894  C  C   . THR A 1 117 ? -5.851  -4.923  6.773   1.00 9.90  ? 117 THR A C   1 
ATOM   895  O  O   . THR A 1 117 ? -5.948  -5.946  7.463   1.00 10.08 ? 117 THR A O   1 
ATOM   896  C  CB  . THR A 1 117 ? -5.398  -4.993  4.232   1.00 5.98  ? 117 THR A CB  1 
ATOM   897  O  OG1 . THR A 1 117 ? -6.138  -5.074  2.980   1.00 8.79  ? 117 THR A OG1 1 
ATOM   898  C  CG2 . THR A 1 117 ? -4.488  -6.208  4.462   1.00 8.85  ? 117 THR A CG2 1 
ATOM   899  N  N   . ILE A 1 118 ? -5.310  -3.768  7.180   1.00 15.50 ? 118 ILE A N   1 
ATOM   900  C  CA  . ILE A 1 118 ? -4.635  -3.623  8.468   1.00 7.13  ? 118 ILE A CA  1 
ATOM   901  C  C   . ILE A 1 118 ? -5.677  -3.760  9.581   1.00 6.75  ? 118 ILE A C   1 
ATOM   902  O  O   . ILE A 1 118 ? -5.404  -4.530  10.568  1.00 9.84  ? 118 ILE A O   1 
ATOM   903  C  CB  . ILE A 1 118 ? -3.806  -2.317  8.572   1.00 7.58  ? 118 ILE A CB  1 
ATOM   904  C  CG1 . ILE A 1 118 ? -2.625  -2.282  7.541   1.00 7.57  ? 118 ILE A CG1 1 
ATOM   905  C  CG2 . ILE A 1 118 ? -3.177  -2.109  9.981   1.00 9.38  ? 118 ILE A CG2 1 
ATOM   906  C  CD1 . ILE A 1 118 ? -1.532  -3.353  8.023   1.00 6.17  ? 118 ILE A CD1 1 
ATOM   907  N  N   . LYS A 1 119 ? -6.844  -3.189  9.422   1.00 5.23  ? 119 LYS A N   1 
ATOM   908  C  CA  . LYS A 1 119 ? -7.881  -3.312  10.474  1.00 4.85  ? 119 LYS A CA  1 
ATOM   909  C  C   . LYS A 1 119 ? -8.103  -4.783  10.759  1.00 7.82  ? 119 LYS A C   1 
ATOM   910  O  O   . LYS A 1 119 ? -8.244  -5.190  11.939  1.00 12.16 ? 119 LYS A O   1 
ATOM   911  C  CB  . LYS A 1 119 ? -9.146  -2.586  10.106  1.00 4.35  ? 119 LYS A CB  1 
ATOM   912  C  CG  . LYS A 1 119 ? -10.167 -2.486  11.249  1.00 14.59 ? 119 LYS A CG  1 
ATOM   913  C  CD  . LYS A 1 119 ? -11.356 -1.652  10.950  1.00 14.12 ? 119 LYS A CD  1 
ATOM   914  C  CE  . LYS A 1 119 ? -11.231 -0.339  10.244  1.00 17.00 ? 119 LYS A CE  1 
ATOM   915  N  NZ  . LYS A 1 119 ? -10.977 -0.427  8.759   1.00 19.58 ? 119 LYS A NZ  1 
ATOM   916  N  N   . GLU A 1 120 ? -8.277  -5.602  9.741   1.00 12.07 ? 120 GLU A N   1 
ATOM   917  C  CA  . GLU A 1 120 ? -8.513  -7.041  9.971   1.00 17.10 ? 120 GLU A CA  1 
ATOM   918  C  C   . GLU A 1 120 ? -7.285  -7.776  10.419  1.00 19.56 ? 120 GLU A C   1 
ATOM   919  O  O   . GLU A 1 120 ? -7.344  -8.793  11.179  1.00 18.20 ? 120 GLU A O   1 
ATOM   920  C  CB  . GLU A 1 120 ? -9.083  -7.656  8.675   1.00 20.03 ? 120 GLU A CB  1 
ATOM   921  C  CG  . GLU A 1 120 ? -10.287 -6.826  8.117   1.00 22.46 ? 120 GLU A CG  1 
ATOM   922  C  CD  . GLU A 1 120 ? -10.942 -7.377  6.880   1.00 28.21 ? 120 GLU A CD  1 
ATOM   923  O  OE1 . GLU A 1 120 ? -10.562 -8.545  6.519   1.00 25.77 ? 120 GLU A OE1 1 
ATOM   924  O  OE2 . GLU A 1 120 ? -11.825 -6.737  6.287   1.00 28.13 ? 120 GLU A OE2 1 
ATOM   925  N  N   . VAL A 1 121 ? -6.100  -7.419  9.923   1.00 18.73 ? 121 VAL A N   1 
ATOM   926  C  CA  . VAL A 1 121 ? -4.865  -8.040  10.441  1.00 10.41 ? 121 VAL A CA  1 
ATOM   927  C  C   . VAL A 1 121 ? -4.752  -7.741  11.964  1.00 6.22  ? 121 VAL A C   1 
ATOM   928  O  O   . VAL A 1 121 ? -4.289  -8.679  12.613  1.00 4.72  ? 121 VAL A O   1 
ATOM   929  C  CB  . VAL A 1 121 ? -3.592  -7.622  9.738   1.00 10.39 ? 121 VAL A CB  1 
ATOM   930  C  CG1 . VAL A 1 121 ? -2.330  -8.197  10.362  1.00 4.47  ? 121 VAL A CG1 1 
ATOM   931  C  CG2 . VAL A 1 121 ? -3.585  -7.973  8.245   1.00 8.27  ? 121 VAL A CG2 1 
ATOM   932  N  N   . VAL A 1 122 ? -4.870  -6.539  12.459  1.00 7.82  ? 122 VAL A N   1 
ATOM   933  C  CA  . VAL A 1 122 ? -4.663  -6.311  13.902  1.00 10.98 ? 122 VAL A CA  1 
ATOM   934  C  C   . VAL A 1 122 ? -5.862  -6.731  14.761  1.00 11.39 ? 122 VAL A C   1 
ATOM   935  O  O   . VAL A 1 122 ? -5.653  -6.932  15.988  1.00 10.38 ? 122 VAL A O   1 
ATOM   936  C  CB  . VAL A 1 122 ? -4.224  -4.843  14.153  1.00 11.61 ? 122 VAL A CB  1 
ATOM   937  C  CG1 . VAL A 1 122 ? -2.871  -4.577  13.497  1.00 16.86 ? 122 VAL A CG1 1 
ATOM   938  C  CG2 . VAL A 1 122 ? -5.256  -3.846  13.735  1.00 5.23  ? 122 VAL A CG2 1 
ATOM   939  N  N   . GLY A 1 123 ? -7.023  -6.905  14.220  1.00 11.28 ? 123 GLY A N   1 
ATOM   940  C  CA  . GLY A 1 123 ? -8.188  -7.366  15.008  1.00 13.15 ? 123 GLY A CA  1 
ATOM   941  C  C   . GLY A 1 123 ? -8.372  -6.449  16.193  1.00 10.02 ? 123 GLY A C   1 
ATOM   942  O  O   . GLY A 1 123 ? -8.378  -5.221  16.014  1.00 16.47 ? 123 GLY A O   1 
ATOM   943  N  N   . ALA A 1 124 ? -8.433  -6.969  17.408  1.00 16.42 ? 124 ALA A N   1 
ATOM   944  C  CA  . ALA A 1 124 ? -8.715  -6.107  18.593  1.00 10.97 ? 124 ALA A CA  1 
ATOM   945  C  C   . ALA A 1 124 ? -7.643  -5.099  18.910  1.00 12.86 ? 124 ALA A C   1 
ATOM   946  O  O   . ALA A 1 124 ? -7.979  -4.188  19.744  1.00 6.95  ? 124 ALA A O   1 
ATOM   947  C  CB  . ALA A 1 124 ? -8.979  -6.958  19.837  1.00 13.35 ? 124 ALA A CB  1 
ATOM   948  N  N   . LYS A 1 125 ? -6.478  -5.117  18.315  1.00 13.83 ? 125 LYS A N   1 
ATOM   949  C  CA  . LYS A 1 125 ? -5.452  -4.075  18.711  1.00 13.22 ? 125 LYS A CA  1 
ATOM   950  C  C   . LYS A 1 125 ? -5.545  -2.876  17.812  1.00 8.04  ? 125 LYS A C   1 
ATOM   951  O  O   . LYS A 1 125 ? -4.913  -1.819  18.011  1.00 10.95 ? 125 LYS A O   1 
ATOM   952  C  CB  . LYS A 1 125 ? -4.076  -4.724  18.769  1.00 11.56 ? 125 LYS A CB  1 
ATOM   953  C  CG  . LYS A 1 125 ? -3.955  -5.992  19.591  1.00 17.56 ? 125 LYS A CG  1 
ATOM   954  C  CD  . LYS A 1 125 ? -2.480  -6.368  19.845  1.00 16.95 ? 125 LYS A CD  1 
ATOM   955  C  CE  . LYS A 1 125 ? -1.670  -6.446  18.541  1.00 16.41 ? 125 LYS A CE  1 
ATOM   956  N  NZ  . LYS A 1 125 ? -2.135  -7.626  17.793  1.00 16.54 ? 125 LYS A NZ  1 
ATOM   957  N  N   . TRP A 1 126 ? -6.658  -2.734  17.068  1.00 10.37 ? 126 TRP A N   1 
ATOM   958  C  CA  . TRP A 1 126 ? -6.895  -1.542  16.230  1.00 7.29  ? 126 TRP A CA  1 
ATOM   959  C  C   . TRP A 1 126 ? -7.343  -0.349  17.037  1.00 15.15 ? 126 TRP A C   1 
ATOM   960  O  O   . TRP A 1 126 ? -8.094  -0.350  18.054  1.00 10.55 ? 126 TRP A O   1 
ATOM   961  C  CB  . TRP A 1 126 ? -7.870  -1.971  15.101  1.00 8.58  ? 126 TRP A CB  1 
ATOM   962  C  CG  A TRP A 1 126 ? -7.806  -1.024  13.976  0.50 2.38  ? 126 TRP A CG  1 
ATOM   963  C  CG  B TRP A 1 126 ? -8.259  -0.874  14.133  0.50 1.39  ? 126 TRP A CG  1 
ATOM   964  C  CD1 A TRP A 1 126 ? -6.953  -1.048  12.906  0.50 2.85  ? 126 TRP A CD1 1 
ATOM   965  C  CD1 B TRP A 1 126 ? -9.409  -0.132  14.126  0.50 1.39  ? 126 TRP A CD1 1 
ATOM   966  C  CD2 A TRP A 1 126 ? -8.532  0.200   13.921  0.50 1.39  ? 126 TRP A CD2 1 
ATOM   967  C  CD2 B TRP A 1 126 ? -7.509  -0.422  12.978  0.50 1.39  ? 126 TRP A CD2 1 
ATOM   968  N  NE1 A TRP A 1 126 ? -7.255  0.040   12.089  0.50 1.39  ? 126 TRP A NE1 1 
ATOM   969  N  NE1 B TRP A 1 126 ? -9.400  0.778   13.081  0.50 1.39  ? 126 TRP A NE1 1 
ATOM   970  C  CE2 A TRP A 1 126 ? -8.163  0.826   12.719  0.50 1.39  ? 126 TRP A CE2 1 
ATOM   971  C  CE2 B TRP A 1 126 ? -8.269  0.546   12.310  0.50 1.39  ? 126 TRP A CE2 1 
ATOM   972  C  CE3 A TRP A 1 126 ? -9.541  0.733   14.742  0.50 1.39  ? 126 TRP A CE3 1 
ATOM   973  C  CE3 B TRP A 1 126 ? -6.312  -0.862  12.384  0.50 1.39  ? 126 TRP A CE3 1 
ATOM   974  C  CZ2 A TRP A 1 126 ? -8.818  1.972   12.278  0.50 1.39  ? 126 TRP A CZ2 1 
ATOM   975  C  CZ2 B TRP A 1 126 ? -7.841  1.165   11.129  0.50 1.39  ? 126 TRP A CZ2 1 
ATOM   976  C  CZ3 A TRP A 1 126 ? -10.089 1.899   14.353  0.50 1.39  ? 126 TRP A CZ3 1 
ATOM   977  C  CZ3 B TRP A 1 126 ? -5.872  -0.246  11.222  0.50 1.39  ? 126 TRP A CZ3 1 
ATOM   978  C  CH2 A TRP A 1 126 ? -9.748  2.506   13.170  0.50 1.39  ? 126 TRP A CH2 1 
ATOM   979  C  CH2 B TRP A 1 126 ? -6.639  0.737   10.550  0.50 1.39  ? 126 TRP A CH2 1 
ATOM   980  N  N   . SER A 1 127 ? -6.733  0.810   16.649  1.00 14.32 ? 127 SER A N   1 
ATOM   981  C  CA  . SER A 1 127 ? -6.937  2.087   17.284  1.00 11.12 ? 127 SER A CA  1 
ATOM   982  C  C   . SER A 1 127 ? -7.070  3.125   16.190  1.00 16.16 ? 127 SER A C   1 
ATOM   983  O  O   . SER A 1 127 ? -6.683  2.877   15.068  1.00 18.31 ? 127 SER A O   1 
ATOM   984  C  CB  . SER A 1 127 ? -5.813  2.485   18.257  1.00 2.24  ? 127 SER A CB  1 
ATOM   985  O  OG  . SER A 1 127 ? -4.526  2.557   17.684  1.00 6.10  ? 127 SER A OG  1 
ATOM   986  N  N   . GLU A 1 128 ? -7.424  4.362   16.608  1.00 19.12 ? 128 GLU A N   1 
ATOM   987  C  CA  . GLU A 1 128 ? -7.544  5.446   15.612  1.00 17.05 ? 128 GLU A CA  1 
ATOM   988  C  C   . GLU A 1 128 ? -6.195  6.026   15.311  1.00 9.62  ? 128 GLU A C   1 
ATOM   989  O  O   . GLU A 1 128 ? -5.987  6.506   14.168  1.00 14.53 ? 128 GLU A O   1 
ATOM   990  C  CB  . GLU A 1 128 ? -8.500  6.531   16.076  1.00 16.51 ? 128 GLU A CB  1 
ATOM   991  C  CG  . GLU A 1 128 ? -9.947  5.988   16.242  1.00 29.61 ? 128 GLU A CG  1 
ATOM   992  C  CD  . GLU A 1 128 ? -10.764 6.695   17.268  1.00 37.65 ? 128 GLU A CD  1 
ATOM   993  O  OE1 . GLU A 1 128 ? -10.343 7.876   17.497  1.00 43.80 ? 128 GLU A OE1 1 
ATOM   994  O  OE2 . GLU A 1 128 ? -11.670 6.180   17.938  1.00 42.89 ? 128 GLU A OE2 1 
ATOM   995  N  N   . GLU A 1 129 ? -5.245  5.765   16.163  1.00 14.58 ? 129 GLU A N   1 
ATOM   996  C  CA  . GLU A 1 129 ? -3.880  6.209   16.056  1.00 8.65  ? 129 GLU A CA  1 
ATOM   997  C  C   . GLU A 1 129 ? -3.162  5.433   14.965  1.00 7.21  ? 129 GLU A C   1 
ATOM   998  O  O   . GLU A 1 129 ? -2.274  5.935   14.270  1.00 12.43 ? 129 GLU A O   1 
ATOM   999  C  CB  . GLU A 1 129 ? -3.008  5.938   17.282  1.00 17.01 ? 129 GLU A CB  1 
ATOM   1000 C  CG  . GLU A 1 129 ? -1.582  6.519   17.168  1.00 15.01 ? 129 GLU A CG  1 
ATOM   1001 C  CD  . GLU A 1 129 ? -1.480  7.961   17.546  1.00 22.05 ? 129 GLU A CD  1 
ATOM   1002 O  OE1 . GLU A 1 129 ? -2.401  8.683   17.178  1.00 21.24 ? 129 GLU A OE1 1 
ATOM   1003 O  OE2 . GLU A 1 129 ? -0.564  8.344   18.287  1.00 28.26 ? 129 GLU A OE2 1 
ATOM   1004 N  N   . LEU A 1 130 ? -3.479  4.189   14.923  1.00 3.21  ? 130 LEU A N   1 
ATOM   1005 C  CA  . LEU A 1 130 ? -2.897  3.237   13.950  1.00 8.80  ? 130 LEU A CA  1 
ATOM   1006 C  C   . LEU A 1 130 ? -3.398  3.592   12.512  1.00 9.42  ? 130 LEU A C   1 
ATOM   1007 O  O   . LEU A 1 130 ? -2.546  3.721   11.620  1.00 7.54  ? 130 LEU A O   1 
ATOM   1008 C  CB  . LEU A 1 130 ? -3.197  1.843   14.410  1.00 4.16  ? 130 LEU A CB  1 
ATOM   1009 C  CG  . LEU A 1 130 ? -2.662  0.630   13.668  1.00 9.42  ? 130 LEU A CG  1 
ATOM   1010 C  CD1 . LEU A 1 130 ? -1.218  0.279   14.060  1.00 9.87  ? 130 LEU A CD1 1 
ATOM   1011 C  CD2 . LEU A 1 130 ? -3.540  -0.567  13.968  1.00 7.72  ? 130 LEU A CD2 1 
ATOM   1012 N  N   . ASN A 1 131 ? -4.670  3.856   12.461  1.00 8.79  ? 131 ASN A N   1 
ATOM   1013 C  CA  . ASN A 1 131 ? -5.425  4.236   11.281  1.00 12.60 ? 131 ASN A CA  1 
ATOM   1014 C  C   . ASN A 1 131 ? -4.874  5.583   10.781  1.00 7.04  ? 131 ASN A C   1 
ATOM   1015 O  O   . ASN A 1 131 ? -4.604  5.656   9.548   1.00 11.40 ? 131 ASN A O   1 
ATOM   1016 C  CB  . ASN A 1 131 ? -6.942  4.292   11.486  1.00 12.95 ? 131 ASN A CB  1 
ATOM   1017 C  CG  . ASN A 1 131 ? -7.679  4.621   10.198  1.00 15.40 ? 131 ASN A CG  1 
ATOM   1018 O  OD1 . ASN A 1 131 ? -8.246  5.710   10.000  1.00 18.65 ? 131 ASN A OD1 1 
ATOM   1019 N  ND2 . ASN A 1 131 ? -7.640  3.750   9.230   1.00 17.85 ? 131 ASN A ND2 1 
ATOM   1020 N  N   . SER A 1 132 ? -4.574  6.490   11.690  1.00 12.04 ? 132 SER A N   1 
ATOM   1021 C  CA  . SER A 1 132 ? -4.041  7.791   11.259  1.00 6.30  ? 132 SER A CA  1 
ATOM   1022 C  C   . SER A 1 132 ? -2.564  7.647   10.902  1.00 9.12  ? 132 SER A C   1 
ATOM   1023 O  O   . SER A 1 132 ? -2.078  8.255   9.872   1.00 12.88 ? 132 SER A O   1 
ATOM   1024 C  CB  . SER A 1 132 ? -4.321  8.889   12.283  1.00 8.84  ? 132 SER A CB  1 
ATOM   1025 O  OG  . SER A 1 132 ? -3.195  9.012   13.172  1.00 19.76 ? 132 SER A OG  1 
ATOM   1026 N  N   . ALA A 1 133 ? -1.795  6.802   11.527  1.00 9.79  ? 133 ALA A N   1 
ATOM   1027 C  CA  . ALA A 1 133 ? -0.339  6.740   11.102  1.00 12.85 ? 133 ALA A CA  1 
ATOM   1028 C  C   . ALA A 1 133 ? -0.188  6.239   9.686   1.00 7.81  ? 133 ALA A C   1 
ATOM   1029 O  O   . ALA A 1 133 ? 0.530   6.824   8.799   1.00 16.18 ? 133 ALA A O   1 
ATOM   1030 C  CB  . ALA A 1 133 ? 0.355   5.922   12.158  1.00 3.58  ? 133 ALA A CB  1 
ATOM   1031 N  N   . TRP A 1 134 ? -0.903  5.195   9.353   1.00 12.68 ? 134 TRP A N   1 
ATOM   1032 C  CA  . TRP A 1 134 ? -0.978  4.507   8.075   1.00 9.67  ? 134 TRP A CA  1 
ATOM   1033 C  C   . TRP A 1 134 ? -1.621  5.432   7.039   1.00 7.25  ? 134 TRP A C   1 
ATOM   1034 O  O   . TRP A 1 134 ? -1.048  5.421   5.891   1.00 11.90 ? 134 TRP A O   1 
ATOM   1035 C  CB  . TRP A 1 134 ? -1.715  3.178   8.076   1.00 6.28  ? 134 TRP A CB  1 
ATOM   1036 C  CG  . TRP A 1 134 ? -1.058  1.939   8.526   1.00 4.19  ? 134 TRP A CG  1 
ATOM   1037 C  CD1 . TRP A 1 134 ? -1.156  1.403   9.820   1.00 6.46  ? 134 TRP A CD1 1 
ATOM   1038 C  CD2 . TRP A 1 134 ? -0.133  1.100   7.833   1.00 3.15  ? 134 TRP A CD2 1 
ATOM   1039 N  NE1 . TRP A 1 134 ? -0.416  0.264   9.916   1.00 3.60  ? 134 TRP A NE1 1 
ATOM   1040 C  CE2 . TRP A 1 134 ? 0.309   0.098   8.713   1.00 6.33  ? 134 TRP A CE2 1 
ATOM   1041 C  CE3 . TRP A 1 134 ? 0.404   1.122   6.550   1.00 13.83 ? 134 TRP A CE3 1 
ATOM   1042 C  CZ2 . TRP A 1 134 ? 1.135   -0.937  8.347   1.00 8.02  ? 134 TRP A CZ2 1 
ATOM   1043 C  CZ3 . TRP A 1 134 ? 1.218   0.059   6.165   1.00 15.46 ? 134 TRP A CZ3 1 
ATOM   1044 C  CH2 . TRP A 1 134 ? 1.644   -0.910  7.064   1.00 15.87 ? 134 TRP A CH2 1 
ATOM   1045 N  N   . THR A 1 135 ? -2.620  6.177   7.401   1.00 7.80  ? 135 THR A N   1 
ATOM   1046 C  CA  . THR A 1 135 ? -3.178  7.176   6.499   1.00 7.48  ? 135 THR A CA  1 
ATOM   1047 C  C   . THR A 1 135 ? -2.104  8.161   6.029   1.00 5.47  ? 135 THR A C   1 
ATOM   1048 O  O   . THR A 1 135 ? -1.969  8.444   4.791   1.00 8.54  ? 135 THR A O   1 
ATOM   1049 C  CB  . THR A 1 135 ? -4.407  7.950   7.097   1.00 4.85  ? 135 THR A CB  1 
ATOM   1050 O  OG1 . THR A 1 135 ? -5.376  6.849   7.288   1.00 9.72  ? 135 THR A OG1 1 
ATOM   1051 C  CG2 . THR A 1 135 ? -4.999  9.052   6.214   1.00 9.15  ? 135 THR A CG2 1 
ATOM   1052 N  N   . ILE A 1 136 ? -1.354  8.648   6.948   1.00 8.30  ? 136 ILE A N   1 
ATOM   1053 C  CA  . ILE A 1 136 ? -0.323  9.654   6.763   1.00 6.18  ? 136 ILE A CA  1 
ATOM   1054 C  C   . ILE A 1 136 ? 0.796   9.079   5.966   1.00 3.59  ? 136 ILE A C   1 
ATOM   1055 O  O   . ILE A 1 136 ? 1.250   9.772   5.013   1.00 7.24  ? 136 ILE A O   1 
ATOM   1056 C  CB  . ILE A 1 136 ? 0.134   10.222  8.164   1.00 11.43 ? 136 ILE A CB  1 
ATOM   1057 C  CG1 . ILE A 1 136 ? -0.974  11.185  8.698   1.00 8.38  ? 136 ILE A CG1 1 
ATOM   1058 C  CG2 . ILE A 1 136 ? 1.514   10.912  8.151   1.00 11.22 ? 136 ILE A CG2 1 
ATOM   1059 C  CD1 . ILE A 1 136 ? -0.913  11.280  10.347  1.00 3.35  ? 136 ILE A CD1 1 
ATOM   1060 N  N   . ALA A 1 137 ? 1.220   7.896   6.308   1.00 4.07  ? 137 ALA A N   1 
ATOM   1061 C  CA  . ALA A 1 137 ? 2.329   7.227   5.602   1.00 7.22  ? 137 ALA A CA  1 
ATOM   1062 C  C   . ALA A 1 137 ? 1.923   6.996   4.147   1.00 7.75  ? 137 ALA A C   1 
ATOM   1063 O  O   . ALA A 1 137 ? 2.713   7.217   3.176   1.00 5.45  ? 137 ALA A O   1 
ATOM   1064 C  CB  . ALA A 1 137 ? 2.728   5.956   6.325   1.00 1.39  ? 137 ALA A CB  1 
ATOM   1065 N  N   . TYR A 1 138 ? 0.688   6.597   3.894   1.00 6.99  ? 138 TYR A N   1 
ATOM   1066 C  CA  . TYR A 1 138 ? 0.242   6.346   2.553   1.00 5.16  ? 138 TYR A CA  1 
ATOM   1067 C  C   . TYR A 1 138 ? 0.202   7.626   1.755   1.00 10.98 ? 138 TYR A C   1 
ATOM   1068 O  O   . TYR A 1 138 ? 0.800   7.658   0.636   1.00 8.65  ? 138 TYR A O   1 
ATOM   1069 C  CB  . TYR A 1 138 ? -1.146  5.637   2.560   1.00 9.75  ? 138 TYR A CB  1 
ATOM   1070 C  CG  . TYR A 1 138 ? -1.584  5.325   1.152   1.00 11.95 ? 138 TYR A CG  1 
ATOM   1071 C  CD1 . TYR A 1 138 ? -2.243  6.290   0.371   1.00 6.24  ? 138 TYR A CD1 1 
ATOM   1072 C  CD2 . TYR A 1 138 ? -1.320  4.065   0.563   1.00 10.37 ? 138 TYR A CD2 1 
ATOM   1073 C  CE1 . TYR A 1 138 ? -2.684  6.028   -0.891  1.00 4.33  ? 138 TYR A CE1 1 
ATOM   1074 C  CE2 . TYR A 1 138 ? -1.771  3.802   -0.714  1.00 11.62 ? 138 TYR A CE2 1 
ATOM   1075 C  CZ  . TYR A 1 138 ? -2.441  4.769   -1.450  1.00 4.17  ? 138 TYR A CZ  1 
ATOM   1076 O  OH  . TYR A 1 138 ? -2.965  4.436   -2.660  1.00 5.04  ? 138 TYR A OH  1 
ATOM   1077 N  N   . ASP A 1 139 ? -0.482  8.641   2.262   1.00 14.12 ? 139 ASP A N   1 
ATOM   1078 C  CA  . ASP A 1 139 ? -0.703  9.931   1.619   1.00 11.05 ? 139 ASP A CA  1 
ATOM   1079 C  C   . ASP A 1 139 ? 0.585   10.711  1.262   1.00 6.51  ? 139 ASP A C   1 
ATOM   1080 O  O   . ASP A 1 139 ? 0.559   11.234  0.142   1.00 1.87  ? 139 ASP A O   1 
ATOM   1081 C  CB  . ASP A 1 139 ? -1.618  10.880  2.438   1.00 7.75  ? 139 ASP A CB  1 
ATOM   1082 C  CG  . ASP A 1 139 ? -3.047  10.487  2.271   1.00 7.91  ? 139 ASP A CG  1 
ATOM   1083 O  OD1 . ASP A 1 139 ? -3.439  9.618   1.487   1.00 12.04 ? 139 ASP A OD1 1 
ATOM   1084 O  OD2 . ASP A 1 139 ? -3.847  11.091  2.989   1.00 12.79 ? 139 ASP A OD2 1 
ATOM   1085 N  N   . GLU A 1 140 ? 1.653   10.533  1.979   1.00 8.82  ? 140 GLU A N   1 
ATOM   1086 C  CA  . GLU A 1 140 ? 2.925   11.203  1.702   1.00 9.43  ? 140 GLU A CA  1 
ATOM   1087 C  C   . GLU A 1 140 ? 3.769   10.513  0.660   1.00 3.78  ? 140 GLU A C   1 
ATOM   1088 O  O   . GLU A 1 140 ? 4.398   11.240  -0.129  1.00 12.04 ? 140 GLU A O   1 
ATOM   1089 C  CB  . GLU A 1 140 ? 3.785   11.358  2.961   1.00 11.74 ? 140 GLU A CB  1 
ATOM   1090 C  CG  . GLU A 1 140 ? 3.216   12.375  3.982   1.00 13.61 ? 140 GLU A CG  1 
ATOM   1091 C  CD  . GLU A 1 140 ? 2.982   13.761  3.496   1.00 12.27 ? 140 GLU A CD  1 
ATOM   1092 O  OE1 . GLU A 1 140 ? 3.429   14.258  2.461   1.00 12.66 ? 140 GLU A OE1 1 
ATOM   1093 O  OE2 . GLU A 1 140 ? 2.140   14.335  4.217   1.00 7.99  ? 140 GLU A OE2 1 
ATOM   1094 N  N   . LEU A 1 141 ? 3.720   9.201   0.653   1.00 10.11 ? 141 LEU A N   1 
ATOM   1095 C  CA  . LEU A 1 141 ? 4.378   8.347   -0.318  1.00 7.13  ? 141 LEU A CA  1 
ATOM   1096 C  C   . LEU A 1 141 ? 3.568   8.456   -1.628  1.00 9.08  ? 141 LEU A C   1 
ATOM   1097 O  O   . LEU A 1 141 ? 4.238   8.562   -2.615  1.00 3.47  ? 141 LEU A O   1 
ATOM   1098 C  CB  . LEU A 1 141 ? 4.538   6.934   0.213   1.00 5.87  ? 141 LEU A CB  1 
ATOM   1099 C  CG  . LEU A 1 141 ? 4.965   5.865   -0.836  1.00 1.39  ? 141 LEU A CG  1 
ATOM   1100 C  CD1 . LEU A 1 141 ? 6.455   5.973   -1.166  1.00 1.39  ? 141 LEU A CD1 1 
ATOM   1101 C  CD2 . LEU A 1 141 ? 4.625   4.539   -0.271  1.00 1.39  ? 141 LEU A CD2 1 
ATOM   1102 N  N   . ALA A 1 142 ? 2.232   8.509   -1.563  1.00 11.54 ? 142 ALA A N   1 
ATOM   1103 C  CA  . ALA A 1 142 ? 1.505   8.719   -2.847  1.00 14.24 ? 142 ALA A CA  1 
ATOM   1104 C  C   . ALA A 1 142 ? 1.740   10.119  -3.375  1.00 14.29 ? 142 ALA A C   1 
ATOM   1105 O  O   . ALA A 1 142 ? 1.620   10.313  -4.597  1.00 17.33 ? 142 ALA A O   1 
ATOM   1106 C  CB  . ALA A 1 142 ? 0.013   8.444   -2.719  1.00 12.41 ? 142 ALA A CB  1 
ATOM   1107 N  N   . ILE A 1 143 ? 1.994   11.138  -2.566  1.00 17.48 ? 143 ILE A N   1 
ATOM   1108 C  CA  . ILE A 1 143 ? 2.297   12.463  -3.173  1.00 13.18 ? 143 ILE A CA  1 
ATOM   1109 C  C   . ILE A 1 143 ? 3.568   12.395  -4.004  1.00 18.30 ? 143 ILE A C   1 
ATOM   1110 O  O   . ILE A 1 143 ? 3.599   12.941  -5.151  1.00 16.77 ? 143 ILE A O   1 
ATOM   1111 C  CB  . ILE A 1 143 ? 2.287   13.579  -2.053  1.00 18.90 ? 143 ILE A CB  1 
ATOM   1112 C  CG1 . ILE A 1 143 ? 0.779   13.944  -1.804  1.00 19.64 ? 143 ILE A CG1 1 
ATOM   1113 C  CG2 . ILE A 1 143 ? 3.156   14.798  -2.343  1.00 11.05 ? 143 ILE A CG2 1 
ATOM   1114 C  CD1 . ILE A 1 143 ? 0.491   14.850  -0.576  1.00 17.62 ? 143 ILE A CD1 1 
ATOM   1115 N  N   . VAL A 1 144 ? 4.578   11.695  -3.557  1.00 13.98 ? 144 VAL A N   1 
ATOM   1116 C  CA  . VAL A 1 144 ? 5.856   11.479  -4.189  1.00 17.31 ? 144 VAL A CA  1 
ATOM   1117 C  C   . VAL A 1 144 ? 5.700   10.649  -5.462  1.00 14.54 ? 144 VAL A C   1 
ATOM   1118 O  O   . VAL A 1 144 ? 6.172   11.104  -6.510  1.00 17.70 ? 144 VAL A O   1 
ATOM   1119 C  CB  . VAL A 1 144 ? 6.852   10.824  -3.208  1.00 17.19 ? 144 VAL A CB  1 
ATOM   1120 C  CG1 . VAL A 1 144 ? 8.194   10.549  -3.781  1.00 18.17 ? 144 VAL A CG1 1 
ATOM   1121 C  CG2 . VAL A 1 144 ? 6.984   11.715  -1.963  1.00 16.44 ? 144 VAL A CG2 1 
ATOM   1122 N  N   . ILE A 1 145 ? 4.963   9.567   -5.406  1.00 15.15 ? 145 ILE A N   1 
ATOM   1123 C  CA  . ILE A 1 145 ? 4.700   8.747   -6.586  1.00 16.32 ? 145 ILE A CA  1 
ATOM   1124 C  C   . ILE A 1 145 ? 3.904   9.569   -7.590  1.00 18.60 ? 145 ILE A C   1 
ATOM   1125 O  O   . ILE A 1 145 ? 4.409   9.776   -8.718  1.00 22.02 ? 145 ILE A O   1 
ATOM   1126 C  CB  . ILE A 1 145 ? 4.034   7.384   -6.250  1.00 14.27 ? 145 ILE A CB  1 
ATOM   1127 C  CG1 . ILE A 1 145 ? 5.032   6.480   -5.485  1.00 9.65  ? 145 ILE A CG1 1 
ATOM   1128 C  CG2 . ILE A 1 145 ? 3.507   6.694   -7.529  1.00 17.22 ? 145 ILE A CG2 1 
ATOM   1129 C  CD1 . ILE A 1 145 ? 4.428   5.031   -5.330  1.00 11.49 ? 145 ILE A CD1 1 
ATOM   1130 N  N   . LYS A 1 146 ? 2.812   10.171  -7.203  1.00 18.88 ? 146 LYS A N   1 
ATOM   1131 C  CA  . LYS A 1 146 ? 2.033   11.064  -8.083  1.00 19.57 ? 146 LYS A CA  1 
ATOM   1132 C  C   . LYS A 1 146 ? 2.887   12.077  -8.809  1.00 21.49 ? 146 LYS A C   1 
ATOM   1133 O  O   . LYS A 1 146 ? 2.526   12.566  -9.910  1.00 23.38 ? 146 LYS A O   1 
ATOM   1134 C  CB  . LYS A 1 146 ? 0.923   11.760  -7.285  1.00 18.10 ? 146 LYS A CB  1 
ATOM   1135 C  CG  . LYS A 1 146 ? -0.393  10.912  -7.374  1.00 18.31 ? 146 LYS A CG  1 
ATOM   1136 C  CD  . LYS A 1 146 ? -1.055  10.815  -6.048  1.00 22.59 ? 146 LYS A CD  1 
ATOM   1137 C  CE  . LYS A 1 146 ? -1.347  12.037  -5.262  1.00 24.38 ? 146 LYS A CE  1 
ATOM   1138 N  NZ  . LYS A 1 146 ? -2.676  12.597  -5.518  1.00 26.62 ? 146 LYS A NZ  1 
ATOM   1139 N  N   . LYS A 1 147 ? 3.984   12.480  -8.238  1.00 23.96 ? 147 LYS A N   1 
ATOM   1140 C  CA  . LYS A 1 147 ? 4.926   13.448  -8.809  1.00 22.31 ? 147 LYS A CA  1 
ATOM   1141 C  C   . LYS A 1 147 ? 5.771   12.778  -9.856  1.00 27.01 ? 147 LYS A C   1 
ATOM   1142 O  O   . LYS A 1 147 ? 5.954   13.265  -10.979 1.00 30.26 ? 147 LYS A O   1 
ATOM   1143 C  CB  . LYS A 1 147 ? 5.756   13.983  -7.667  1.00 27.42 ? 147 LYS A CB  1 
ATOM   1144 C  CG  . LYS A 1 147 ? 6.675   15.144  -7.815  1.00 26.50 ? 147 LYS A CG  1 
ATOM   1145 C  CD  . LYS A 1 147 ? 7.215   15.598  -6.482  1.00 29.63 ? 147 LYS A CD  1 
ATOM   1146 C  CE  . LYS A 1 147 ? 8.076   14.548  -5.798  1.00 31.99 ? 147 LYS A CE  1 
ATOM   1147 N  NZ  . LYS A 1 147 ? 9.287   14.252  -6.598  1.00 35.94 ? 147 LYS A NZ  1 
ATOM   1148 N  N   . GLU A 1 148 ? 6.321   11.600  -9.498  1.00 23.99 ? 148 GLU A N   1 
ATOM   1149 C  CA  . GLU A 1 148 ? 7.198   10.990  -10.567 1.00 23.40 ? 148 GLU A CA  1 
ATOM   1150 C  C   . GLU A 1 148 ? 6.319   10.689  -11.736 1.00 22.60 ? 148 GLU A C   1 
ATOM   1151 O  O   . GLU A 1 148 ? 6.478   11.296  -12.807 1.00 25.88 ? 148 GLU A O   1 
ATOM   1152 C  CB  . GLU A 1 148 ? 7.967   9.865   -9.931  1.00 23.40 ? 148 GLU A CB  1 
ATOM   1153 C  CG  . GLU A 1 148 ? 8.852   10.408  -8.735  1.00 22.63 ? 148 GLU A CG  1 
ATOM   1154 C  CD  . GLU A 1 148 ? 9.657   11.596  -9.239  1.00 24.35 ? 148 GLU A CD  1 
ATOM   1155 O  OE1 . GLU A 1 148 ? 10.281  11.538  -10.285 1.00 31.14 ? 148 GLU A OE1 1 
ATOM   1156 O  OE2 . GLU A 1 148 ? 9.505   12.657  -8.623  1.00 27.46 ? 148 GLU A OE2 1 
ATOM   1157 N  N   . MET A 1 149 ? 5.179   10.054  -11.532 1.00 26.59 ? 149 MET A N   1 
ATOM   1158 C  CA  . MET A 1 149 ? 4.192   9.832   -12.586 1.00 26.52 ? 149 MET A CA  1 
ATOM   1159 C  C   . MET A 1 149 ? 4.026   10.995  -13.537 1.00 29.77 ? 149 MET A C   1 
ATOM   1160 O  O   . MET A 1 149 ? 4.068   10.810  -14.778 1.00 33.12 ? 149 MET A O   1 
ATOM   1161 C  CB  . MET A 1 149 ? 2.825   9.502   -11.950 1.00 23.19 ? 149 MET A CB  1 
ATOM   1162 C  CG  . MET A 1 149 ? 2.863   8.105   -11.381 1.00 20.62 ? 149 MET A CG  1 
ATOM   1163 S  SD  . MET A 1 149 ? 1.262   7.837   -10.613 1.00 21.94 ? 149 MET A SD  1 
ATOM   1164 C  CE  . MET A 1 149 ? 0.146   8.318   -11.977 1.00 20.34 ? 149 MET A CE  1 
ATOM   1165 N  N   . ASP A 1 150 ? 3.725   12.180  -13.048 1.00 34.17 ? 150 ASP A N   1 
ATOM   1166 C  CA  . ASP A 1 150 ? 3.456   13.310  -13.980 1.00 39.54 ? 150 ASP A CA  1 
ATOM   1167 C  C   . ASP A 1 150 ? 4.750   13.752  -14.662 1.00 42.45 ? 150 ASP A C   1 
ATOM   1168 O  O   . ASP A 1 150 ? 4.656   14.521  -15.645 1.00 43.62 ? 150 ASP A O   1 
ATOM   1169 C  CB  . ASP A 1 150 ? 2.719   14.418  -13.257 1.00 44.06 ? 150 ASP A CB  1 
ATOM   1170 C  CG  . ASP A 1 150 ? 1.443   14.051  -12.555 1.00 49.96 ? 150 ASP A CG  1 
ATOM   1171 O  OD1 . ASP A 1 150 ? 1.075   12.877  -12.322 1.00 51.89 ? 150 ASP A OD1 1 
ATOM   1172 O  OD2 . ASP A 1 150 ? 0.776   15.029  -12.075 1.00 51.40 ? 150 ASP A OD2 1 
ATOM   1173 N  N   . ASP A 1 151 ? 5.884   13.258  -14.255 1.00 46.96 ? 151 ASP A N   1 
ATOM   1174 C  CA  . ASP A 1 151 ? 7.204   13.559  -14.833 1.00 50.99 ? 151 ASP A CA  1 
ATOM   1175 C  C   . ASP A 1 151 ? 7.628   12.564  -15.917 1.00 53.15 ? 151 ASP A C   1 
ATOM   1176 O  O   . ASP A 1 151 ? 8.614   12.817  -16.665 1.00 54.42 ? 151 ASP A O   1 
ATOM   1177 C  CB  . ASP A 1 151 ? 8.222   13.677  -13.673 1.00 53.30 ? 151 ASP A CB  1 
ATOM   1178 C  CG  . ASP A 1 151 ? 7.919   14.834  -12.734 1.00 55.70 ? 151 ASP A CG  1 
ATOM   1179 O  OD1 . ASP A 1 151 ? 6.839   15.454  -12.785 1.00 56.73 ? 151 ASP A OD1 1 
ATOM   1180 O  OD2 . ASP A 1 151 ? 8.826   15.137  -11.913 1.00 56.78 ? 151 ASP A OD2 1 
ATOM   1181 N  N   . ALA A 1 152 ? 6.947   11.448  -16.029 1.00 55.16 ? 152 ALA A N   1 
ATOM   1182 C  CA  . ALA A 1 152 ? 7.122   10.365  -16.988 1.00 54.01 ? 152 ALA A CA  1 
ATOM   1183 C  C   . ALA A 1 152 ? 6.097   10.491  -18.124 1.00 55.17 ? 152 ALA A C   1 
ATOM   1184 O  O   . ALA A 1 152 ? 6.171   9.771   -19.143 1.00 57.23 ? 152 ALA A O   1 
ATOM   1185 C  CB  . ALA A 1 152 ? 6.998   8.994   -16.327 1.00 49.79 ? 152 ALA A CB  1 
ATOM   1186 N  N   . ALA A 1 153 ? 5.140   11.378  -17.913 1.00 55.74 ? 153 ALA A N   1 
ATOM   1187 C  CA  . ALA A 1 153 ? 4.076   11.678  -18.886 1.00 57.65 ? 153 ALA A CA  1 
ATOM   1188 C  C   . ALA A 1 153 ? 3.143   12.777  -18.375 1.00 58.26 ? 153 ALA A C   1 
ATOM   1189 O  O   . ALA A 1 153 ? 3.397   13.958  -18.758 1.00 57.44 ? 153 ALA A O   1 
ATOM   1190 C  CB  . ALA A 1 153 ? 3.314   10.403  -19.231 1.00 58.00 ? 153 ALA A CB  1 
HETATM 1191 C  CHA . HEM B 2 .   ? 2.960   -2.019  -9.760  1.00 15.64 ? 154 HEM A CHA 1 
HETATM 1192 C  CHB . HEM B 2 .   ? 3.741   0.147   -5.442  1.00 12.95 ? 154 HEM A CHB 1 
HETATM 1193 C  CHC . HEM B 2 .   ? -0.299  2.730   -6.017  1.00 12.57 ? 154 HEM A CHC 1 
HETATM 1194 C  CHD . HEM B 2 .   ? -1.504  -0.314  -9.611  1.00 10.94 ? 154 HEM A CHD 1 
HETATM 1195 C  C1A . HEM B 2 .   ? 3.489   -1.590  -8.559  1.00 20.18 ? 154 HEM A C1A 1 
HETATM 1196 C  C2A . HEM B 2 .   ? 4.631   -2.203  -7.947  1.00 19.18 ? 154 HEM A C2A 1 
HETATM 1197 C  C3A . HEM B 2 .   ? 4.878   -1.614  -6.774  1.00 19.99 ? 154 HEM A C3A 1 
HETATM 1198 C  C4A . HEM B 2 .   ? 3.819   -0.639  -6.585  1.00 20.34 ? 154 HEM A C4A 1 
HETATM 1199 C  CMA . HEM B 2 .   ? 5.949   -1.971  -5.694  1.00 10.86 ? 154 HEM A CMA 1 
HETATM 1200 C  CAA . HEM B 2 .   ? 5.438   -3.354  -8.594  1.00 24.65 ? 154 HEM A CAA 1 
HETATM 1201 C  CBA . HEM B 2 .   ? 6.968   -3.120  -8.466  1.00 30.66 ? 154 HEM A CBA 1 
HETATM 1202 C  CGA . HEM B 2 .   ? 7.706   -3.863  -9.569  1.00 34.72 ? 154 HEM A CGA 1 
HETATM 1203 O  O1A . HEM B 2 .   ? 8.391   -3.130  -10.305 1.00 33.63 ? 154 HEM A O1A 1 
HETATM 1204 O  O2A . HEM B 2 .   ? 7.417   -5.100  -9.593  1.00 32.40 ? 154 HEM A O2A 1 
HETATM 1205 C  C1B . HEM B 2 .   ? 2.691   0.976   -5.176  1.00 14.49 ? 154 HEM A C1B 1 
HETATM 1206 C  C2B . HEM B 2 .   ? 2.557   1.832   -4.018  1.00 14.94 ? 154 HEM A C2B 1 
HETATM 1207 C  C3B . HEM B 2 .   ? 1.425   2.520   -4.147  1.00 13.41 ? 154 HEM A C3B 1 
HETATM 1208 C  C4B . HEM B 2 .   ? 0.881   2.254   -5.457  1.00 11.80 ? 154 HEM A C4B 1 
HETATM 1209 C  CMB . HEM B 2 .   ? 3.590   1.789   -2.862  1.00 12.73 ? 154 HEM A CMB 1 
HETATM 1210 C  CAB . HEM B 2 .   ? 0.806   3.531   -3.140  1.00 14.40 ? 154 HEM A CAB 1 
HETATM 1211 C  CBB . HEM B 2 .   ? 1.603   4.356   -2.439  1.00 13.37 ? 154 HEM A CBB 1 
HETATM 1212 C  C1C . HEM B 2 .   ? -1.026  2.048   -7.012  1.00 5.92  ? 154 HEM A C1C 1 
HETATM 1213 C  C2C . HEM B 2 .   ? -2.368  2.303   -7.405  1.00 1.39  ? 154 HEM A C2C 1 
HETATM 1214 C  C3C . HEM B 2 .   ? -2.721  1.422   -8.343  1.00 8.50  ? 154 HEM A C3C 1 
HETATM 1215 C  C4C . HEM B 2 .   ? -1.562  0.618   -8.613  1.00 9.49  ? 154 HEM A C4C 1 
HETATM 1216 C  CMC . HEM B 2 .   ? -3.217  3.460   -6.887  1.00 2.55  ? 154 HEM A CMC 1 
HETATM 1217 C  CAC . HEM B 2 .   ? -4.020  1.267   -9.155  1.00 6.26  ? 154 HEM A CAC 1 
HETATM 1218 C  CBC . HEM B 2 .   ? -4.788  0.188   -9.118  1.00 10.00 ? 154 HEM A CBC 1 
HETATM 1219 C  C1D . HEM B 2 .   ? -0.390  -0.918  -10.088 1.00 17.68 ? 154 HEM A C1D 1 
HETATM 1220 C  C2D . HEM B 2 .   ? -0.302  -1.811  -11.261 1.00 18.42 ? 154 HEM A C2D 1 
HETATM 1221 C  C3D . HEM B 2 .   ? 0.927   -2.327  -11.250 1.00 18.67 ? 154 HEM A C3D 1 
HETATM 1222 C  C4D . HEM B 2 .   ? 1.653   -1.793  -10.140 1.00 16.49 ? 154 HEM A C4D 1 
HETATM 1223 C  CMD . HEM B 2 .   ? -1.507  -2.021  -12.193 1.00 18.35 ? 154 HEM A CMD 1 
HETATM 1224 C  CAD . HEM B 2 .   ? 1.518   -3.406  -12.204 1.00 18.96 ? 154 HEM A CAD 1 
HETATM 1225 C  CBD . HEM B 2 .   ? 0.474   -4.039  -13.126 1.00 26.22 ? 154 HEM A CBD 1 
HETATM 1226 C  CGD . HEM B 2 .   ? 0.415   -5.518  -13.341 1.00 29.77 ? 154 HEM A CGD 1 
HETATM 1227 O  O1D . HEM B 2 .   ? 0.944   -6.321  -12.517 1.00 32.94 ? 154 HEM A O1D 1 
HETATM 1228 O  O2D . HEM B 2 .   ? -0.276  -5.890  -14.348 1.00 28.74 ? 154 HEM A O2D 1 
HETATM 1229 N  NA  . HEM B 2 .   ? 2.976   -0.658  -7.677  1.00 19.32 ? 154 HEM A NA  1 
HETATM 1230 N  NB  . HEM B 2 .   ? 1.677   1.282   -6.087  1.00 16.13 ? 154 HEM A NB  1 
HETATM 1231 N  NC  . HEM B 2 .   ? -0.510  1.051   -7.802  1.00 10.39 ? 154 HEM A NC  1 
HETATM 1232 N  ND  . HEM B 2 .   ? 0.831   -0.873  -9.461  1.00 19.98 ? 154 HEM A ND  1 
HETATM 1233 FE FE  . HEM B 2 .   ? 1.354   0.051   -7.710  1.00 18.64 ? 154 HEM A FE  1 
HETATM 1234 C  C1  . ISQ C 3 .   ? 0.083   -1.482  -6.495  1.00 12.76 ? 500 ISQ A C1  1 
HETATM 1235 N  N2  . ISQ C 3 .   ? -0.900  -0.853  -5.784  1.00 20.99 ? 500 ISQ A N2  1 
HETATM 1236 C  C3  . ISQ C 3 .   ? -1.851  -1.523  -5.077  1.00 20.73 ? 500 ISQ A C3  1 
HETATM 1237 C  C4  . ISQ C 3 .   ? -1.845  -2.912  -5.083  1.00 26.28 ? 500 ISQ A C4  1 
HETATM 1238 C  C4A . ISQ C 3 .   ? -0.825  -3.572  -5.749  1.00 23.72 ? 500 ISQ A C4A 1 
HETATM 1239 C  C5  . ISQ C 3 .   ? -0.699  -4.950  -5.664  1.00 27.46 ? 500 ISQ A C5  1 
HETATM 1240 C  C6  . ISQ C 3 .   ? 0.268   -5.651  -6.394  1.00 23.21 ? 500 ISQ A C6  1 
HETATM 1241 C  C7  . ISQ C 3 .   ? 1.123   -4.924  -7.199  1.00 19.54 ? 500 ISQ A C7  1 
HETATM 1242 C  C8  . ISQ C 3 .   ? 1.003   -3.582  -7.275  1.00 17.90 ? 500 ISQ A C8  1 
HETATM 1243 C  C8A . ISQ C 3 .   ? 0.081   -2.860  -6.520  1.00 22.95 ? 500 ISQ A C8A 1 
HETATM 1244 O  O   . HOH D 4 .   ? -2.110  -15.226 -4.516  1.00 14.66 ? 155 HOH A O   1 
HETATM 1245 O  O   . HOH D 4 .   ? 5.407   13.654  0.578   1.00 10.96 ? 156 HOH A O   1 
HETATM 1246 O  O   . HOH D 4 .   ? -9.633  -1.688  19.248  1.00 21.13 ? 157 HOH A O   1 
HETATM 1247 O  O   . HOH D 4 .   ? 16.834  13.962  11.120  1.00 14.62 ? 158 HOH A O   1 
HETATM 1248 O  O   . HOH D 4 .   ? 12.681  17.328  7.551   1.00 18.56 ? 159 HOH A O   1 
HETATM 1249 O  O   . HOH D 4 .   ? 12.422  16.337  0.056   1.00 12.52 ? 160 HOH A O   1 
HETATM 1250 O  O   . HOH D 4 .   ? 9.741   15.677  0.326   1.00 26.31 ? 161 HOH A O   1 
HETATM 1251 O  O   . HOH D 4 .   ? 4.190   17.448  -0.263  1.00 18.10 ? 162 HOH A O   1 
HETATM 1252 O  O   . HOH D 4 .   ? -7.692  7.583   6.883   1.00 17.86 ? 163 HOH A O   1 
HETATM 1253 O  O   . HOH D 4 .   ? 7.502   17.026  8.334   1.00 16.80 ? 164 HOH A O   1 
HETATM 1254 O  O   . HOH D 4 .   ? -7.809  10.254  0.342   1.00 46.69 ? 165 HOH A O   1 
HETATM 1255 O  O   . HOH D 4 .   ? 7.884   -8.702  -1.124  1.00 33.66 ? 166 HOH A O   1 
HETATM 1256 O  O   . HOH D 4 .   ? -1.503  -19.278 4.772   1.00 33.59 ? 167 HOH A O   1 
HETATM 1257 O  O   . HOH D 4 .   ? -3.228  10.947  -13.893 1.00 37.18 ? 169 HOH A O   1 
HETATM 1258 O  O   . HOH D 4 .   ? 3.910   -4.729  -6.845  1.00 38.08 ? 170 HOH A O   1 
HETATM 1259 O  O   . HOH D 4 .   ? 6.301   -1.584  17.756  1.00 21.44 ? 172 HOH A O   1 
HETATM 1260 O  O   . HOH D 4 .   ? 13.499  14.154  -2.158  1.00 16.16 ? 173 HOH A O   1 
HETATM 1261 O  O   . HOH D 4 .   ? 11.652  5.141   -1.186  1.00 58.36 ? 174 HOH A O   1 
HETATM 1262 O  O   . HOH D 4 .   ? 9.613   4.747   0.801   1.00 27.55 ? 175 HOH A O   1 
HETATM 1263 O  O   . HOH D 4 .   ? 4.548   -14.875 5.112   1.00 27.98 ? 176 HOH A O   1 
HETATM 1264 O  O   . HOH D 4 .   ? 3.892   -9.037  15.846  1.00 42.09 ? 177 HOH A O   1 
HETATM 1265 O  O   . HOH D 4 .   ? 2.058   -1.844  20.704  1.00 27.90 ? 178 HOH A O   1 
HETATM 1266 O  O   . HOH D 4 .   ? 6.590   14.250  10.125  1.00 25.62 ? 179 HOH A O   1 
HETATM 1267 O  O   . HOH D 4 .   ? 7.211   14.309  2.321   1.00 30.49 ? 180 HOH A O   1 
HETATM 1268 O  O   . HOH D 4 .   ? 3.329   16.705  1.991   1.00 16.03 ? 181 HOH A O   1 
HETATM 1269 O  O   . HOH D 4 .   ? 1.824   15.097  -6.113  1.00 19.06 ? 182 HOH A O   1 
HETATM 1270 O  O   . HOH D 4 .   ? -5.296  -12.868 10.094  1.00 32.11 ? 184 HOH A O   1 
HETATM 1271 O  O   . HOH D 4 .   ? -0.301  16.577  2.453   1.00 15.45 ? 185 HOH A O   1 
HETATM 1272 O  O   . HOH D 4 .   ? -1.329  12.902  5.919   1.00 28.34 ? 187 HOH A O   1 
HETATM 1273 O  O   . HOH D 4 .   ? -9.402  -9.382  12.561  1.00 26.52 ? 188 HOH A O   1 
HETATM 1274 O  O   . HOH D 4 .   ? -0.037  18.753  -1.885  1.00 27.32 ? 189 HOH A O   1 
HETATM 1275 O  O   . HOH D 4 .   ? -10.939 -16.437 -3.867  1.00 43.23 ? 190 HOH A O   1 
HETATM 1276 O  O   . HOH D 4 .   ? -5.987  9.544   -2.541  1.00 51.22 ? 191 HOH A O   1 
HETATM 1277 O  O   . HOH D 4 .   ? -5.596  15.817  -8.357  1.00 28.20 ? 192 HOH A O   1 
HETATM 1278 O  O   . HOH D 4 .   ? -11.483 -6.147  11.734  1.00 21.04 ? 193 HOH A O   1 
HETATM 1279 O  O   . HOH D 4 .   ? -13.359 -8.066  14.541  1.00 27.29 ? 194 HOH A O   1 
HETATM 1280 O  O   . HOH D 4 .   ? -9.742  3.373   8.328   1.00 16.06 ? 195 HOH A O   1 
HETATM 1281 O  O   . HOH D 4 .   ? -8.519  8.966   -17.543 1.00 16.64 ? 197 HOH A O   1 
HETATM 1282 O  O   . HOH D 4 .   ? -13.818 -9.552  -4.116  1.00 32.23 ? 198 HOH A O   1 
HETATM 1283 O  O   . HOH D 4 .   ? -13.590 -10.571 -11.299 1.00 36.34 ? 199 HOH A O   1 
HETATM 1284 O  O   . HOH D 4 .   ? -12.150 -3.265  -24.860 1.00 28.60 ? 200 HOH A O   1 
HETATM 1285 O  O   . HOH D 4 .   ? -14.799 3.098   4.401   1.00 29.18 ? 202 HOH A O   1 
HETATM 1286 O  O   . HOH D 4 .   ? -12.077 9.848   -2.621  1.00 22.62 ? 204 HOH A O   1 
HETATM 1287 O  O   . HOH D 4 .   ? 5.525   -11.236 -0.467  1.00 35.79 ? 205 HOH A O   1 
HETATM 1288 O  O   . HOH D 4 .   ? -1.621  -14.307 -1.410  1.00 34.68 ? 206 HOH A O   1 
HETATM 1289 O  O   . HOH D 4 .   ? 31.704  -5.018  -13.079 1.00 38.37 ? 207 HOH A O   1 
HETATM 1290 O  O   . HOH D 4 .   ? 27.673  -23.417 -26.748 1.00 27.80 ? 208 HOH A O   1 
HETATM 1291 O  O   . HOH D 4 .   ? 27.120  -22.780 -24.298 1.00 22.64 ? 209 HOH A O   1 
HETATM 1292 O  O   . HOH D 4 .   ? -1.448  -12.268 11.370  1.00 19.47 ? 210 HOH A O   1 
HETATM 1293 O  O   . HOH D 4 .   ? 25.451  -7.367  13.577  1.00 44.96 ? 211 HOH A O   1 
HETATM 1294 O  O   . HOH D 4 .   ? 28.296  -0.097  -18.029 1.00 47.52 ? 215 HOH A O   1 
HETATM 1295 O  O   . HOH D 4 .   ? 2.693   4.837   -20.797 1.00 28.20 ? 216 HOH A O   1 
HETATM 1296 O  O   . HOH D 4 .   ? -4.602  -10.794 15.420  1.00 42.88 ? 217 HOH A O   1 
HETATM 1297 O  O   . HOH D 4 .   ? -5.066  -17.710 1.461   1.00 47.64 ? 218 HOH A O   1 
HETATM 1298 O  O   . HOH D 4 .   ? 22.794  -5.827  6.332   1.00 30.62 ? 222 HOH A O   1 
HETATM 1299 O  O   . HOH D 4 .   ? -7.200  -11.143 7.607   1.00 48.14 ? 225 HOH A O   1 
HETATM 1300 O  O   . HOH D 4 .   ? 17.372  -23.587 11.026  1.00 30.70 ? 226 HOH A O   1 
HETATM 1301 O  O   . HOH D 4 .   ? 17.839  -20.902 7.657   1.00 38.32 ? 228 HOH A O   1 
HETATM 1302 O  O   . HOH D 4 .   ? 13.371  -37.540 6.976   1.00 48.88 ? 229 HOH A O   1 
HETATM 1303 O  O   . HOH D 4 .   ? 0.641   15.126  -21.089 1.00 49.57 ? 230 HOH A O   1 
HETATM 1304 O  O   . HOH D 4 .   ? -10.284 -10.356 16.478  1.00 41.16 ? 232 HOH A O   1 
HETATM 1305 O  O   . HOH D 4 .   ? -9.752  -8.279  23.243  1.00 26.66 ? 234 HOH A O   1 
HETATM 1306 O  O   . HOH D 4 .   ? 14.485  -24.504 9.422   1.00 52.03 ? 235 HOH A O   1 
HETATM 1307 O  O   . HOH D 4 .   ? 14.506  -21.058 7.919   1.00 21.79 ? 236 HOH A O   1 
HETATM 1308 O  O   . HOH D 4 .   ? 18.215  -8.633  -12.033 1.00 23.72 ? 237 HOH A O   1 
HETATM 1309 O  O   . HOH D 4 .   ? 19.832  1.956   -7.001  1.00 23.54 ? 238 HOH A O   1 
HETATM 1310 O  O   . HOH D 4 .   ? 18.238  -6.284  -10.472 1.00 46.14 ? 239 HOH A O   1 
HETATM 1311 O  O   . HOH D 4 .   ? -11.876 -3.867  17.959  1.00 20.80 ? 240 HOH A O   1 
HETATM 1312 O  O   . HOH D 4 .   ? -7.353  2.923   -16.602 1.00 23.42 ? 241 HOH A O   1 
HETATM 1313 O  O   . HOH D 4 .   ? 10.094  -31.995 6.688   1.00 39.43 ? 242 HOH A O   1 
HETATM 1314 O  O   . HOH D 4 .   ? -12.163 2.492   16.398  1.00 28.77 ? 245 HOH A O   1 
HETATM 1315 O  O   . HOH D 4 .   ? -6.981  11.287  -12.276 1.00 22.99 ? 246 HOH A O   1 
HETATM 1316 O  O   . HOH D 4 .   ? 15.807  -7.078  -6.364  1.00 50.12 ? 247 HOH A O   1 
HETATM 1317 O  O   . HOH D 4 .   ? -9.014  -11.962 -19.625 1.00 48.87 ? 248 HOH A O   1 
HETATM 1318 O  O   . HOH D 4 .   ? 16.909  0.603   -7.388  1.00 41.14 ? 249 HOH A O   1 
HETATM 1319 O  O   . HOH D 4 .   ? 14.306  2.258   -1.784  1.00 36.24 ? 250 HOH A O   1 
HETATM 1320 O  O   . HOH D 4 .   ? 14.590  -16.099 -23.034 1.00 28.31 ? 251 HOH A O   1 
HETATM 1321 O  O   . HOH D 4 .   ? 12.053  -24.291 -21.041 1.00 51.44 ? 252 HOH A O   1 
HETATM 1322 O  O   . HOH D 4 .   ? 12.958  1.832   7.112   1.00 29.25 ? 255 HOH A O   1 
HETATM 1323 O  O   . HOH D 4 .   ? 14.669  -13.702 -25.578 1.00 29.28 ? 257 HOH A O   1 
HETATM 1324 O  O   . HOH D 4 .   ? 12.034  -9.647  -10.297 1.00 38.74 ? 258 HOH A O   1 
HETATM 1325 O  O   . HOH D 4 .   ? 12.350  -0.750  6.746   1.00 36.58 ? 259 HOH A O   1 
HETATM 1326 O  O   . HOH D 4 .   ? 11.888  -9.346  -13.720 1.00 31.29 ? 264 HOH A O   1 
HETATM 1327 O  O   . HOH D 4 .   ? 11.260  -0.215  -8.059  1.00 39.68 ? 265 HOH A O   1 
HETATM 1328 O  O   . HOH D 4 .   ? -13.871 2.040   -15.115 1.00 36.89 ? 269 HOH A O   1 
HETATM 1329 O  O   . HOH D 4 .   ? -12.957 -2.153  -16.703 1.00 43.38 ? 270 HOH A O   1 
HETATM 1330 O  O   . HOH D 4 .   ? 4.999   -34.517 7.576   1.00 36.44 ? 271 HOH A O   1 
HETATM 1331 O  O   . HOH D 4 .   ? 10.706  -1.279  -13.464 1.00 50.53 ? 274 HOH A O   1 
HETATM 1332 O  O   . HOH D 4 .   ? 8.130   -10.897 -8.464  1.00 22.48 ? 276 HOH A O   1 
HETATM 1333 O  O   . HOH D 4 .   ? 6.695   -10.746 10.667  1.00 43.11 ? 278 HOH A O   1 
HETATM 1334 O  O   . HOH D 4 .   ? 4.570   -16.708 10.229  1.00 33.16 ? 279 HOH A O   1 
HETATM 1335 O  O   . HOH D 4 .   ? 6.493   -5.679  17.968  1.00 47.48 ? 281 HOH A O   1 
HETATM 1336 O  O   . HOH D 4 .   ? 0.271   -28.506 13.670  1.00 31.00 ? 284 HOH A O   1 
HETATM 1337 O  O   . HOH D 4 .   ? 9.958   -2.055  -16.599 1.00 33.06 ? 285 HOH A O   1 
HETATM 1338 O  O   . HOH D 4 .   ? 12.452  8.084   -17.125 1.00 43.45 ? 286 HOH A O   1 
HETATM 1339 O  O   . HOH D 4 .   ? 2.739   -19.385 4.985   1.00 34.62 ? 287 HOH A O   1 
HETATM 1340 O  O   . HOH D 4 .   ? 0.804   -18.305 9.595   1.00 37.95 ? 292 HOH A O   1 
HETATM 1341 O  O   . HOH D 4 .   ? -3.220  -27.085 12.003  1.00 37.37 ? 295 HOH A O   1 
HETATM 1342 O  O   . HOH D 4 .   ? 9.188   12.180  -19.255 1.00 38.86 ? 296 HOH A O   1 
HETATM 1343 O  O   . HOH D 4 .   ? 26.697  -6.646  18.607  1.00 52.87 ? 297 HOH A O   1 
HETATM 1344 O  O   . HOH D 4 .   ? 14.646  -33.274 15.031  1.00 34.78 ? 298 HOH A O   1 
HETATM 1345 O  O   . HOH D 4 .   ? 16.829  -12.593 12.922  1.00 46.48 ? 299 HOH A O   1 
HETATM 1346 O  O   . HOH D 4 .   ? 23.015  0.862   -20.541 1.00 50.21 ? 300 HOH A O   1 
HETATM 1347 O  O   . HOH D 4 .   ? 17.468  -2.832  -11.480 1.00 48.88 ? 301 HOH A O   1 
HETATM 1348 O  O   . HOH D 4 .   ? 12.552  -15.096 11.173  1.00 51.06 ? 303 HOH A O   1 
HETATM 1349 O  O   . HOH D 4 .   ? 13.884  -5.826  -6.684  1.00 44.15 ? 305 HOH A O   1 
HETATM 1350 O  O   . HOH D 4 .   ? 16.245  8.203   -12.407 1.00 46.21 ? 306 HOH A O   1 
HETATM 1351 O  O   . HOH D 4 .   ? 10.126  -3.607  -12.950 1.00 47.23 ? 307 HOH A O   1 
HETATM 1352 O  O   . HOH D 4 .   ? 13.716  7.844   -13.081 1.00 40.18 ? 308 HOH A O   1 
HETATM 1353 O  O   . HOH D 4 .   ? 15.500  10.247  -18.087 1.00 21.93 ? 309 HOH A O   1 
HETATM 1354 O  O   . HOH D 4 .   ? 7.536   -17.756 -25.349 1.00 41.38 ? 310 HOH A O   1 
HETATM 1355 O  O   . HOH D 4 .   ? 12.994  13.563  -17.689 1.00 36.95 ? 311 HOH A O   1 
HETATM 1356 O  O   . HOH D 4 .   ? 9.003   -1.135  -19.395 1.00 50.42 ? 312 HOH A O   1 
HETATM 1357 O  O   . HOH D 4 .   ? 0.749   -22.333 9.180   1.00 32.09 ? 313 HOH A O   1 
HETATM 1358 O  O   . HOH D 4 .   ? 10.041  8.956   -18.978 1.00 50.67 ? 314 HOH A O   1 
HETATM 1359 O  O   . HOH D 4 .   ? 10.376  13.267  -22.188 1.00 22.13 ? 315 HOH A O   1 
HETATM 1360 O  O   . HOH D 4 .   ? 13.850  -8.566  12.875  1.00 43.53 ? 317 HOH A O   1 
HETATM 1361 O  O   . HOH D 4 .   ? 14.168  15.145  -22.381 1.00 58.55 ? 320 HOH A O   1 
HETATM 1362 O  O   . HOH D 4 .   ? -12.187 -0.115  19.706  1.00 30.02 ? 330 HOH A O   1 
HETATM 1363 O  O   . HOH D 4 .   ? -10.249 2.556   19.907  1.00 35.43 ? 331 HOH A O   1 
HETATM 1364 O  O   . HOH D 4 .   ? -8.222  -17.925 -8.684  1.00 53.51 ? 332 HOH A O   1 
HETATM 1365 O  O   . HOH D 4 .   ? -6.570  -21.321 1.769   1.00 46.30 ? 334 HOH A O   1 
HETATM 1366 O  O   . HOH D 4 .   ? -4.993  -21.986 0.067   1.00 37.47 ? 335 HOH A O   1 
HETATM 1367 O  O   . HOH D 4 .   ? 11.009  14.623  14.153  1.00 24.30 ? 340 HOH A O   1 
HETATM 1368 O  O   . HOH D 4 .   ? 12.879  4.160   6.088   1.00 22.05 ? 346 HOH A O   1 
HETATM 1369 O  O   . HOH D 4 .   ? -5.703  -22.442 -3.616  1.00 25.44 ? 347 HOH A O   1 
HETATM 1370 O  O   . HOH D 4 .   ? -8.203  8.014   12.501  1.00 38.64 ? 348 HOH A O   1 
HETATM 1371 O  O   . HOH D 4 .   ? 6.653   -1.570  -16.869 1.00 31.37 ? 349 HOH A O   1 
HETATM 1372 O  O   . HOH D 4 .   ? -9.519  11.897  -6.247  1.00 22.98 ? 350 HOH A O   1 
HETATM 1373 O  O   . HOH D 4 .   ? 15.683  3.178   2.209   1.00 53.52 ? 351 HOH A O   1 
HETATM 1374 O  O   . HOH D 4 .   ? -3.224  9.690   -0.780  1.00 20.49 ? 352 HOH A O   1 
HETATM 1375 O  O   . HOH D 4 .   ? -10.946 -3.501  15.660  1.00 44.83 ? 353 HOH A O   1 
HETATM 1376 O  O   . HOH D 4 .   ? -10.749 4.704   -3.019  1.00 46.17 ? 354 HOH A O   1 
HETATM 1377 O  O   . HOH D 4 .   ? 0.043   -4.523  -16.625 1.00 28.77 ? 356 HOH A O   1 
HETATM 1378 O  O   . HOH D 4 .   ? -14.644 -7.597  10.311  1.00 42.56 ? 358 HOH A O   1 
HETATM 1379 O  O   . HOH D 4 .   ? 12.685  -0.304  15.152  1.00 35.87 ? 360 HOH A O   1 
HETATM 1380 O  O   . HOH D 4 .   ? -7.967  -11.407 11.918  1.00 44.68 ? 361 HOH A O   1 
HETATM 1381 O  O   . HOH D 4 .   ? 16.115  8.269   16.198  1.00 40.18 ? 362 HOH A O   1 
HETATM 1382 O  O   . HOH D 4 .   ? -12.841 -13.112 -6.093  1.00 36.95 ? 366 HOH A O   1 
HETATM 1383 O  O   . HOH D 4 .   ? -15.523 1.941   1.154   1.00 39.45 ? 369 HOH A O   1 
HETATM 1384 O  O   . HOH D 4 .   ? 2.962   -18.393 -11.465 1.00 48.62 ? 371 HOH A O   1 
HETATM 1385 O  O   . HOH D 4 .   ? 3.171   -6.726  -16.090 1.00 41.63 ? 373 HOH A O   1 
HETATM 1386 O  O   . HOH D 4 .   ? -9.659  -13.708 4.527   1.00 38.85 ? 374 HOH A O   1 
HETATM 1387 O  O   . HOH D 4 .   ? 10.265  -8.971  17.484  1.00 50.58 ? 375 HOH A O   1 
HETATM 1388 O  O   . HOH D 4 .   ? 9.799   -5.183  -7.717  1.00 41.65 ? 378 HOH A O   1 
HETATM 1389 O  O   . HOH D 4 .   ? -10.476 6.139   -0.502  1.00 55.60 ? 389 HOH A O   1 
HETATM 1390 O  O   . HOH D 4 .   ? -0.975  -19.033 -13.369 1.00 41.44 ? 390 HOH A O   1 
HETATM 1391 O  O   . HOH D 4 .   ? 7.090   13.012  20.337  1.00 54.88 ? 392 HOH A O   1 
HETATM 1392 O  O   . HOH D 4 .   ? -15.684 -2.049  0.880   1.00 46.71 ? 393 HOH A O   1 
HETATM 1393 O  O   . HOH D 4 .   ? 9.750   -9.509  -6.165  1.00 35.50 ? 394 HOH A O   1 
HETATM 1394 O  O   . HOH D 4 .   ? -9.261  -23.632 -4.186  1.00 48.12 ? 395 HOH A O   1 
HETATM 1395 O  O   . HOH D 4 .   ? 5.295   10.569  21.070  1.00 38.70 ? 396 HOH A O   1 
HETATM 1396 O  O   . HOH D 4 .   ? 7.058   1.320   -17.113 1.00 38.63 ? 397 HOH A O   1 
HETATM 1397 O  O   . HOH D 4 .   ? -6.784  13.484  -9.001  1.00 36.20 ? 400 HOH A O   1 
HETATM 1398 O  O   . HOH D 4 .   ? -5.679  11.212  -4.738  1.00 31.79 ? 401 HOH A O   1 
HETATM 1399 O  O   . HOH D 4 .   ? 3.483   -5.083  -10.541 1.00 39.66 ? 404 HOH A O   1 
HETATM 1400 O  O   . HOH D 4 .   ? -18.259 -11.596 -2.881  1.00 33.51 ? 407 HOH A O   1 
HETATM 1401 O  O   . HOH D 4 .   ? -17.750 -14.558 -1.162  1.00 51.58 ? 408 HOH A O   1 
HETATM 1402 O  O   . HOH D 4 .   ? 1.921   17.811  15.628  1.00 37.18 ? 413 HOH A O   1 
HETATM 1403 O  O   . HOH D 4 .   ? -2.075  12.684  -0.819  1.00 37.53 ? 415 HOH A O   1 
HETATM 1404 O  O   . HOH D 4 .   ? -6.179  13.563  -6.014  1.00 28.50 ? 416 HOH A O   1 
HETATM 1405 O  O   . HOH D 4 .   ? 6.203   4.941   -18.807 1.00 44.26 ? 423 HOH A O   1 
HETATM 1406 O  O   . HOH D 4 .   ? 13.937  15.278  -15.383 1.00 42.72 ? 432 HOH A O   1 
HETATM 1407 O  O   . HOH D 4 .   ? 8.637   9.297   -24.039 1.00 35.51 ? 433 HOH A O   1 
# 
